data_7TYV
#
_entry.id   7TYV
#
_cell.length_a   1.00
_cell.length_b   1.00
_cell.length_c   1.00
_cell.angle_alpha   90.00
_cell.angle_beta   90.00
_cell.angle_gamma   90.00
#
_symmetry.space_group_name_H-M   'P 1'
#
loop_
_entity.id
_entity.type
_entity.pdbx_description
1 polymer 'Glycoprotein G1'
2 polymer '25.10C Fab Heavy Chain'
3 polymer '25.10C Fab Light Chain'
4 polymer 'Glycoprotein G2'
5 branched alpha-D-mannopyranose-(1-3)-[alpha-D-mannopyranose-(1-6)]beta-D-mannopyranose-(1-4)-2-acetamido-2-deoxy-beta-D-glucopyranose-(1-4)-2-acetamido-2-deoxy-beta-D-glucopyranose
6 branched 2-acetamido-2-deoxy-beta-D-glucopyranose-(1-4)-2-acetamido-2-deoxy-beta-D-glucopyranose
7 branched alpha-D-mannopyranose-(1-2)-alpha-D-mannopyranose-(1-3)-beta-D-mannopyranose-(1-4)-2-acetamido-2-deoxy-beta-D-glucopyranose-(1-4)-2-acetamido-2-deoxy-beta-D-glucopyranose
8 branched alpha-D-mannopyranose-(1-2)-alpha-D-mannopyranose-(1-2)-alpha-D-mannopyranose-(1-3)-beta-D-mannopyranose-(1-4)-2-acetamido-2-deoxy-beta-D-glucopyranose-(1-4)-2-acetamido-2-deoxy-beta-D-glucopyranose
9 branched beta-D-mannopyranose-(1-4)-2-acetamido-2-deoxy-beta-D-glucopyranose-(1-4)-2-acetamido-2-deoxy-beta-D-glucopyranose
10 non-polymer 2-acetamido-2-deoxy-beta-D-glucopyranose
#
loop_
_entity_poly.entity_id
_entity_poly.type
_entity_poly.pdbx_seq_one_letter_code
_entity_poly.pdbx_strand_id
1 'polypeptide(L)'
;MGQIVTFFQEVPHVIEEVMNIVLIALSVLAVLKGLYNFATCGLVGLVTFLLLCGRSCTTSLYKGVYELQTLELNMETLNM
TMPLSCTKNNSHHYIMVGNETGLELTLTNTSIINHKFCNLSDAHKKNLYDHALMSIISTFHLSIPNFNQYEAMSCDFNGG
KISVQYNLSHSYAGDAANHCGTVANGVLQTFMRMAWGGSYIALDSGCGNWDCIMTSYQYLIIQNTTWEDHCQFSRPSPIG
YLGLLSQRTRDIYISRRRR
;
A,B,C
2 'polypeptide(L)'
;QVQLQESGGGLVKPGGSLRLSCTASGFNFNKYNMNWVRQAPGKGLEWVSSISALSTYIYYADSLKGRFTVSRDNAKNSLF
LQMNSLRDDDTAVYYCAREIRRASTWSADLWGRGTLVTVSSASTKGPSVFPLAPSSKSTSGGTAALGCLVKDYFPEPVTV
SWNSGALTSGVHTFPAVLQSSGLYSLSSVVTVPSSSLGTQTYICNVNHKPSNTKVDKRVEPKSCDK
;
D,G,H
3 'polypeptide(L)'
;METDTLLLWVLLLWVPGSTGDDIQMTQSPSSLSASVGDRVIITCRASQSISSSLNWYQQKPGKAPKLLIYAAVNLETGVP
SRFSGSGFGTDFTLAISNVQPEDFATYYCQQSDTRTFGRGTKLDVKRTVAAPSVFIFPPSDEQLKSGTASVVCLLNNFYP
REAKVQWKVDNALQSGNSQESVTEQDSKDSTYSLSSTLTLSKADYEKHKVYACEVTHQGLSSPVTKSFNRGEC
;
E,L,K
4 'polypeptide(L)'
;GTFTWTLSDSEGKDTPGGYCLTRWMLIEAELKCFGNTAVAKCNEKHDEEFCDMLRLFDFNKQAIQRLKAPAQTSIQLINK
AVNALINDQLIMKNHLRDIMCIPYCNYSKYWYLNHTTTGRTSLPKCWLVSNGSYLNETHFSDDIEQQADNMITEMLQKEY
MERQ
;
a,b,c
#
loop_
_chem_comp.id
_chem_comp.type
_chem_comp.name
_chem_comp.formula
BMA D-saccharide, beta linking beta-D-mannopyranose 'C6 H12 O6'
MAN D-saccharide, alpha linking alpha-D-mannopyranose 'C6 H12 O6'
NAG D-saccharide, beta linking 2-acetamido-2-deoxy-beta-D-glucopyranose 'C8 H15 N O6'
#
# COMPACT_ATOMS: atom_id res chain seq x y z
N SER A 60 5.59 -38.88 -17.38
CA SER A 60 6.57 -37.89 -17.85
C SER A 60 7.24 -37.20 -16.68
N LEU A 61 8.54 -37.39 -16.54
CA LEU A 61 9.33 -36.79 -15.47
C LEU A 61 10.35 -35.82 -16.06
N TYR A 62 10.54 -34.70 -15.38
CA TYR A 62 11.37 -33.61 -15.87
C TYR A 62 12.78 -33.73 -15.29
N LYS A 63 13.78 -33.63 -16.17
CA LYS A 63 15.19 -33.71 -15.82
C LYS A 63 15.59 -35.05 -15.23
N GLY A 64 14.72 -36.05 -15.30
CA GLY A 64 15.04 -37.39 -14.85
C GLY A 64 15.00 -37.61 -13.36
N VAL A 65 14.69 -36.58 -12.56
CA VAL A 65 14.66 -36.72 -11.11
C VAL A 65 13.39 -36.10 -10.53
N TYR A 66 12.70 -35.30 -11.33
CA TYR A 66 11.56 -34.53 -10.84
C TYR A 66 10.27 -35.00 -11.50
N GLU A 67 9.20 -35.08 -10.73
CA GLU A 67 7.89 -35.46 -11.21
C GLU A 67 6.91 -34.32 -10.96
N LEU A 68 6.22 -33.89 -12.01
CA LEU A 68 5.20 -32.87 -11.85
C LEU A 68 3.97 -33.45 -11.14
N GLN A 69 3.47 -32.72 -10.14
CA GLN A 69 2.30 -33.11 -9.40
C GLN A 69 1.35 -31.91 -9.31
N THR A 70 0.19 -32.14 -8.71
CA THR A 70 -0.83 -31.11 -8.64
C THR A 70 -1.61 -31.22 -7.33
N LEU A 71 -2.28 -30.13 -6.98
CA LEU A 71 -3.19 -30.12 -5.84
C LEU A 71 -4.25 -29.05 -6.07
N GLU A 72 -5.37 -29.20 -5.37
CA GLU A 72 -6.47 -28.26 -5.44
C GLU A 72 -6.94 -27.94 -4.02
N LEU A 73 -7.35 -26.69 -3.83
CA LEU A 73 -7.67 -26.17 -2.50
C LEU A 73 -9.17 -26.07 -2.30
N ASN A 74 -9.64 -26.51 -1.14
CA ASN A 74 -11.03 -26.41 -0.75
C ASN A 74 -11.21 -25.21 0.16
N MET A 75 -12.13 -24.31 -0.22
CA MET A 75 -12.31 -23.05 0.48
C MET A 75 -13.63 -22.96 1.24
N GLU A 76 -14.34 -24.08 1.41
CA GLU A 76 -15.50 -24.08 2.27
C GLU A 76 -15.16 -24.16 3.75
N THR A 77 -13.90 -24.43 4.09
CA THR A 77 -13.45 -24.38 5.47
C THR A 77 -13.41 -22.97 6.01
N LEU A 78 -13.58 -21.97 5.15
CA LEU A 78 -13.54 -20.56 5.51
C LEU A 78 -14.92 -19.97 5.69
N ASN A 79 -15.94 -20.81 5.84
CA ASN A 79 -17.33 -20.35 5.82
C ASN A 79 -17.62 -19.42 6.99
N MET A 80 -17.06 -19.71 8.17
CA MET A 80 -17.36 -18.91 9.35
C MET A 80 -16.73 -17.52 9.29
N THR A 81 -15.52 -17.42 8.75
CA THR A 81 -14.75 -16.18 8.80
C THR A 81 -15.08 -15.24 7.63
N MET A 82 -15.08 -15.76 6.41
CA MET A 82 -15.08 -14.91 5.23
C MET A 82 -16.21 -15.29 4.26
N PRO A 83 -16.81 -14.30 3.61
CA PRO A 83 -17.84 -14.61 2.61
C PRO A 83 -17.27 -15.36 1.42
N LEU A 84 -18.10 -16.24 0.86
CA LEU A 84 -17.74 -17.02 -0.31
C LEU A 84 -18.77 -16.78 -1.40
N SER A 85 -18.29 -16.63 -2.63
CA SER A 85 -19.15 -16.34 -3.77
C SER A 85 -18.89 -17.35 -4.88
N CYS A 86 -19.95 -17.67 -5.62
CA CYS A 86 -19.87 -18.62 -6.71
C CYS A 86 -20.98 -18.32 -7.71
N THR A 87 -20.75 -18.69 -8.96
CA THR A 87 -21.66 -18.38 -10.06
C THR A 87 -22.44 -19.64 -10.45
N LYS A 88 -23.76 -19.56 -10.38
CA LYS A 88 -24.59 -20.66 -10.86
C LYS A 88 -24.57 -20.73 -12.38
N ASN A 89 -25.05 -19.67 -13.04
CA ASN A 89 -24.90 -19.50 -14.48
C ASN A 89 -24.70 -18.02 -14.76
N ASN A 90 -24.55 -17.69 -16.04
CA ASN A 90 -24.18 -16.32 -16.43
C ASN A 90 -25.18 -15.30 -15.92
N SER A 91 -26.44 -15.69 -15.74
CA SER A 91 -27.47 -14.76 -15.31
C SER A 91 -27.63 -14.67 -13.79
N HIS A 92 -26.98 -15.54 -13.03
CA HIS A 92 -27.20 -15.59 -11.58
C HIS A 92 -25.86 -15.65 -10.84
N HIS A 93 -25.77 -14.88 -9.76
CA HIS A 93 -24.58 -14.89 -8.92
C HIS A 93 -25.01 -14.98 -7.46
N TYR A 94 -24.17 -15.61 -6.65
CA TYR A 94 -24.54 -15.90 -5.27
C TYR A 94 -23.37 -15.61 -4.34
N ILE A 95 -23.63 -14.87 -3.27
CA ILE A 95 -22.66 -14.68 -2.20
C ILE A 95 -23.28 -15.23 -0.91
N MET A 96 -22.47 -15.90 -0.10
CA MET A 96 -22.96 -16.59 1.08
C MET A 96 -22.20 -16.16 2.32
N VAL A 97 -22.93 -15.82 3.38
CA VAL A 97 -22.34 -15.39 4.64
C VAL A 97 -22.70 -16.44 5.69
N GLY A 98 -21.79 -17.36 5.95
CA GLY A 98 -22.06 -18.40 6.92
C GLY A 98 -22.68 -19.63 6.30
N ASN A 99 -23.62 -20.26 7.01
CA ASN A 99 -24.28 -21.46 6.52
C ASN A 99 -25.80 -21.34 6.53
N GLU A 100 -26.33 -20.12 6.64
CA GLU A 100 -27.77 -19.95 6.67
C GLU A 100 -28.30 -18.79 5.84
N THR A 101 -27.46 -17.86 5.38
CA THR A 101 -27.97 -16.68 4.71
C THR A 101 -27.00 -16.23 3.62
N GLY A 102 -27.55 -15.60 2.58
CA GLY A 102 -26.72 -15.05 1.54
C GLY A 102 -27.52 -14.09 0.68
N LEU A 103 -26.85 -13.54 -0.31
CA LEU A 103 -27.45 -12.63 -1.27
C LEU A 103 -27.36 -13.22 -2.67
N GLU A 104 -28.39 -12.90 -3.47
CA GLU A 104 -28.49 -13.29 -4.86
C GLU A 104 -28.44 -12.04 -5.74
N LEU A 105 -27.71 -12.15 -6.84
CA LEU A 105 -27.47 -11.08 -7.80
C LEU A 105 -28.02 -11.57 -9.14
N THR A 106 -29.09 -10.91 -9.61
CA THR A 106 -29.86 -11.39 -10.75
C THR A 106 -29.81 -10.38 -11.88
N LEU A 107 -29.53 -10.84 -13.09
CA LEU A 107 -29.59 -10.03 -14.31
C LEU A 107 -30.90 -10.39 -15.00
N THR A 108 -31.90 -9.51 -14.88
CA THR A 108 -33.24 -9.83 -15.32
C THR A 108 -33.80 -8.79 -16.27
N ASN A 109 -34.87 -9.17 -16.98
CA ASN A 109 -35.67 -8.28 -17.80
C ASN A 109 -37.02 -7.92 -17.18
N THR A 110 -37.25 -8.26 -15.92
CA THR A 110 -38.54 -7.99 -15.31
C THR A 110 -38.37 -7.09 -14.10
N SER A 111 -39.40 -6.29 -13.83
CA SER A 111 -39.42 -5.42 -12.67
C SER A 111 -40.13 -6.09 -11.51
N ILE A 112 -39.69 -5.76 -10.30
CA ILE A 112 -40.37 -6.20 -9.08
C ILE A 112 -40.82 -5.04 -8.21
N ILE A 113 -40.18 -3.88 -8.28
CA ILE A 113 -40.60 -2.68 -7.56
C ILE A 113 -40.57 -1.51 -8.52
N ASN A 114 -41.55 -0.61 -8.37
CA ASN A 114 -41.69 0.55 -9.25
C ASN A 114 -41.76 1.80 -8.39
N HIS A 115 -40.59 2.34 -8.05
CA HIS A 115 -40.44 3.58 -7.29
C HIS A 115 -38.96 3.95 -7.28
N LYS A 116 -38.69 5.25 -7.23
CA LYS A 116 -37.32 5.74 -7.27
C LYS A 116 -36.75 6.04 -5.88
N PHE A 117 -37.51 5.75 -4.82
CA PHE A 117 -37.05 6.04 -3.48
C PHE A 117 -35.94 5.07 -3.05
N CYS A 118 -35.06 5.55 -2.19
CA CYS A 118 -34.10 4.69 -1.49
C CYS A 118 -33.85 5.32 -0.12
N ASN A 119 -34.60 4.86 0.87
CA ASN A 119 -34.51 5.37 2.23
C ASN A 119 -33.54 4.53 3.06
N LEU A 120 -32.28 4.52 2.61
CA LEU A 120 -31.26 3.72 3.27
C LEU A 120 -31.04 4.17 4.71
N SER A 121 -31.05 5.49 4.93
CA SER A 121 -30.89 6.00 6.30
C SER A 121 -32.02 5.56 7.20
N ASP A 122 -33.25 5.57 6.68
CA ASP A 122 -34.39 5.11 7.48
C ASP A 122 -34.24 3.64 7.84
N ALA A 123 -33.81 2.82 6.88
CA ALA A 123 -33.62 1.39 7.14
C ALA A 123 -32.53 1.16 8.18
N HIS A 124 -31.44 1.91 8.09
CA HIS A 124 -30.39 1.81 9.11
C HIS A 124 -30.91 2.22 10.48
N LYS A 125 -31.71 3.30 10.52
CA LYS A 125 -32.23 3.79 11.80
C LYS A 125 -33.18 2.78 12.43
N LYS A 126 -34.00 2.10 11.63
CA LYS A 126 -34.95 1.14 12.16
C LYS A 126 -34.23 -0.02 12.85
N ASN A 127 -32.99 -0.29 12.46
CA ASN A 127 -32.14 -1.29 13.12
C ASN A 127 -32.79 -2.66 13.14
N LEU A 128 -33.45 -3.03 12.04
CA LEU A 128 -34.06 -4.36 11.88
C LEU A 128 -33.58 -4.91 10.54
N TYR A 129 -32.42 -5.55 10.54
CA TYR A 129 -31.81 -6.10 9.34
C TYR A 129 -30.69 -7.03 9.77
N ASP A 130 -29.91 -7.50 8.81
CA ASP A 130 -28.73 -8.32 9.05
C ASP A 130 -27.49 -7.47 8.85
N HIS A 131 -26.55 -7.56 9.78
CA HIS A 131 -25.38 -6.68 9.74
C HIS A 131 -24.49 -6.98 8.54
N ALA A 132 -24.17 -8.26 8.32
CA ALA A 132 -23.25 -8.62 7.25
C ALA A 132 -23.86 -8.33 5.88
N LEU A 133 -25.16 -8.61 5.72
CA LEU A 133 -25.82 -8.36 4.45
C LEU A 133 -25.80 -6.88 4.10
N MET A 134 -26.12 -6.02 5.07
CA MET A 134 -26.07 -4.58 4.84
C MET A 134 -24.64 -4.10 4.60
N SER A 135 -23.66 -4.70 5.28
CA SER A 135 -22.28 -4.33 5.03
C SER A 135 -21.86 -4.63 3.59
N ILE A 136 -22.26 -5.80 3.08
CA ILE A 136 -21.92 -6.13 1.69
C ILE A 136 -22.67 -5.24 0.72
N ILE A 137 -23.94 -4.92 1.02
CA ILE A 137 -24.68 -4.00 0.17
C ILE A 137 -24.00 -2.64 0.12
N SER A 138 -23.57 -2.14 1.29
CA SER A 138 -22.93 -0.84 1.36
C SER A 138 -21.59 -0.83 0.62
N THR A 139 -20.79 -1.88 0.77
CA THR A 139 -19.52 -1.90 0.07
C THR A 139 -19.71 -2.02 -1.44
N PHE A 140 -20.74 -2.75 -1.88
CA PHE A 140 -21.04 -2.80 -3.31
C PHE A 140 -21.48 -1.44 -3.82
N HIS A 141 -22.31 -0.74 -3.05
CA HIS A 141 -22.77 0.59 -3.45
C HIS A 141 -21.63 1.59 -3.53
N LEU A 142 -20.72 1.56 -2.55
CA LEU A 142 -19.63 2.52 -2.52
C LEU A 142 -18.54 2.18 -3.52
N SER A 143 -18.36 0.91 -3.86
CA SER A 143 -17.30 0.55 -4.80
C SER A 143 -17.55 1.09 -6.21
N ILE A 144 -18.78 1.46 -6.53
CA ILE A 144 -19.08 1.98 -7.86
C ILE A 144 -18.74 3.46 -7.93
N MET A 153 -31.01 3.55 -9.02
CA MET A 153 -31.03 2.82 -7.76
C MET A 153 -32.36 2.98 -7.03
N SER A 154 -33.07 1.88 -6.87
CA SER A 154 -34.30 1.84 -6.08
C SER A 154 -34.12 0.84 -4.94
N CYS A 155 -34.78 1.11 -3.82
CA CYS A 155 -34.54 0.36 -2.60
C CYS A 155 -35.86 -0.02 -1.95
N ASP A 156 -35.84 -1.13 -1.22
CA ASP A 156 -36.96 -1.49 -0.36
C ASP A 156 -36.45 -2.42 0.72
N PHE A 157 -36.58 -1.99 1.98
CA PHE A 157 -36.09 -2.73 3.13
C PHE A 157 -37.16 -2.83 4.20
N ASN A 158 -38.43 -2.74 3.83
CA ASN A 158 -39.50 -2.85 4.82
C ASN A 158 -39.64 -4.28 5.30
N GLY A 159 -40.00 -4.43 6.57
CA GLY A 159 -40.18 -5.75 7.15
C GLY A 159 -38.92 -6.57 7.30
N GLY A 160 -37.76 -5.93 7.35
CA GLY A 160 -36.50 -6.64 7.42
C GLY A 160 -36.00 -7.16 6.09
N LYS A 161 -36.76 -6.98 5.02
CA LYS A 161 -36.38 -7.47 3.71
C LYS A 161 -35.18 -6.72 3.16
N ILE A 162 -34.59 -7.25 2.10
CA ILE A 162 -33.50 -6.60 1.41
C ILE A 162 -33.73 -6.70 -0.09
N SER A 163 -34.24 -5.65 -0.71
CA SER A 163 -34.41 -5.62 -2.16
C SER A 163 -33.78 -4.36 -2.72
N VAL A 164 -32.87 -4.52 -3.67
CA VAL A 164 -32.17 -3.41 -4.32
C VAL A 164 -32.30 -3.60 -5.82
N GLN A 165 -32.61 -2.51 -6.53
CA GLN A 165 -32.81 -2.58 -7.98
C GLN A 165 -31.94 -1.55 -8.67
N TYR A 166 -31.22 -1.98 -9.71
CA TYR A 166 -30.47 -1.10 -10.59
C TYR A 166 -31.13 -1.16 -11.97
N ASN A 167 -31.52 0.01 -12.48
CA ASN A 167 -32.28 0.10 -13.72
C ASN A 167 -31.43 -0.13 -14.96
N LEU A 168 -30.10 -0.19 -14.84
CA LEU A 168 -29.25 -0.44 -15.98
C LEU A 168 -28.04 -1.29 -15.59
N VAL A 183 -23.49 5.02 -14.87
CA VAL A 183 -24.09 4.18 -13.84
C VAL A 183 -24.06 2.72 -14.26
N ALA A 184 -24.54 2.44 -15.47
CA ALA A 184 -24.54 1.07 -15.97
C ALA A 184 -23.11 0.54 -16.13
N ASN A 185 -22.20 1.37 -16.66
CA ASN A 185 -20.84 0.91 -16.90
C ASN A 185 -20.14 0.54 -15.60
N GLY A 186 -20.27 1.38 -14.56
CA GLY A 186 -19.63 1.07 -13.30
C GLY A 186 -20.22 -0.15 -12.61
N VAL A 187 -21.55 -0.27 -12.63
CA VAL A 187 -22.20 -1.43 -12.03
C VAL A 187 -21.76 -2.70 -12.72
N LEU A 188 -21.72 -2.69 -14.05
CA LEU A 188 -21.29 -3.87 -14.79
C LEU A 188 -19.82 -4.17 -14.54
N GLN A 189 -18.98 -3.13 -14.44
CA GLN A 189 -17.57 -3.35 -14.19
C GLN A 189 -17.33 -3.98 -12.81
N THR A 190 -18.03 -3.50 -11.79
CA THR A 190 -17.85 -4.09 -10.46
C THR A 190 -18.49 -5.47 -10.38
N PHE A 191 -19.56 -5.72 -11.14
CA PHE A 191 -20.12 -7.07 -11.21
C PHE A 191 -19.13 -8.03 -11.83
N MET A 192 -18.45 -7.62 -12.90
CA MET A 192 -17.44 -8.45 -13.52
C MET A 192 -16.25 -8.66 -12.59
N ARG A 193 -15.86 -7.62 -11.86
CA ARG A 193 -14.76 -7.75 -10.91
C ARG A 193 -15.10 -8.74 -9.81
N MET A 194 -16.33 -8.65 -9.26
CA MET A 194 -16.75 -9.60 -8.25
C MET A 194 -16.89 -11.00 -8.83
N ALA A 195 -17.60 -11.13 -9.94
CA ALA A 195 -17.81 -12.42 -10.59
C ALA A 195 -16.69 -12.73 -11.59
N TRP A 196 -15.46 -12.66 -11.11
CA TRP A 196 -14.30 -12.88 -11.97
C TRP A 196 -13.74 -14.28 -11.78
N THR A 215 -24.34 -6.22 -22.77
CA THR A 215 -25.30 -7.11 -22.11
C THR A 215 -26.72 -6.71 -22.47
N SER A 216 -27.49 -7.66 -23.00
CA SER A 216 -28.86 -7.40 -23.40
C SER A 216 -29.79 -7.25 -22.20
N TYR A 217 -29.38 -7.74 -21.03
CA TYR A 217 -30.21 -7.69 -19.85
C TYR A 217 -30.41 -6.25 -19.39
N GLN A 218 -31.61 -5.96 -18.88
CA GLN A 218 -31.98 -4.60 -18.51
C GLN A 218 -31.61 -4.26 -17.07
N TYR A 219 -32.14 -5.02 -16.11
CA TYR A 219 -32.08 -4.66 -14.71
C TYR A 219 -31.18 -5.63 -13.95
N LEU A 220 -30.64 -5.14 -12.83
CA LEU A 220 -29.87 -5.97 -11.90
C LEU A 220 -30.51 -5.86 -10.52
N ILE A 221 -30.93 -7.00 -9.97
CA ILE A 221 -31.63 -7.04 -8.70
C ILE A 221 -30.77 -7.76 -7.66
N ILE A 222 -30.78 -7.24 -6.44
CA ILE A 222 -30.06 -7.84 -5.32
C ILE A 222 -31.07 -8.18 -4.25
N GLN A 223 -31.09 -9.45 -3.84
CA GLN A 223 -32.08 -9.93 -2.88
C GLN A 223 -31.43 -10.90 -1.89
N ASN A 224 -32.16 -11.24 -0.85
CA ASN A 224 -31.67 -12.10 0.21
C ASN A 224 -32.30 -13.49 0.10
N THR A 225 -31.50 -14.52 0.33
CA THR A 225 -31.96 -15.91 0.28
C THR A 225 -31.29 -16.70 1.38
N THR A 226 -31.76 -17.94 1.56
CA THR A 226 -31.14 -18.90 2.46
C THR A 226 -30.05 -19.65 1.71
N TRP A 227 -29.48 -20.67 2.34
CA TRP A 227 -28.35 -21.39 1.78
C TRP A 227 -28.82 -22.65 1.05
N GLU A 228 -28.36 -22.82 -0.18
CA GLU A 228 -28.60 -24.02 -0.96
C GLU A 228 -27.35 -24.34 -1.76
N ASP A 229 -27.27 -25.57 -2.24
CA ASP A 229 -26.13 -25.99 -3.04
C ASP A 229 -26.22 -25.39 -4.44
N HIS A 230 -26.01 -24.07 -4.54
CA HIS A 230 -26.20 -23.36 -5.79
C HIS A 230 -25.02 -23.45 -6.73
N CYS A 231 -23.81 -23.67 -6.21
CA CYS A 231 -22.62 -23.62 -7.04
C CYS A 231 -22.61 -24.78 -8.01
N GLN A 232 -22.60 -24.46 -9.31
CA GLN A 232 -22.55 -25.50 -10.34
C GLN A 232 -21.44 -25.22 -11.34
N PHE A 233 -21.13 -23.94 -11.55
CA PHE A 233 -20.16 -23.50 -12.54
C PHE A 233 -18.83 -23.07 -11.94
N SER A 234 -18.85 -22.40 -10.79
CA SER A 234 -17.64 -21.94 -10.14
C SER A 234 -17.63 -22.41 -8.69
N ARG A 235 -16.46 -22.88 -8.24
CA ARG A 235 -16.31 -23.28 -6.85
C ARG A 235 -16.32 -22.06 -5.94
N PRO A 236 -16.80 -22.20 -4.71
CA PRO A 236 -16.80 -21.06 -3.79
C PRO A 236 -15.38 -20.57 -3.52
N SER A 237 -15.25 -19.24 -3.44
CA SER A 237 -13.95 -18.61 -3.24
C SER A 237 -14.18 -17.20 -2.73
N PRO A 238 -13.35 -16.70 -1.81
CA PRO A 238 -13.56 -15.37 -1.25
C PRO A 238 -12.82 -14.24 -1.96
N ILE A 239 -12.18 -14.54 -3.11
CA ILE A 239 -11.31 -13.56 -3.75
C ILE A 239 -12.09 -12.35 -4.24
N GLY A 240 -13.33 -12.55 -4.70
CA GLY A 240 -14.09 -11.42 -5.21
C GLY A 240 -14.33 -10.35 -4.18
N TYR A 241 -14.81 -10.75 -3.00
CA TYR A 241 -15.05 -9.76 -1.95
C TYR A 241 -13.76 -9.20 -1.39
N LEU A 242 -12.70 -10.00 -1.34
CA LEU A 242 -11.41 -9.49 -0.86
C LEU A 242 -10.86 -8.43 -1.80
N GLY A 243 -10.97 -8.65 -3.11
CA GLY A 243 -10.54 -7.64 -4.07
C GLY A 243 -11.41 -6.41 -4.04
N LEU A 244 -12.73 -6.59 -3.95
CA LEU A 244 -13.63 -5.45 -3.90
C LEU A 244 -13.47 -4.65 -2.62
N LEU A 245 -13.04 -5.30 -1.53
CA LEU A 245 -12.88 -4.61 -0.26
C LEU A 245 -11.75 -3.60 -0.30
N SER A 246 -10.64 -3.96 -0.92
CA SER A 246 -9.48 -3.08 -0.99
C SER A 246 -9.18 -2.68 -2.44
N SER B 60 23.21 -15.02 32.28
CA SER B 60 23.10 -16.12 31.33
C SER B 60 23.50 -15.67 29.92
N LEU B 61 24.51 -16.33 29.35
CA LEU B 61 25.01 -16.01 28.02
C LEU B 61 24.75 -17.18 27.08
N TYR B 62 24.35 -16.86 25.85
CA TYR B 62 23.88 -17.86 24.91
C TYR B 62 25.01 -18.31 23.99
N LYS B 63 25.04 -19.61 23.72
CA LYS B 63 26.00 -20.24 22.81
C LYS B 63 27.44 -20.00 23.22
N GLY B 64 27.69 -19.71 24.49
CA GLY B 64 29.03 -19.63 25.03
C GLY B 64 29.73 -18.30 24.85
N VAL B 65 29.44 -17.58 23.77
CA VAL B 65 30.19 -16.36 23.48
C VAL B 65 29.27 -15.20 23.14
N TYR B 66 27.96 -15.39 23.26
CA TYR B 66 26.99 -14.35 22.95
C TYR B 66 26.24 -13.94 24.20
N GLU B 67 26.02 -12.63 24.35
CA GLU B 67 25.33 -12.06 25.50
C GLU B 67 24.07 -11.35 25.05
N LEU B 68 23.06 -11.38 25.90
CA LEU B 68 21.78 -10.73 25.63
C LEU B 68 21.73 -9.39 26.34
N GLN B 69 21.30 -8.35 25.62
CA GLN B 69 21.22 -7.02 26.17
C GLN B 69 19.89 -6.41 25.72
N THR B 70 19.64 -5.17 26.16
CA THR B 70 18.36 -4.53 25.86
C THR B 70 18.55 -3.03 25.76
N LEU B 71 17.59 -2.36 25.13
CA LEU B 71 17.59 -0.92 25.02
C LEU B 71 16.16 -0.41 24.96
N GLU B 72 15.92 0.74 25.58
CA GLU B 72 14.63 1.40 25.59
C GLU B 72 14.75 2.76 24.92
N LEU B 73 13.76 3.11 24.12
CA LEU B 73 13.81 4.31 23.30
C LEU B 73 13.01 5.45 23.92
N ASN B 74 13.59 6.65 23.89
CA ASN B 74 12.94 7.86 24.35
C ASN B 74 12.32 8.57 23.15
N MET B 75 11.01 8.80 23.20
CA MET B 75 10.28 9.34 22.06
C MET B 75 9.78 10.75 22.32
N GLU B 76 10.31 11.42 23.33
CA GLU B 76 9.97 12.82 23.57
C GLU B 76 10.85 13.77 22.76
N THR B 77 11.94 13.29 22.18
CA THR B 77 12.74 14.06 21.24
C THR B 77 12.04 14.31 19.92
N LEU B 78 10.78 13.87 19.80
CA LEU B 78 9.98 14.04 18.60
C LEU B 78 8.86 15.06 18.81
N ASN B 79 8.97 15.87 19.87
CA ASN B 79 7.89 16.76 20.27
C ASN B 79 7.57 17.83 19.25
N MET B 80 8.44 18.04 18.26
CA MET B 80 8.21 19.06 17.25
C MET B 80 7.51 18.50 16.01
N THR B 81 8.02 17.38 15.48
CA THR B 81 7.50 16.85 14.23
C THR B 81 6.15 16.17 14.40
N MET B 82 5.98 15.38 15.46
CA MET B 82 4.84 14.49 15.56
C MET B 82 4.15 14.59 16.92
N PRO B 83 2.84 14.42 16.96
CA PRO B 83 2.14 14.38 18.25
C PRO B 83 2.49 13.14 19.05
N LEU B 84 2.39 13.27 20.37
CA LEU B 84 2.69 12.15 21.27
C LEU B 84 1.49 11.93 22.19
N SER B 85 1.12 10.67 22.40
CA SER B 85 -0.07 10.34 23.16
C SER B 85 0.27 9.40 24.30
N CYS B 86 -0.49 9.50 25.39
CA CYS B 86 -0.28 8.65 26.55
C CYS B 86 -1.54 8.61 27.40
N THR B 87 -1.63 7.56 28.22
CA THR B 87 -2.76 7.32 29.11
C THR B 87 -2.38 7.70 30.53
N LYS B 88 -3.15 8.60 31.13
CA LYS B 88 -3.00 8.87 32.56
C LYS B 88 -3.49 7.68 33.38
N ASN B 89 -4.78 7.36 33.24
CA ASN B 89 -5.34 6.12 33.75
C ASN B 89 -6.36 5.62 32.73
N ASN B 90 -7.20 4.66 33.14
CA ASN B 90 -8.14 4.06 32.19
C ASN B 90 -9.17 5.05 31.70
N SER B 91 -9.52 6.05 32.51
CA SER B 91 -10.60 6.97 32.16
C SER B 91 -10.13 8.17 31.35
N HIS B 92 -8.85 8.55 31.46
CA HIS B 92 -8.33 9.75 30.81
C HIS B 92 -7.26 9.40 29.80
N HIS B 93 -7.30 10.07 28.65
CA HIS B 93 -6.32 9.91 27.59
C HIS B 93 -5.84 11.29 27.15
N TYR B 94 -4.59 11.39 26.74
CA TYR B 94 -4.01 12.69 26.40
C TYR B 94 -3.19 12.58 25.12
N ILE B 95 -3.37 13.54 24.22
CA ILE B 95 -2.56 13.65 23.01
C ILE B 95 -2.03 15.08 22.91
N MET B 96 -0.71 15.21 22.85
CA MET B 96 -0.04 16.50 22.95
C MET B 96 0.69 16.82 21.66
N VAL B 97 0.56 18.07 21.21
CA VAL B 97 1.27 18.57 20.03
C VAL B 97 2.16 19.72 20.48
N GLY B 98 3.46 19.61 20.19
CA GLY B 98 4.39 20.60 20.65
C GLY B 98 4.65 20.47 22.15
N ASN B 99 4.96 21.60 22.78
CA ASN B 99 5.29 21.63 24.20
C ASN B 99 4.39 22.55 25.01
N GLU B 100 3.30 23.04 24.44
CA GLU B 100 2.42 23.92 25.19
C GLU B 100 0.94 23.70 24.93
N THR B 101 0.56 22.69 24.15
CA THR B 101 -0.86 22.48 23.84
C THR B 101 -1.10 21.00 23.55
N GLY B 102 -2.28 20.55 23.93
CA GLY B 102 -2.68 19.17 23.72
C GLY B 102 -4.18 19.03 23.62
N LEU B 103 -4.66 17.85 23.99
CA LEU B 103 -6.07 17.50 23.82
C LEU B 103 -6.37 16.36 24.77
N GLU B 104 -7.50 16.45 25.48
CA GLU B 104 -7.89 15.49 26.50
C GLU B 104 -9.13 14.73 26.07
N LEU B 105 -9.14 13.43 26.37
CA LEU B 105 -10.21 12.50 26.03
C LEU B 105 -10.70 11.88 27.33
N THR B 106 -11.98 12.06 27.64
CA THR B 106 -12.51 11.68 28.95
C THR B 106 -13.72 10.76 28.77
N LEU B 107 -13.70 9.64 29.49
CA LEU B 107 -14.86 8.75 29.58
C LEU B 107 -15.60 9.11 30.87
N THR B 108 -16.66 9.90 30.75
CA THR B 108 -17.31 10.48 31.91
C THR B 108 -18.78 10.05 31.99
N ASN B 109 -19.38 10.32 33.15
CA ASN B 109 -20.80 10.13 33.35
C ASN B 109 -21.59 11.44 33.43
N THR B 110 -20.93 12.59 33.34
CA THR B 110 -21.62 13.86 33.41
C THR B 110 -21.71 14.50 32.03
N SER B 111 -22.63 15.44 31.89
CA SER B 111 -22.87 16.16 30.64
C SER B 111 -22.52 17.63 30.82
N ILE B 112 -21.69 18.14 29.92
CA ILE B 112 -21.30 19.54 29.96
C ILE B 112 -22.03 20.38 28.90
N ILE B 113 -22.55 19.76 27.85
CA ILE B 113 -23.28 20.45 26.80
C ILE B 113 -24.64 19.78 26.67
N ASN B 114 -25.71 20.59 26.62
CA ASN B 114 -27.08 20.09 26.55
C ASN B 114 -27.62 20.00 25.12
N HIS B 115 -27.27 20.94 24.25
CA HIS B 115 -27.83 20.97 22.92
C HIS B 115 -27.24 19.84 22.06
N LYS B 116 -27.89 19.58 20.93
CA LYS B 116 -27.43 18.58 19.96
C LYS B 116 -26.90 19.20 18.68
N PHE B 117 -26.71 20.52 18.66
CA PHE B 117 -26.17 21.17 17.47
C PHE B 117 -24.68 20.85 17.33
N CYS B 118 -24.20 20.93 16.09
CA CYS B 118 -22.78 20.80 15.82
C CYS B 118 -22.48 21.52 14.51
N ASN B 119 -21.90 22.72 14.62
CA ASN B 119 -21.59 23.55 13.47
C ASN B 119 -20.09 23.54 13.24
N LEU B 120 -19.67 23.14 12.04
CA LEU B 120 -18.27 23.15 11.67
C LEU B 120 -17.91 24.29 10.72
N SER B 121 -18.84 24.69 9.85
CA SER B 121 -18.54 25.75 8.90
C SER B 121 -18.28 27.08 9.61
N ASP B 122 -19.06 27.38 10.65
CA ASP B 122 -18.88 28.63 11.36
C ASP B 122 -17.51 28.70 12.03
N ALA B 123 -17.08 27.59 12.65
CA ALA B 123 -15.80 27.59 13.35
C ALA B 123 -14.64 27.78 12.39
N HIS B 124 -14.66 27.08 11.25
CA HIS B 124 -13.59 27.26 10.26
C HIS B 124 -13.63 28.65 9.65
N LYS B 125 -14.83 29.19 9.42
CA LYS B 125 -14.94 30.52 8.83
C LYS B 125 -14.43 31.59 9.78
N LYS B 126 -14.64 31.41 11.09
CA LYS B 126 -14.15 32.39 12.05
C LYS B 126 -12.63 32.48 12.05
N ASN B 127 -11.96 31.38 11.70
CA ASN B 127 -10.50 31.35 11.58
C ASN B 127 -9.82 31.76 12.88
N LEU B 128 -10.39 31.34 14.00
CA LEU B 128 -9.81 31.58 15.34
C LEU B 128 -9.79 30.24 16.07
N TYR B 129 -8.75 29.46 15.86
CA TYR B 129 -8.60 28.14 16.46
C TYR B 129 -7.16 27.70 16.26
N ASP B 130 -6.87 26.45 16.64
CA ASP B 130 -5.55 25.86 16.45
C ASP B 130 -5.62 24.90 15.27
N HIS B 131 -4.64 24.99 14.37
CA HIS B 131 -4.65 24.18 13.16
C HIS B 131 -4.48 22.70 13.49
N ALA B 132 -3.48 22.37 14.32
CA ALA B 132 -3.21 20.97 14.63
C ALA B 132 -4.35 20.33 15.40
N LEU B 133 -4.94 21.07 16.35
CA LEU B 133 -6.06 20.53 17.12
C LEU B 133 -7.25 20.24 16.22
N MET B 134 -7.56 21.16 15.30
CA MET B 134 -8.65 20.93 14.36
C MET B 134 -8.36 19.75 13.46
N SER B 135 -7.10 19.61 13.03
CA SER B 135 -6.74 18.48 12.18
C SER B 135 -6.94 17.16 12.89
N ILE B 136 -6.53 17.08 14.16
CA ILE B 136 -6.71 15.85 14.92
C ILE B 136 -8.18 15.56 15.16
N ILE B 137 -8.96 16.59 15.47
CA ILE B 137 -10.39 16.40 15.66
C ILE B 137 -11.04 15.89 14.37
N SER B 138 -10.67 16.48 13.23
CA SER B 138 -11.26 16.09 11.95
C SER B 138 -10.88 14.66 11.59
N THR B 139 -9.61 14.27 11.79
CA THR B 139 -9.23 12.91 11.44
C THR B 139 -9.87 11.90 12.39
N PHE B 140 -10.08 12.26 13.65
CA PHE B 140 -10.79 11.37 14.57
C PHE B 140 -12.25 11.23 14.16
N HIS B 141 -12.89 12.32 13.76
CA HIS B 141 -14.28 12.27 13.34
C HIS B 141 -14.44 11.45 12.06
N LEU B 142 -13.52 11.62 11.11
CA LEU B 142 -13.61 10.91 9.84
C LEU B 142 -13.21 9.44 9.96
N SER B 143 -12.37 9.09 10.93
CA SER B 143 -11.95 7.70 11.07
C SER B 143 -13.13 6.79 11.41
N ILE B 144 -14.04 7.26 12.25
CA ILE B 144 -15.20 6.46 12.64
C ILE B 144 -16.15 6.29 11.46
N MET B 153 -23.47 13.18 18.76
CA MET B 153 -22.30 14.05 18.68
C MET B 153 -22.72 15.52 18.69
N SER B 154 -22.30 16.24 19.73
CA SER B 154 -22.55 17.66 19.86
C SER B 154 -21.24 18.41 19.90
N CYS B 155 -21.27 19.66 19.46
CA CYS B 155 -20.05 20.43 19.25
C CYS B 155 -20.22 21.82 19.81
N ASP B 156 -19.10 22.42 20.20
CA ASP B 156 -19.08 23.83 20.58
C ASP B 156 -17.67 24.36 20.43
N PHE B 157 -17.55 25.47 19.70
CA PHE B 157 -16.25 26.08 19.42
C PHE B 157 -16.29 27.59 19.58
N ASN B 158 -17.27 28.14 20.28
CA ASN B 158 -17.33 29.58 20.46
C ASN B 158 -16.20 30.06 21.36
N GLY B 159 -15.69 31.26 21.05
CA GLY B 159 -14.62 31.83 21.85
C GLY B 159 -13.28 31.15 21.69
N GLY B 160 -13.09 30.40 20.62
CA GLY B 160 -11.84 29.69 20.39
C GLY B 160 -11.72 28.36 21.11
N LYS B 161 -12.72 27.97 21.89
CA LYS B 161 -12.67 26.72 22.61
C LYS B 161 -12.76 25.54 21.66
N ILE B 162 -12.54 24.35 22.21
CA ILE B 162 -12.79 23.11 21.48
C ILE B 162 -13.48 22.14 22.43
N SER B 163 -14.79 21.99 22.31
CA SER B 163 -15.54 21.07 23.14
C SER B 163 -16.36 20.14 22.25
N VAL B 164 -16.15 18.84 22.38
CA VAL B 164 -16.83 17.83 21.58
C VAL B 164 -17.42 16.78 22.52
N GLN B 165 -18.67 16.40 22.28
CA GLN B 165 -19.36 15.44 23.11
C GLN B 165 -19.87 14.29 22.27
N TYR B 166 -19.62 13.06 22.73
CA TYR B 166 -20.10 11.85 22.10
C TYR B 166 -21.00 11.12 23.10
N ASN B 167 -22.24 10.85 22.68
CA ASN B 167 -23.28 10.29 23.54
C ASN B 167 -23.26 8.77 23.41
N LEU B 168 -22.28 8.14 24.08
CA LEU B 168 -22.15 6.69 24.02
C LEU B 168 -23.36 6.01 24.63
N SER B 169 -23.86 6.53 25.75
CA SER B 169 -25.04 5.97 26.39
C SER B 169 -26.10 7.04 26.65
N VAL B 183 -22.73 4.01 16.55
CA VAL B 183 -22.00 5.22 16.92
C VAL B 183 -21.04 4.93 18.06
N ALA B 184 -21.56 4.33 19.13
CA ALA B 184 -20.72 4.00 20.28
C ALA B 184 -19.66 2.97 19.92
N ASN B 185 -20.03 1.98 19.11
CA ASN B 185 -19.10 0.91 18.77
C ASN B 185 -17.88 1.46 18.03
N GLY B 186 -18.11 2.33 17.04
CA GLY B 186 -16.99 2.92 16.31
C GLY B 186 -16.14 3.83 17.17
N VAL B 187 -16.78 4.62 18.03
CA VAL B 187 -16.03 5.53 18.90
C VAL B 187 -15.10 4.73 19.81
N LEU B 188 -15.64 3.68 20.44
CA LEU B 188 -14.79 2.86 21.30
C LEU B 188 -13.76 2.06 20.51
N GLN B 189 -14.07 1.68 19.27
CA GLN B 189 -13.08 1.02 18.43
C GLN B 189 -11.88 1.93 18.19
N THR B 190 -12.14 3.18 17.79
CA THR B 190 -11.05 4.12 17.57
C THR B 190 -10.32 4.44 18.88
N PHE B 191 -11.05 4.55 19.99
CA PHE B 191 -10.44 4.82 21.27
C PHE B 191 -9.49 3.70 21.68
N MET B 192 -9.90 2.44 21.50
CA MET B 192 -9.02 1.33 21.84
C MET B 192 -7.87 1.23 20.86
N ARG B 193 -8.07 1.63 19.60
CA ARG B 193 -6.97 1.68 18.65
C ARG B 193 -5.92 2.70 19.10
N MET B 194 -6.36 3.87 19.56
CA MET B 194 -5.43 4.87 20.09
C MET B 194 -4.92 4.46 21.46
N ALA B 195 -5.82 4.39 22.44
CA ALA B 195 -5.44 4.01 23.80
C ALA B 195 -5.08 2.53 23.81
N TRP B 196 -3.91 2.22 23.26
CA TRP B 196 -3.54 0.85 22.95
C TRP B 196 -2.27 0.42 23.67
N THR B 215 -17.59 -0.99 28.41
CA THR B 215 -17.46 0.33 29.02
C THR B 215 -18.78 0.77 29.65
N SER B 216 -18.77 0.97 30.96
CA SER B 216 -19.97 1.39 31.68
C SER B 216 -20.21 2.88 31.65
N TYR B 217 -19.25 3.66 31.15
CA TYR B 217 -19.39 5.11 31.12
C TYR B 217 -20.39 5.53 30.03
N GLN B 218 -20.91 6.74 30.18
CA GLN B 218 -21.99 7.24 29.35
C GLN B 218 -21.53 8.15 28.22
N TYR B 219 -20.54 9.01 28.46
CA TYR B 219 -20.16 10.03 27.50
C TYR B 219 -18.66 9.98 27.24
N LEU B 220 -18.27 10.42 26.05
CA LEU B 220 -16.87 10.68 25.74
C LEU B 220 -16.72 12.14 25.36
N ILE B 221 -15.90 12.87 26.11
CA ILE B 221 -15.74 14.30 25.91
C ILE B 221 -14.31 14.58 25.46
N ILE B 222 -14.18 15.47 24.47
CA ILE B 222 -12.89 15.88 23.94
C ILE B 222 -12.74 17.36 24.17
N GLN B 223 -11.66 17.75 24.84
CA GLN B 223 -11.45 19.14 25.24
C GLN B 223 -9.99 19.53 25.03
N ASN B 224 -9.71 20.83 25.18
CA ASN B 224 -8.39 21.38 25.00
C ASN B 224 -7.77 21.74 26.34
N THR B 225 -6.50 21.40 26.52
CA THR B 225 -5.78 21.72 27.75
C THR B 225 -4.41 22.30 27.45
N THR B 226 -3.60 22.48 28.49
CA THR B 226 -2.18 22.83 28.37
C THR B 226 -1.34 21.59 28.60
N TRP B 227 -0.02 21.77 28.71
CA TRP B 227 0.91 20.67 28.84
C TRP B 227 1.30 20.48 30.30
N GLU B 228 1.11 19.26 30.81
CA GLU B 228 1.55 18.88 32.14
C GLU B 228 2.08 17.46 32.09
N ASP B 229 2.80 17.07 33.14
CA ASP B 229 3.38 15.74 33.24
C ASP B 229 2.27 14.77 33.61
N HIS B 230 1.57 14.27 32.59
CA HIS B 230 0.41 13.41 32.78
C HIS B 230 0.69 11.94 32.50
N CYS B 231 1.80 11.62 31.86
CA CYS B 231 2.05 10.26 31.39
C CYS B 231 2.54 9.41 32.55
N GLN B 232 1.59 8.97 33.38
CA GLN B 232 1.89 8.13 34.52
C GLN B 232 1.83 6.65 34.20
N PHE B 233 0.86 6.22 33.38
CA PHE B 233 0.66 4.81 33.09
C PHE B 233 1.43 4.35 31.86
N SER B 234 1.54 5.19 30.83
CA SER B 234 2.23 4.82 29.61
C SER B 234 3.12 5.95 29.15
N ARG B 235 4.29 5.60 28.61
CA ARG B 235 5.18 6.59 28.05
C ARG B 235 4.59 7.15 26.76
N PRO B 236 4.91 8.40 26.42
CA PRO B 236 4.32 9.01 25.21
C PRO B 236 4.94 8.42 23.95
N SER B 237 4.07 7.99 23.03
CA SER B 237 4.46 7.41 21.76
C SER B 237 3.51 7.91 20.68
N PRO B 238 3.97 8.05 19.44
CA PRO B 238 3.11 8.54 18.36
C PRO B 238 2.41 7.46 17.55
N ILE B 239 2.48 6.19 17.97
CA ILE B 239 2.00 5.11 17.13
C ILE B 239 0.48 5.17 16.97
N GLY B 240 -0.24 5.59 18.00
CA GLY B 240 -1.69 5.66 17.89
C GLY B 240 -2.15 6.58 16.77
N TYR B 241 -1.59 7.78 16.71
CA TYR B 241 -1.99 8.72 15.66
C TYR B 241 -1.49 8.27 14.30
N LEU B 242 -0.29 7.67 14.24
CA LEU B 242 0.22 7.18 12.97
C LEU B 242 -0.68 6.10 12.39
N GLY B 243 -1.13 5.18 13.24
CA GLY B 243 -2.07 4.17 12.78
C GLY B 243 -3.43 4.75 12.41
N LEU B 244 -3.90 5.72 13.20
CA LEU B 244 -5.19 6.33 12.91
C LEU B 244 -5.16 7.11 11.60
N LEU B 245 -4.00 7.63 11.21
CA LEU B 245 -3.91 8.38 9.95
C LEU B 245 -4.22 7.48 8.76
N SER B 246 -3.68 6.26 8.75
CA SER B 246 -3.85 5.37 7.62
C SER B 246 -4.46 4.04 8.04
N SER C 60 37.71 9.48 -18.48
CA SER C 60 37.66 9.17 -17.06
C SER C 60 36.95 7.85 -16.81
N LEU C 61 37.74 6.81 -16.54
CA LEU C 61 37.21 5.47 -16.30
C LEU C 61 37.43 5.08 -14.85
N TYR C 62 36.41 4.52 -14.23
CA TYR C 62 36.43 4.20 -12.81
C TYR C 62 36.99 2.80 -12.58
N LYS C 63 37.89 2.69 -11.60
CA LYS C 63 38.51 1.44 -11.17
C LYS C 63 39.34 0.78 -12.27
N GLY C 64 39.55 1.46 -13.40
CA GLY C 64 40.41 0.96 -14.44
C GLY C 64 39.78 -0.02 -15.40
N VAL C 65 38.53 -0.42 -15.19
CA VAL C 65 37.89 -1.38 -16.06
C VAL C 65 36.48 -0.91 -16.43
N TYR C 66 35.97 0.08 -15.71
CA TYR C 66 34.59 0.53 -15.85
C TYR C 66 34.56 1.99 -16.29
N GLU C 67 33.63 2.32 -17.18
CA GLU C 67 33.43 3.70 -17.60
C GLU C 67 31.99 4.11 -17.36
N LEU C 68 31.80 5.39 -17.06
CA LEU C 68 30.46 5.92 -16.81
C LEU C 68 29.79 6.28 -18.12
N GLN C 69 28.53 5.88 -18.27
CA GLN C 69 27.73 6.18 -19.45
C GLN C 69 26.36 6.65 -19.01
N THR C 70 25.71 7.42 -19.86
CA THR C 70 24.43 8.03 -19.53
C THR C 70 23.40 7.70 -20.61
N LEU C 71 22.13 7.83 -20.23
CA LEU C 71 21.03 7.66 -21.17
C LEU C 71 19.86 8.52 -20.72
N GLU C 72 19.01 8.88 -21.68
CA GLU C 72 17.80 9.64 -21.42
C GLU C 72 16.61 8.88 -21.99
N LEU C 73 15.44 9.15 -21.43
CA LEU C 73 14.22 8.43 -21.79
C LEU C 73 13.23 9.37 -22.46
N ASN C 74 12.47 8.83 -23.42
CA ASN C 74 11.47 9.57 -24.15
C ASN C 74 10.09 9.08 -23.74
N MET C 75 9.28 9.97 -23.16
CA MET C 75 7.97 9.61 -22.66
C MET C 75 6.85 9.90 -23.65
N GLU C 76 7.18 10.38 -24.85
CA GLU C 76 6.15 10.71 -25.82
C GLU C 76 5.56 9.49 -26.50
N THR C 77 6.21 8.33 -26.41
CA THR C 77 5.61 7.09 -26.89
C THR C 77 4.48 6.62 -26.01
N LEU C 78 4.30 7.23 -24.85
CA LEU C 78 3.24 6.92 -23.91
C LEU C 78 2.00 7.75 -24.16
N ASN C 79 1.95 8.45 -25.30
CA ASN C 79 0.89 9.41 -25.55
C ASN C 79 -0.47 8.74 -25.68
N MET C 80 -0.51 7.47 -26.06
CA MET C 80 -1.78 6.79 -26.29
C MET C 80 -2.49 6.42 -25.00
N THR C 81 -1.74 6.11 -23.94
CA THR C 81 -2.33 5.56 -22.74
C THR C 81 -2.34 6.53 -21.57
N MET C 82 -1.18 7.09 -21.21
CA MET C 82 -1.02 7.99 -20.09
C MET C 82 -1.03 9.46 -20.51
N PRO C 83 -1.75 10.32 -19.79
CA PRO C 83 -1.63 11.77 -20.02
C PRO C 83 -0.23 12.25 -19.71
N LEU C 84 0.21 13.28 -20.45
CA LEU C 84 1.56 13.80 -20.30
C LEU C 84 1.51 15.29 -19.96
N SER C 85 2.32 15.72 -19.01
CA SER C 85 2.30 17.10 -18.53
C SER C 85 3.64 17.77 -18.80
N CYS C 86 3.60 19.08 -19.01
CA CYS C 86 4.81 19.87 -19.15
C CYS C 86 4.51 21.34 -18.89
N THR C 87 5.54 22.08 -18.48
CA THR C 87 5.43 23.48 -18.10
C THR C 87 6.06 24.35 -19.18
N LYS C 88 5.25 25.25 -19.75
CA LYS C 88 5.76 26.18 -20.75
C LYS C 88 6.69 27.20 -20.09
N ASN C 89 6.18 27.95 -19.12
CA ASN C 89 6.99 28.79 -18.25
C ASN C 89 6.43 28.69 -16.85
N ASN C 90 6.86 29.61 -15.97
CA ASN C 90 6.47 29.52 -14.56
C ASN C 90 4.99 29.82 -14.33
N SER C 91 4.29 30.39 -15.31
CA SER C 91 2.90 30.77 -15.14
C SER C 91 1.92 29.87 -15.88
N HIS C 92 2.38 28.98 -16.74
CA HIS C 92 1.51 28.13 -17.55
C HIS C 92 1.87 26.67 -17.36
N HIS C 93 0.87 25.80 -17.32
CA HIS C 93 1.09 24.37 -17.25
C HIS C 93 0.13 23.68 -18.21
N TYR C 94 0.57 22.60 -18.85
CA TYR C 94 -0.22 21.94 -19.88
C TYR C 94 -0.23 20.43 -19.66
N ILE C 95 -1.42 19.84 -19.60
CA ILE C 95 -1.58 18.40 -19.51
C ILE C 95 -2.34 17.92 -20.74
N MET C 96 -1.71 17.07 -21.54
CA MET C 96 -2.22 16.64 -22.84
C MET C 96 -2.68 15.20 -22.76
N VAL C 97 -3.89 14.95 -23.29
CA VAL C 97 -4.47 13.61 -23.36
C VAL C 97 -4.52 13.23 -24.84
N GLY C 98 -3.73 12.22 -25.21
CA GLY C 98 -3.72 11.85 -26.62
C GLY C 98 -2.94 12.85 -27.45
N ASN C 99 -3.38 13.01 -28.70
CA ASN C 99 -2.67 13.85 -29.66
C ASN C 99 -3.51 14.99 -30.24
N GLU C 100 -4.69 15.25 -29.69
CA GLU C 100 -5.51 16.32 -30.24
C GLU C 100 -6.21 17.18 -29.20
N THR C 101 -6.05 16.90 -27.90
CA THR C 101 -6.76 17.65 -26.89
C THR C 101 -5.96 17.64 -25.60
N GLY C 102 -6.05 18.72 -24.85
CA GLY C 102 -5.38 18.83 -23.57
C GLY C 102 -6.13 19.73 -22.63
N LEU C 103 -5.41 20.28 -21.66
CA LEU C 103 -5.98 21.08 -20.60
C LEU C 103 -4.89 22.04 -20.14
N GLU C 104 -5.25 23.31 -19.95
CA GLU C 104 -4.31 24.36 -19.59
C GLU C 104 -4.62 24.91 -18.21
N LEU C 105 -3.56 25.10 -17.43
CA LEU C 105 -3.61 25.63 -16.07
C LEU C 105 -2.85 26.96 -16.08
N THR C 106 -3.56 28.04 -15.79
CA THR C 106 -3.02 29.40 -15.95
C THR C 106 -3.12 30.15 -14.63
N LEU C 107 -2.02 30.79 -14.24
CA LEU C 107 -1.97 31.69 -13.09
C LEU C 107 -2.02 33.11 -13.65
N THR C 108 -3.11 33.82 -13.37
CA THR C 108 -3.36 35.12 -13.99
C THR C 108 -3.93 36.12 -12.99
N ASN C 109 -3.89 37.40 -13.39
CA ASN C 109 -4.61 38.47 -12.71
C ASN C 109 -5.78 39.00 -13.53
N THR C 110 -6.48 38.14 -14.27
CA THR C 110 -7.65 38.55 -15.02
C THR C 110 -8.83 37.66 -14.66
N SER C 111 -10.03 38.22 -14.77
CA SER C 111 -11.26 37.51 -14.47
C SER C 111 -12.01 37.24 -15.77
N ILE C 112 -12.37 35.97 -15.98
CA ILE C 112 -13.13 35.58 -17.15
C ILE C 112 -14.56 35.20 -16.82
N ILE C 113 -14.84 34.77 -15.59
CA ILE C 113 -16.19 34.45 -15.14
C ILE C 113 -16.48 35.27 -13.90
N ASN C 114 -17.64 35.93 -13.88
CA ASN C 114 -18.01 36.80 -12.76
C ASN C 114 -18.84 36.07 -11.71
N HIS C 115 -19.74 35.19 -12.14
CA HIS C 115 -20.62 34.51 -11.20
C HIS C 115 -19.85 33.48 -10.37
N LYS C 116 -20.40 33.16 -9.20
CA LYS C 116 -19.81 32.17 -8.30
C LYS C 116 -20.54 30.83 -8.34
N PHE C 117 -21.43 30.63 -9.31
CA PHE C 117 -22.13 29.36 -9.43
C PHE C 117 -21.19 28.28 -9.94
N CYS C 118 -21.53 27.03 -9.62
CA CYS C 118 -20.79 25.88 -10.15
C CYS C 118 -21.71 24.67 -10.11
N ASN C 119 -22.18 24.24 -11.27
CA ASN C 119 -23.09 23.11 -11.40
C ASN C 119 -22.37 21.98 -12.13
N LEU C 120 -22.40 20.78 -11.54
CA LEU C 120 -21.80 19.60 -12.14
C LEU C 120 -22.80 18.57 -12.60
N SER C 121 -23.93 18.43 -11.91
CA SER C 121 -24.91 17.41 -12.29
C SER C 121 -25.47 17.67 -13.68
N ASP C 122 -25.77 18.93 -14.00
CA ASP C 122 -26.29 19.27 -15.32
C ASP C 122 -25.25 18.99 -16.41
N ALA C 123 -23.98 19.29 -16.13
CA ALA C 123 -22.94 19.07 -17.12
C ALA C 123 -22.78 17.58 -17.44
N HIS C 124 -22.78 16.73 -16.43
CA HIS C 124 -22.69 15.30 -16.68
C HIS C 124 -23.97 14.77 -17.32
N LYS C 125 -25.12 15.34 -16.95
CA LYS C 125 -26.39 14.88 -17.52
C LYS C 125 -26.52 15.22 -19.00
N LYS C 126 -25.98 16.37 -19.42
CA LYS C 126 -26.05 16.74 -20.83
C LYS C 126 -25.29 15.75 -21.71
N ASN C 127 -24.25 15.12 -21.16
CA ASN C 127 -23.49 14.07 -21.85
C ASN C 127 -22.91 14.58 -23.16
N LEU C 128 -22.45 15.84 -23.17
CA LEU C 128 -21.77 16.43 -24.32
C LEU C 128 -20.48 17.06 -23.81
N TYR C 129 -19.44 16.26 -23.70
CA TYR C 129 -18.14 16.69 -23.18
C TYR C 129 -17.12 15.61 -23.51
N ASP C 130 -15.91 15.77 -23.00
CA ASP C 130 -14.85 14.78 -23.16
C ASP C 130 -14.67 14.06 -21.84
N HIS C 131 -14.68 12.72 -21.89
CA HIS C 131 -14.62 11.93 -20.67
C HIS C 131 -13.30 12.12 -19.95
N ALA C 132 -12.19 12.11 -20.68
CA ALA C 132 -10.87 12.21 -20.04
C ALA C 132 -10.67 13.56 -19.37
N LEU C 133 -11.13 14.64 -20.00
CA LEU C 133 -10.98 15.96 -19.43
C LEU C 133 -11.77 16.09 -18.13
N MET C 134 -13.01 15.61 -18.12
CA MET C 134 -13.79 15.62 -16.90
C MET C 134 -13.16 14.75 -15.83
N SER C 135 -12.61 13.60 -16.22
CA SER C 135 -11.94 12.75 -15.25
C SER C 135 -10.75 13.46 -14.61
N ILE C 136 -9.98 14.19 -15.40
CA ILE C 136 -8.82 14.89 -14.87
C ILE C 136 -9.24 16.03 -13.95
N ILE C 137 -10.25 16.82 -14.37
CA ILE C 137 -10.66 17.92 -13.49
C ILE C 137 -11.30 17.39 -12.21
N SER C 138 -11.99 16.24 -12.29
CA SER C 138 -12.56 15.64 -11.08
C SER C 138 -11.48 15.14 -10.14
N THR C 139 -10.51 14.39 -10.65
CA THR C 139 -9.42 13.97 -9.79
C THR C 139 -8.58 15.15 -9.32
N PHE C 140 -8.73 16.32 -9.94
CA PHE C 140 -8.05 17.50 -9.43
C PHE C 140 -8.81 18.13 -8.26
N HIS C 141 -10.12 18.38 -8.43
CA HIS C 141 -10.85 19.14 -7.41
C HIS C 141 -11.47 18.24 -6.34
N LEU C 142 -11.03 16.99 -6.23
CA LEU C 142 -11.27 16.18 -5.04
C LEU C 142 -10.01 15.86 -4.26
N SER C 143 -8.83 15.97 -4.87
CA SER C 143 -7.60 15.71 -4.14
C SER C 143 -7.28 16.85 -3.17
N ILE C 144 -7.71 18.07 -3.48
CA ILE C 144 -7.46 19.22 -2.63
C ILE C 144 -8.28 19.10 -1.35
N MET C 153 -14.94 28.51 -6.21
CA MET C 153 -14.72 27.77 -7.45
C MET C 153 -15.85 28.03 -8.44
N SER C 154 -15.66 29.00 -9.32
CA SER C 154 -16.65 29.27 -10.36
C SER C 154 -16.49 28.26 -11.49
N CYS C 155 -17.62 27.89 -12.09
CA CYS C 155 -17.65 26.83 -13.09
C CYS C 155 -18.47 27.28 -14.29
N ASP C 156 -18.08 26.81 -15.47
CA ASP C 156 -18.89 27.03 -16.66
C ASP C 156 -18.57 25.94 -17.67
N PHE C 157 -19.62 25.24 -18.11
CA PHE C 157 -19.48 24.11 -19.02
C PHE C 157 -20.50 24.16 -20.15
N ASN C 158 -21.20 25.28 -20.34
CA ASN C 158 -22.19 25.36 -21.39
C ASN C 158 -21.55 25.29 -22.77
N GLY C 159 -22.22 24.62 -23.70
CA GLY C 159 -21.70 24.48 -25.04
C GLY C 159 -20.56 23.50 -25.17
N GLY C 160 -20.35 22.64 -24.18
CA GLY C 160 -19.26 21.70 -24.20
C GLY C 160 -17.95 22.23 -23.69
N LYS C 161 -17.88 23.52 -23.33
CA LYS C 161 -16.65 24.11 -22.88
C LYS C 161 -16.23 23.53 -21.54
N ILE C 162 -15.00 23.84 -21.14
CA ILE C 162 -14.52 23.53 -19.80
C ILE C 162 -13.78 24.76 -19.28
N SER C 163 -14.48 25.58 -18.48
CA SER C 163 -13.86 26.74 -17.86
C SER C 163 -14.05 26.66 -16.35
N VAL C 164 -12.95 26.64 -15.62
CA VAL C 164 -12.96 26.52 -14.16
C VAL C 164 -12.12 27.65 -13.58
N GLN C 165 -12.66 28.36 -12.60
CA GLN C 165 -12.00 29.51 -12.01
C GLN C 165 -11.81 29.28 -10.51
N TYR C 166 -10.59 29.46 -10.03
CA TYR C 166 -10.25 29.36 -8.63
C TYR C 166 -9.82 30.74 -8.14
N ASN C 167 -10.46 31.21 -7.07
CA ASN C 167 -10.24 32.55 -6.54
C ASN C 167 -9.23 32.48 -5.41
N LEU C 168 -7.95 32.37 -5.79
CA LEU C 168 -6.89 32.28 -4.79
C LEU C 168 -6.79 33.57 -3.97
N SER C 169 -6.93 34.71 -4.62
CA SER C 169 -6.88 35.99 -3.92
C SER C 169 -8.05 36.88 -4.31
N VAL C 183 -7.96 27.37 1.50
CA VAL C 183 -8.41 26.97 0.17
C VAL C 183 -7.29 27.15 -0.84
N ALA C 184 -6.70 28.34 -0.87
CA ALA C 184 -5.64 28.63 -1.82
C ALA C 184 -4.41 27.78 -1.55
N ASN C 185 -4.10 27.54 -0.27
CA ASN C 185 -2.90 26.80 0.09
C ASN C 185 -2.93 25.38 -0.48
N GLY C 186 -4.06 24.68 -0.32
CA GLY C 186 -4.14 23.32 -0.83
C GLY C 186 -4.12 23.26 -2.35
N VAL C 187 -4.80 24.20 -3.01
CA VAL C 187 -4.80 24.23 -4.47
C VAL C 187 -3.39 24.46 -5.00
N LEU C 188 -2.67 25.40 -4.41
CA LEU C 188 -1.29 25.65 -4.83
C LEU C 188 -0.39 24.49 -4.48
N GLN C 189 -0.67 23.77 -3.39
CA GLN C 189 0.11 22.59 -3.05
C GLN C 189 -0.06 21.50 -4.12
N THR C 190 -1.29 21.27 -4.55
CA THR C 190 -1.52 20.30 -5.63
C THR C 190 -0.88 20.77 -6.92
N PHE C 191 -0.94 22.07 -7.21
CA PHE C 191 -0.32 22.63 -8.40
C PHE C 191 1.19 22.38 -8.38
N MET C 192 1.83 22.60 -7.23
CA MET C 192 3.26 22.35 -7.12
C MET C 192 3.57 20.86 -7.22
N ARG C 193 2.69 20.02 -6.68
CA ARG C 193 2.89 18.58 -6.81
C ARG C 193 2.86 18.14 -8.27
N MET C 194 1.90 18.66 -9.04
CA MET C 194 1.85 18.34 -10.46
C MET C 194 3.04 18.97 -11.19
N ALA C 195 3.28 20.26 -10.99
CA ALA C 195 4.37 20.96 -11.64
C ALA C 195 5.68 20.77 -10.88
N TRP C 196 6.03 19.51 -10.64
CA TRP C 196 7.23 19.17 -9.88
C TRP C 196 8.34 18.70 -10.80
N THR C 215 3.70 33.01 -4.52
CA THR C 215 2.86 33.17 -5.70
C THR C 215 1.96 34.40 -5.56
N SER C 216 2.34 35.49 -6.22
CA SER C 216 1.57 36.73 -6.18
C SER C 216 0.62 36.80 -7.37
N TYR C 217 -0.28 35.82 -7.43
CA TYR C 217 -1.27 35.71 -8.49
C TYR C 217 -2.64 35.57 -7.88
N GLN C 218 -3.62 36.25 -8.46
CA GLN C 218 -4.94 36.33 -7.83
C GLN C 218 -5.82 35.12 -8.13
N TYR C 219 -5.78 34.61 -9.36
CA TYR C 219 -6.70 33.55 -9.79
C TYR C 219 -5.91 32.35 -10.32
N LEU C 220 -6.64 31.28 -10.60
CA LEU C 220 -6.11 30.12 -11.33
C LEU C 220 -7.21 29.60 -12.23
N ILE C 221 -6.96 29.54 -13.53
CA ILE C 221 -7.97 29.17 -14.51
C ILE C 221 -7.59 27.86 -15.17
N ILE C 222 -8.58 26.99 -15.35
CA ILE C 222 -8.42 25.69 -16.01
C ILE C 222 -9.30 25.71 -17.25
N GLN C 223 -8.70 25.48 -18.41
CA GLN C 223 -9.42 25.56 -19.68
C GLN C 223 -9.00 24.43 -20.60
N ASN C 224 -9.69 24.31 -21.72
CA ASN C 224 -9.45 23.26 -22.71
C ASN C 224 -8.80 23.86 -23.96
N THR C 225 -7.80 23.15 -24.49
CA THR C 225 -7.08 23.57 -25.68
C THR C 225 -6.80 22.37 -26.56
N THR C 226 -6.38 22.65 -27.80
CA THR C 226 -5.89 21.64 -28.71
C THR C 226 -4.37 21.50 -28.57
N TRP C 227 -3.82 20.51 -29.24
CA TRP C 227 -2.43 20.15 -29.04
C TRP C 227 -1.51 21.05 -29.84
N GLU C 228 -0.50 21.60 -29.17
CA GLU C 228 0.53 22.42 -29.79
C GLU C 228 1.85 22.10 -29.12
N ASP C 229 2.94 22.39 -29.82
CA ASP C 229 4.28 22.14 -29.31
C ASP C 229 4.60 23.22 -28.28
N HIS C 230 4.24 22.95 -27.01
CA HIS C 230 4.34 23.93 -25.94
C HIS C 230 5.47 23.65 -24.96
N CYS C 231 5.92 22.41 -24.84
CA CYS C 231 6.89 22.04 -23.82
C CYS C 231 8.23 22.70 -24.12
N GLN C 232 8.59 23.69 -23.30
CA GLN C 232 9.84 24.43 -23.48
C GLN C 232 10.76 24.29 -22.29
N PHE C 233 10.26 24.49 -21.07
CA PHE C 233 11.08 24.42 -19.87
C PHE C 233 11.22 22.99 -19.33
N SER C 234 10.19 22.17 -19.49
CA SER C 234 10.21 20.80 -19.00
C SER C 234 9.72 19.85 -20.08
N ARG C 235 10.29 18.65 -20.10
CA ARG C 235 9.89 17.61 -21.03
C ARG C 235 8.59 16.96 -20.57
N PRO C 236 7.78 16.45 -21.50
CA PRO C 236 6.53 15.81 -21.11
C PRO C 236 6.79 14.49 -20.39
N SER C 237 6.03 14.28 -19.30
CA SER C 237 6.18 13.11 -18.45
C SER C 237 4.88 12.87 -17.72
N PRO C 238 4.49 11.63 -17.47
CA PRO C 238 3.20 11.35 -16.82
C PRO C 238 3.24 11.31 -15.30
N ILE C 239 4.37 11.66 -14.69
CA ILE C 239 4.58 11.41 -13.26
C ILE C 239 3.66 12.27 -12.40
N GLY C 240 3.37 13.49 -12.83
CA GLY C 240 2.50 14.35 -12.04
C GLY C 240 1.13 13.76 -11.84
N TYR C 241 0.51 13.30 -12.92
CA TYR C 241 -0.82 12.70 -12.81
C TYR C 241 -0.77 11.37 -12.07
N LEU C 242 0.30 10.60 -12.28
CA LEU C 242 0.43 9.33 -11.57
C LEU C 242 0.53 9.54 -10.06
N GLY C 243 1.27 10.56 -9.64
CA GLY C 243 1.32 10.88 -8.23
C GLY C 243 0.01 11.43 -7.69
N LEU C 244 -0.65 12.29 -8.48
CA LEU C 244 -1.92 12.86 -8.04
C LEU C 244 -3.01 11.80 -7.94
N LEU C 245 -2.93 10.73 -8.75
CA LEU C 245 -3.94 9.68 -8.68
C LEU C 245 -3.97 9.01 -7.33
N SER C 246 -2.80 8.69 -6.78
CA SER C 246 -2.71 8.00 -5.51
C SER C 246 -2.00 8.83 -4.45
N GLN D 3 -38.39 -32.10 17.42
CA GLN D 3 -38.97 -33.40 17.11
C GLN D 3 -39.69 -33.38 15.77
N LEU D 4 -39.96 -34.58 15.23
CA LEU D 4 -40.70 -34.74 13.99
C LEU D 4 -41.81 -35.75 14.20
N GLN D 5 -43.03 -35.39 13.86
CA GLN D 5 -44.20 -36.24 14.03
C GLN D 5 -44.77 -36.60 12.66
N GLU D 6 -45.03 -37.88 12.43
CA GLU D 6 -45.35 -38.38 11.11
C GLU D 6 -46.74 -39.01 11.11
N SER D 7 -47.42 -38.91 9.97
CA SER D 7 -48.78 -39.42 9.85
C SER D 7 -49.07 -39.77 8.40
N GLY D 8 -50.11 -40.58 8.22
CA GLY D 8 -50.52 -41.04 6.90
C GLY D 8 -50.43 -42.54 6.71
N GLY D 9 -49.86 -43.28 7.66
CA GLY D 9 -49.76 -44.72 7.51
C GLY D 9 -51.11 -45.39 7.63
N GLY D 10 -51.16 -46.64 7.17
CA GLY D 10 -52.40 -47.38 7.14
C GLY D 10 -52.46 -48.25 5.90
N LEU D 11 -53.68 -48.58 5.48
CA LEU D 11 -53.92 -49.52 4.39
C LEU D 11 -54.58 -48.83 3.21
N VAL D 12 -54.05 -49.08 2.02
CA VAL D 12 -54.62 -48.63 0.75
C VAL D 12 -54.49 -49.76 -0.27
N LYS D 13 -55.53 -49.98 -1.05
CA LYS D 13 -55.53 -51.04 -2.05
C LYS D 13 -54.46 -50.77 -3.10
N PRO D 14 -53.94 -51.82 -3.74
CA PRO D 14 -52.95 -51.60 -4.80
C PRO D 14 -53.52 -50.75 -5.93
N GLY D 15 -52.68 -49.86 -6.46
CA GLY D 15 -53.10 -48.93 -7.48
C GLY D 15 -53.59 -47.59 -6.96
N GLY D 16 -53.71 -47.43 -5.64
CA GLY D 16 -54.19 -46.18 -5.06
C GLY D 16 -53.08 -45.16 -4.87
N SER D 17 -53.48 -44.03 -4.30
CA SER D 17 -52.58 -42.91 -4.02
C SER D 17 -52.65 -42.58 -2.54
N LEU D 18 -51.47 -42.44 -1.91
CA LEU D 18 -51.41 -42.25 -0.47
C LEU D 18 -50.46 -41.08 -0.16
N ARG D 19 -50.77 -40.37 0.92
CA ARG D 19 -50.07 -39.14 1.28
C ARG D 19 -49.54 -39.22 2.70
N LEU D 20 -48.28 -38.84 2.88
CA LEU D 20 -47.64 -38.77 4.20
C LEU D 20 -47.33 -37.34 4.58
N SER D 21 -47.46 -37.05 5.87
CA SER D 21 -47.18 -35.73 6.43
C SER D 21 -46.18 -35.85 7.58
N CYS D 22 -45.23 -34.92 7.64
CA CYS D 22 -44.22 -34.90 8.68
C CYS D 22 -44.09 -33.46 9.19
N THR D 23 -44.50 -33.23 10.44
CA THR D 23 -44.48 -31.90 11.03
C THR D 23 -43.30 -31.77 11.98
N ALA D 24 -42.70 -30.58 11.99
CA ALA D 24 -41.48 -30.33 12.75
C ALA D 24 -41.69 -29.17 13.71
N SER D 25 -41.15 -29.32 14.92
CA SER D 25 -41.24 -28.27 15.94
C SER D 25 -39.98 -28.32 16.78
N GLY D 26 -39.39 -27.14 17.03
CA GLY D 26 -38.20 -27.03 17.84
C GLY D 26 -36.98 -26.50 17.12
N PHE D 27 -37.06 -26.21 15.83
CA PHE D 27 -35.93 -25.65 15.09
C PHE D 27 -36.48 -24.83 13.93
N ASN D 28 -35.58 -24.33 13.08
CA ASN D 28 -35.96 -23.52 11.93
C ASN D 28 -36.23 -24.46 10.76
N PHE D 29 -37.52 -24.66 10.46
CA PHE D 29 -37.90 -25.48 9.31
C PHE D 29 -37.54 -24.82 7.99
N ASN D 30 -37.24 -23.51 8.01
CA ASN D 30 -37.00 -22.79 6.77
C ASN D 30 -35.63 -23.12 6.18
N LYS D 31 -34.64 -23.41 7.02
CA LYS D 31 -33.25 -23.39 6.59
C LYS D 31 -32.57 -24.75 6.68
N TYR D 32 -33.33 -25.84 6.60
CA TYR D 32 -32.75 -27.17 6.71
C TYR D 32 -33.26 -28.06 5.58
N ASN D 33 -32.34 -28.84 5.02
CA ASN D 33 -32.66 -29.86 4.04
C ASN D 33 -33.44 -31.00 4.70
N MET D 34 -34.35 -31.61 3.94
CA MET D 34 -35.13 -32.75 4.45
C MET D 34 -34.97 -33.93 3.53
N ASN D 35 -35.16 -35.13 4.07
CA ASN D 35 -35.17 -36.31 3.21
C ASN D 35 -36.06 -37.39 3.81
N TRP D 36 -36.51 -38.29 2.93
CA TRP D 36 -37.40 -39.38 3.28
C TRP D 36 -36.67 -40.70 3.05
N VAL D 37 -36.69 -41.57 4.06
CA VAL D 37 -36.07 -42.89 4.05
C VAL D 37 -37.13 -43.93 4.36
N ARG D 38 -36.97 -45.12 3.80
CA ARG D 38 -37.95 -46.20 3.93
C ARG D 38 -37.25 -47.51 4.24
N GLN D 39 -37.86 -48.30 5.11
CA GLN D 39 -37.31 -49.59 5.53
C GLN D 39 -38.35 -50.68 5.37
N ALA D 40 -37.98 -51.74 4.65
CA ALA D 40 -38.81 -52.93 4.44
C ALA D 40 -38.72 -53.86 5.65
N PRO D 41 -39.75 -54.68 5.88
CA PRO D 41 -39.72 -55.58 7.03
C PRO D 41 -38.70 -56.68 6.84
N GLY D 42 -37.70 -56.70 7.74
CA GLY D 42 -36.68 -57.72 7.71
C GLY D 42 -35.52 -57.49 6.77
N LYS D 43 -35.45 -56.31 6.14
CA LYS D 43 -34.40 -55.99 5.20
C LYS D 43 -33.69 -54.71 5.63
N GLY D 44 -32.72 -54.29 4.83
CA GLY D 44 -31.94 -53.11 5.12
C GLY D 44 -32.68 -51.82 4.81
N LEU D 45 -32.01 -50.71 5.13
CA LEU D 45 -32.61 -49.40 4.92
C LEU D 45 -32.59 -49.03 3.44
N GLU D 46 -33.40 -48.04 3.08
CA GLU D 46 -33.55 -47.65 1.69
C GLU D 46 -33.91 -46.17 1.62
N TRP D 47 -32.99 -45.37 1.08
CA TRP D 47 -33.27 -43.96 0.86
C TRP D 47 -34.32 -43.78 -0.24
N VAL D 48 -35.21 -42.82 -0.05
CA VAL D 48 -36.29 -42.54 -0.98
C VAL D 48 -36.08 -41.22 -1.70
N SER D 49 -36.01 -40.12 -0.95
CA SER D 49 -36.03 -38.82 -1.62
C SER D 49 -35.34 -37.77 -0.77
N SER D 50 -35.02 -36.64 -1.40
CA SER D 50 -34.40 -35.51 -0.71
C SER D 50 -34.89 -34.20 -1.32
N ILE D 51 -35.05 -33.20 -0.46
CA ILE D 51 -35.56 -31.89 -0.85
C ILE D 51 -34.80 -30.80 -0.10
N SER D 52 -34.61 -29.66 -0.76
CA SER D 52 -33.79 -28.57 -0.25
C SER D 52 -34.64 -27.54 0.48
N ALA D 53 -34.02 -26.39 0.82
CA ALA D 53 -34.64 -25.44 1.74
C ALA D 53 -35.86 -24.76 1.12
N LEU D 54 -35.71 -24.23 -0.09
CA LEU D 54 -36.79 -23.54 -0.78
C LEU D 54 -37.43 -24.39 -1.86
N SER D 55 -37.26 -25.72 -1.78
CA SER D 55 -37.81 -26.65 -2.77
C SER D 55 -37.31 -26.33 -4.17
N THR D 56 -36.03 -25.99 -4.28
CA THR D 56 -35.40 -25.70 -5.56
C THR D 56 -34.67 -26.92 -6.13
N TYR D 57 -34.01 -27.70 -5.28
CA TYR D 57 -33.35 -28.93 -5.68
C TYR D 57 -34.11 -30.10 -5.08
N ILE D 58 -34.57 -31.01 -5.92
CA ILE D 58 -35.29 -32.20 -5.48
C ILE D 58 -34.65 -33.42 -6.13
N TYR D 59 -34.29 -34.40 -5.31
CA TYR D 59 -33.62 -35.61 -5.77
C TYR D 59 -34.47 -36.81 -5.41
N TYR D 60 -34.54 -37.78 -6.32
CA TYR D 60 -35.39 -38.95 -6.15
C TYR D 60 -34.57 -40.23 -6.27
N ALA D 61 -35.14 -41.31 -5.75
CA ALA D 61 -34.52 -42.62 -5.87
C ALA D 61 -34.50 -43.05 -7.32
N ASP D 62 -33.53 -43.90 -7.66
CA ASP D 62 -33.35 -44.31 -9.04
C ASP D 62 -34.57 -45.06 -9.57
N SER D 63 -35.12 -45.98 -8.77
CA SER D 63 -36.24 -46.80 -9.21
C SER D 63 -37.60 -46.24 -8.80
N LEU D 64 -37.65 -45.32 -7.84
CA LEU D 64 -38.91 -44.80 -7.33
C LEU D 64 -39.38 -43.57 -8.10
N LYS D 65 -38.63 -43.13 -9.11
CA LYS D 65 -39.03 -41.98 -9.89
C LYS D 65 -40.28 -42.29 -10.72
N GLY D 66 -41.19 -41.32 -10.78
CA GLY D 66 -42.42 -41.46 -11.52
C GLY D 66 -43.64 -41.77 -10.66
N ARG D 67 -43.44 -42.25 -9.44
CA ARG D 67 -44.54 -42.53 -8.53
C ARG D 67 -44.48 -41.73 -7.25
N PHE D 68 -43.43 -40.97 -7.02
CA PHE D 68 -43.25 -40.23 -5.78
C PHE D 68 -43.17 -38.73 -6.08
N THR D 69 -43.85 -37.94 -5.25
CA THR D 69 -43.83 -36.48 -5.37
C THR D 69 -43.63 -35.88 -3.98
N VAL D 70 -42.55 -35.12 -3.82
CA VAL D 70 -42.19 -34.54 -2.53
C VAL D 70 -42.45 -33.04 -2.56
N SER D 71 -42.78 -32.49 -1.39
CA SER D 71 -43.02 -31.06 -1.28
C SER D 71 -42.94 -30.67 0.19
N ARG D 72 -42.93 -29.37 0.45
CA ARG D 72 -42.88 -28.89 1.82
C ARG D 72 -43.59 -27.55 1.92
N ASP D 73 -44.18 -27.30 3.09
CA ASP D 73 -44.78 -26.02 3.43
C ASP D 73 -44.00 -25.46 4.60
N ASN D 74 -43.24 -24.39 4.34
CA ASN D 74 -42.42 -23.76 5.36
C ASN D 74 -43.24 -22.91 6.32
N ALA D 75 -44.45 -22.50 5.92
CA ALA D 75 -45.29 -21.71 6.81
C ALA D 75 -45.89 -22.57 7.92
N LYS D 76 -46.34 -23.78 7.57
CA LYS D 76 -46.93 -24.67 8.54
C LYS D 76 -45.94 -25.68 9.10
N ASN D 77 -44.66 -25.57 8.75
CA ASN D 77 -43.62 -26.49 9.20
C ASN D 77 -44.00 -27.94 8.90
N SER D 78 -44.29 -28.21 7.63
CA SER D 78 -44.76 -29.52 7.22
C SER D 78 -44.01 -30.01 5.99
N LEU D 79 -43.89 -31.33 5.88
CA LEU D 79 -43.26 -31.99 4.75
C LEU D 79 -44.21 -33.04 4.22
N PHE D 80 -44.56 -32.95 2.94
CA PHE D 80 -45.62 -33.76 2.36
C PHE D 80 -45.06 -34.67 1.28
N LEU D 81 -45.54 -35.91 1.26
CA LEU D 81 -45.15 -36.90 0.27
C LEU D 81 -46.39 -37.52 -0.34
N GLN D 82 -46.36 -37.75 -1.66
CA GLN D 82 -47.48 -38.30 -2.40
C GLN D 82 -47.01 -39.49 -3.23
N MET D 83 -47.73 -40.60 -3.16
CA MET D 83 -47.44 -41.78 -3.97
C MET D 83 -48.67 -42.15 -4.78
N ASN D 84 -48.44 -42.49 -6.05
CA ASN D 84 -49.48 -42.91 -6.97
C ASN D 84 -49.09 -44.23 -7.61
N SER D 85 -50.10 -45.04 -7.93
CA SER D 85 -49.91 -46.35 -8.52
C SER D 85 -49.03 -47.23 -7.62
N LEU D 86 -49.53 -47.46 -6.40
CA LEU D 86 -48.80 -48.25 -5.43
C LEU D 86 -48.71 -49.70 -5.86
N ARG D 87 -47.56 -50.30 -5.61
CA ARG D 87 -47.36 -51.73 -5.83
C ARG D 87 -47.36 -52.46 -4.49
N ASP D 88 -47.34 -53.79 -4.57
CA ASP D 88 -47.45 -54.60 -3.36
C ASP D 88 -46.22 -54.49 -2.46
N ASP D 89 -45.04 -54.34 -3.06
CA ASP D 89 -43.79 -54.26 -2.29
C ASP D 89 -43.53 -52.88 -1.73
N ASP D 90 -44.55 -52.01 -1.69
CA ASP D 90 -44.42 -50.66 -1.13
C ASP D 90 -44.99 -50.57 0.28
N THR D 91 -45.10 -51.69 0.98
CA THR D 91 -45.45 -51.71 2.39
C THR D 91 -44.17 -51.67 3.22
N ALA D 92 -44.04 -50.65 4.07
CA ALA D 92 -42.78 -50.43 4.78
C ALA D 92 -42.97 -49.33 5.82
N VAL D 93 -41.86 -48.96 6.45
CA VAL D 93 -41.80 -47.92 7.48
C VAL D 93 -41.09 -46.71 6.88
N TYR D 94 -41.62 -45.52 7.15
CA TYR D 94 -41.11 -44.28 6.58
C TYR D 94 -40.60 -43.37 7.69
N TYR D 95 -39.44 -42.75 7.45
CA TYR D 95 -38.83 -41.82 8.38
C TYR D 95 -38.48 -40.53 7.65
N CYS D 96 -38.80 -39.40 8.25
CA CYS D 96 -38.40 -38.08 7.74
C CYS D 96 -37.23 -37.57 8.56
N ALA D 97 -36.10 -37.36 7.90
CA ALA D 97 -34.87 -36.97 8.57
C ALA D 97 -34.44 -35.57 8.16
N ARG D 98 -33.99 -34.79 9.14
CA ARG D 98 -33.36 -33.50 8.87
C ARG D 98 -31.91 -33.70 8.48
N GLU D 99 -31.46 -32.97 7.46
CA GLU D 99 -30.13 -33.13 6.92
C GLU D 99 -29.33 -31.84 7.13
N ILE D 100 -28.06 -32.00 7.49
CA ILE D 100 -27.18 -30.88 7.77
C ILE D 100 -25.87 -31.10 7.00
N ARG D 101 -25.19 -30.00 6.70
CA ARG D 101 -24.03 -30.01 5.82
C ARG D 101 -22.80 -29.59 6.59
N ARG D 102 -21.81 -30.48 6.64
CA ARG D 102 -20.53 -30.18 7.28
C ARG D 102 -19.49 -31.13 6.76
N ALA D 103 -18.25 -30.62 6.64
CA ALA D 103 -17.16 -31.28 5.94
C ALA D 103 -17.49 -31.52 4.47
N SER D 104 -18.31 -30.66 3.89
CA SER D 104 -18.78 -30.78 2.51
C SER D 104 -19.43 -32.15 2.27
N THR D 105 -20.52 -32.37 3.02
CA THR D 105 -21.13 -33.69 3.10
C THR D 105 -22.48 -33.55 3.79
N TRP D 106 -23.47 -34.30 3.30
CA TRP D 106 -24.80 -34.31 3.89
C TRP D 106 -24.94 -35.46 4.86
N SER D 107 -25.40 -35.16 6.08
CA SER D 107 -25.64 -36.15 7.11
C SER D 107 -26.98 -35.87 7.78
N ALA D 108 -27.66 -36.92 8.19
CA ALA D 108 -28.96 -36.82 8.84
C ALA D 108 -28.76 -36.93 10.35
N ASP D 109 -28.98 -35.82 11.06
CA ASP D 109 -28.73 -35.77 12.49
C ASP D 109 -29.98 -35.98 13.34
N LEU D 110 -31.16 -35.71 12.80
CA LEU D 110 -32.40 -35.86 13.54
C LEU D 110 -33.36 -36.72 12.72
N TRP D 111 -33.84 -37.79 13.33
CA TRP D 111 -34.79 -38.71 12.71
C TRP D 111 -36.13 -38.60 13.41
N GLY D 112 -37.07 -39.46 13.01
CA GLY D 112 -38.40 -39.45 13.56
C GLY D 112 -38.89 -40.85 13.84
N ARG D 113 -40.12 -40.94 14.37
CA ARG D 113 -40.67 -42.22 14.76
C ARG D 113 -40.84 -43.15 13.57
N GLY D 114 -41.35 -42.63 12.45
CA GLY D 114 -41.58 -43.43 11.27
C GLY D 114 -42.94 -44.10 11.30
N THR D 115 -43.69 -44.00 10.20
CA THR D 115 -45.03 -44.58 10.14
C THR D 115 -45.04 -45.79 9.20
N LEU D 116 -46.07 -46.63 9.38
CA LEU D 116 -46.18 -47.89 8.65
C LEU D 116 -47.27 -47.80 7.59
N VAL D 117 -46.95 -48.26 6.38
CA VAL D 117 -47.91 -48.33 5.29
C VAL D 117 -47.97 -49.78 4.81
N THR D 118 -49.18 -50.32 4.72
CA THR D 118 -49.43 -51.71 4.31
C THR D 118 -50.33 -51.70 3.08
N VAL D 119 -49.79 -52.13 1.95
CA VAL D 119 -50.53 -52.23 0.70
C VAL D 119 -50.82 -53.70 0.44
N SER D 120 -52.10 -54.05 0.33
CA SER D 120 -52.50 -55.43 0.13
C SER D 120 -53.95 -55.44 -0.33
N SER D 121 -54.38 -56.59 -0.84
CA SER D 121 -55.74 -56.83 -1.29
C SER D 121 -56.33 -57.95 -0.44
N ALA D 122 -56.90 -57.57 0.70
CA ALA D 122 -57.52 -58.53 1.61
C ALA D 122 -58.51 -57.80 2.50
N SER D 123 -59.39 -58.57 3.12
CA SER D 123 -60.40 -58.07 4.03
C SER D 123 -60.14 -58.65 5.42
N THR D 124 -60.94 -58.22 6.39
CA THR D 124 -60.78 -58.66 7.77
C THR D 124 -61.19 -60.12 7.90
N LYS D 125 -60.22 -60.99 8.17
CA LYS D 125 -60.46 -62.43 8.32
C LYS D 125 -59.98 -62.87 9.69
N GLY D 126 -60.82 -63.63 10.39
CA GLY D 126 -60.51 -64.07 11.72
C GLY D 126 -59.42 -65.11 11.79
N PRO D 127 -58.72 -65.19 12.92
CA PRO D 127 -57.64 -66.16 13.06
C PRO D 127 -58.19 -67.57 13.30
N SER D 128 -57.71 -68.51 12.50
CA SER D 128 -58.04 -69.92 12.68
C SER D 128 -57.03 -70.54 13.62
N VAL D 129 -57.50 -71.12 14.72
CA VAL D 129 -56.65 -71.64 15.79
C VAL D 129 -56.68 -73.16 15.74
N PHE D 130 -55.50 -73.77 15.73
CA PHE D 130 -55.35 -75.21 15.67
C PHE D 130 -54.34 -75.66 16.72
N PRO D 131 -54.48 -76.89 17.23
CA PRO D 131 -53.50 -77.41 18.19
C PRO D 131 -52.39 -78.21 17.54
N LEU D 132 -51.17 -78.03 18.06
CA LEU D 132 -49.96 -78.64 17.51
C LEU D 132 -49.41 -79.63 18.54
N ALA D 133 -49.84 -80.88 18.42
CA ALA D 133 -49.35 -81.95 19.29
C ALA D 133 -49.51 -83.31 18.60
N GLY D 147 -48.16 -76.66 21.65
CA GLY D 147 -48.28 -76.05 20.34
C GLY D 147 -49.61 -75.35 20.11
N CYS D 148 -49.58 -74.29 19.31
CA CYS D 148 -50.78 -73.52 19.01
C CYS D 148 -50.53 -72.74 17.72
N LEU D 149 -51.24 -73.09 16.65
CA LEU D 149 -51.04 -72.51 15.33
C LEU D 149 -52.17 -71.55 15.01
N VAL D 150 -51.83 -70.37 14.52
CA VAL D 150 -52.81 -69.38 14.09
C VAL D 150 -52.60 -69.13 12.60
N LYS D 151 -53.67 -69.25 11.82
CA LYS D 151 -53.58 -69.14 10.37
C LYS D 151 -54.66 -68.22 9.83
N ASP D 152 -54.33 -67.53 8.74
CA ASP D 152 -55.31 -66.79 7.92
C ASP D 152 -56.00 -65.68 8.71
N TYR D 153 -55.20 -64.73 9.17
CA TYR D 153 -55.70 -63.51 9.78
C TYR D 153 -55.01 -62.32 9.13
N PHE D 154 -55.80 -61.35 8.67
CA PHE D 154 -55.24 -60.28 7.85
C PHE D 154 -54.45 -59.24 8.65
N PRO D 155 -55.04 -58.57 9.64
CA PRO D 155 -54.26 -57.57 10.39
C PRO D 155 -53.07 -58.21 11.09
N GLU D 156 -51.95 -57.48 11.11
CA GLU D 156 -50.71 -58.05 11.62
C GLU D 156 -50.76 -58.45 13.09
N PRO D 157 -51.20 -57.61 14.02
CA PRO D 157 -51.07 -57.99 15.44
C PRO D 157 -52.08 -59.03 15.86
N VAL D 158 -51.62 -59.96 16.71
CA VAL D 158 -52.48 -60.96 17.35
C VAL D 158 -51.81 -61.38 18.64
N THR D 159 -52.61 -61.58 19.68
CA THR D 159 -52.11 -61.89 21.01
C THR D 159 -52.19 -63.39 21.26
N VAL D 160 -51.10 -63.98 21.73
CA VAL D 160 -51.04 -65.39 22.06
C VAL D 160 -50.54 -65.53 23.49
N SER D 161 -51.22 -66.36 24.28
CA SER D 161 -50.80 -66.62 25.64
C SER D 161 -51.15 -68.06 26.01
N TRP D 162 -50.52 -68.54 27.07
CA TRP D 162 -50.79 -69.87 27.62
C TRP D 162 -51.56 -69.71 28.92
N ASN D 163 -52.80 -70.21 28.94
CA ASN D 163 -53.63 -70.24 30.15
C ASN D 163 -53.77 -68.86 30.78
N SER D 164 -54.05 -67.87 29.93
CA SER D 164 -54.27 -66.48 30.37
C SER D 164 -53.09 -65.95 31.18
N GLY D 165 -51.88 -66.24 30.71
CA GLY D 165 -50.68 -65.77 31.39
C GLY D 165 -50.23 -66.62 32.55
N ALA D 166 -50.85 -67.78 32.78
CA ALA D 166 -50.40 -68.65 33.86
C ALA D 166 -49.01 -69.22 33.59
N LEU D 167 -48.73 -69.59 32.34
CA LEU D 167 -47.46 -70.20 31.97
C LEU D 167 -46.55 -69.15 31.35
N THR D 168 -45.29 -69.10 31.82
CA THR D 168 -44.35 -68.10 31.35
C THR D 168 -42.95 -68.65 31.12
N SER D 169 -42.75 -69.96 31.20
CA SER D 169 -41.43 -70.56 31.05
C SER D 169 -41.37 -71.35 29.75
N GLY D 170 -40.37 -71.05 28.92
CA GLY D 170 -40.20 -71.76 27.67
C GLY D 170 -41.24 -71.45 26.62
N VAL D 171 -41.92 -70.32 26.73
CA VAL D 171 -42.95 -69.93 25.77
C VAL D 171 -42.29 -69.12 24.67
N HIS D 172 -42.03 -69.76 23.54
CA HIS D 172 -41.45 -69.11 22.37
C HIS D 172 -42.54 -68.81 21.37
N THR D 173 -42.59 -67.56 20.91
CA THR D 173 -43.44 -67.17 19.79
C THR D 173 -42.55 -66.78 18.62
N PHE D 174 -42.91 -67.21 17.45
CA PHE D 174 -42.08 -67.01 16.27
C PHE D 174 -42.67 -65.90 15.40
N PRO D 175 -41.81 -65.16 14.69
CA PRO D 175 -42.29 -64.02 13.92
C PRO D 175 -43.31 -64.41 12.87
N ALA D 176 -44.33 -63.56 12.70
CA ALA D 176 -45.35 -63.79 11.70
C ALA D 176 -44.75 -63.67 10.30
N VAL D 177 -45.13 -64.59 9.42
CA VAL D 177 -44.63 -64.63 8.05
C VAL D 177 -45.80 -64.48 7.10
N LEU D 178 -45.61 -63.68 6.07
CA LEU D 178 -46.63 -63.48 5.04
C LEU D 178 -46.45 -64.54 3.96
N GLN D 179 -47.44 -65.40 3.82
CA GLN D 179 -47.45 -66.40 2.77
C GLN D 179 -47.99 -65.79 1.47
N SER D 180 -48.11 -66.62 0.43
CA SER D 180 -48.55 -66.12 -0.87
C SER D 180 -50.01 -65.74 -0.88
N SER D 181 -50.81 -66.28 0.04
CA SER D 181 -52.25 -66.02 0.02
C SER D 181 -52.62 -64.62 0.49
N GLY D 182 -51.68 -63.87 1.06
CA GLY D 182 -51.98 -62.56 1.58
C GLY D 182 -52.54 -62.53 2.99
N LEU D 183 -52.51 -63.66 3.70
CA LEU D 183 -52.99 -63.74 5.07
C LEU D 183 -51.87 -64.30 5.96
N TYR D 184 -51.70 -63.70 7.14
CA TYR D 184 -50.58 -64.03 7.99
C TYR D 184 -50.84 -65.33 8.76
N SER D 185 -49.75 -65.88 9.31
CA SER D 185 -49.84 -67.06 10.15
C SER D 185 -48.63 -67.10 11.07
N LEU D 186 -48.79 -67.74 12.22
CA LEU D 186 -47.68 -67.94 13.14
C LEU D 186 -47.96 -69.16 14.01
N SER D 187 -46.97 -69.50 14.83
CA SER D 187 -47.06 -70.62 15.75
C SER D 187 -46.52 -70.20 17.10
N SER D 188 -46.98 -70.88 18.15
CA SER D 188 -46.46 -70.69 19.50
C SER D 188 -46.28 -72.05 20.15
N VAL D 189 -45.11 -72.27 20.75
CA VAL D 189 -44.78 -73.58 21.31
C VAL D 189 -44.46 -73.44 22.80
N VAL D 190 -44.11 -74.55 23.43
CA VAL D 190 -43.78 -74.57 24.85
C VAL D 190 -43.00 -75.85 25.14
N THR D 191 -42.19 -75.82 26.19
CA THR D 191 -41.43 -76.97 26.63
C THR D 191 -41.96 -77.46 27.98
N VAL D 192 -41.96 -78.78 28.15
CA VAL D 192 -42.52 -79.40 29.35
C VAL D 192 -41.98 -80.83 29.47
N PRO D 193 -41.65 -81.30 30.68
CA PRO D 193 -41.20 -82.69 30.85
C PRO D 193 -42.29 -83.72 30.60
N SER D 194 -41.98 -84.99 30.81
CA SER D 194 -42.88 -86.07 30.39
C SER D 194 -44.13 -86.15 31.25
N SER D 195 -44.00 -85.99 32.57
CA SER D 195 -45.10 -86.30 33.48
C SER D 195 -46.27 -85.33 33.29
N SER D 196 -46.00 -84.03 33.31
CA SER D 196 -47.05 -83.01 33.32
C SER D 196 -47.92 -83.06 32.06
N LEU D 197 -47.55 -83.92 31.10
CA LEU D 197 -48.41 -84.13 29.94
C LEU D 197 -49.75 -84.71 30.35
N GLY D 198 -49.74 -85.64 31.31
CA GLY D 198 -50.97 -86.31 31.68
C GLY D 198 -51.61 -85.77 32.95
N THR D 199 -51.24 -84.56 33.35
CA THR D 199 -51.71 -83.99 34.61
C THR D 199 -52.69 -82.84 34.39
N GLN D 200 -52.30 -81.81 33.64
CA GLN D 200 -53.14 -80.63 33.43
C GLN D 200 -53.33 -80.41 31.94
N THR D 201 -54.58 -80.21 31.53
CA THR D 201 -54.85 -79.80 30.16
C THR D 201 -54.40 -78.36 29.95
N TYR D 202 -53.93 -78.07 28.74
CA TYR D 202 -53.42 -76.75 28.41
C TYR D 202 -54.33 -76.06 27.41
N ILE D 203 -54.43 -74.74 27.54
CA ILE D 203 -55.32 -73.93 26.72
C ILE D 203 -54.51 -72.78 26.13
N CYS D 204 -54.52 -72.67 24.81
CA CYS D 204 -53.91 -71.54 24.12
C CYS D 204 -54.96 -70.44 23.94
N ASN D 205 -54.63 -69.24 24.38
CA ASN D 205 -55.52 -68.09 24.27
C ASN D 205 -55.03 -67.21 23.13
N VAL D 206 -55.89 -67.04 22.12
CA VAL D 206 -55.59 -66.24 20.94
C VAL D 206 -56.59 -65.11 20.86
N ASN D 207 -56.10 -63.88 20.78
CA ASN D 207 -56.93 -62.69 20.84
C ASN D 207 -56.67 -61.83 19.61
N HIS D 208 -57.75 -61.42 18.95
CA HIS D 208 -57.69 -60.54 17.78
C HIS D 208 -58.76 -59.47 17.91
N LYS D 209 -58.34 -58.20 17.90
CA LYS D 209 -59.21 -57.07 18.17
C LYS D 209 -60.07 -56.63 16.99
N PRO D 210 -59.51 -56.35 15.78
CA PRO D 210 -60.35 -55.79 14.71
C PRO D 210 -61.47 -56.70 14.22
N SER D 211 -61.65 -57.85 14.86
CA SER D 211 -62.84 -58.66 14.63
C SER D 211 -63.36 -59.31 15.89
N ASN D 212 -62.77 -59.03 17.06
CA ASN D 212 -63.27 -59.50 18.35
C ASN D 212 -63.36 -61.02 18.40
N THR D 213 -62.19 -61.67 18.32
CA THR D 213 -62.09 -63.12 18.45
C THR D 213 -61.14 -63.43 19.60
N LYS D 214 -61.69 -63.91 20.71
CA LYS D 214 -60.92 -64.28 21.90
C LYS D 214 -61.15 -65.77 22.13
N VAL D 215 -60.34 -66.60 21.50
CA VAL D 215 -60.56 -68.04 21.49
C VAL D 215 -59.58 -68.70 22.45
N ASP D 216 -60.11 -69.45 23.41
CA ASP D 216 -59.32 -70.20 24.37
C ASP D 216 -59.48 -71.69 24.02
N LYS D 217 -58.55 -72.19 23.22
CA LYS D 217 -58.66 -73.53 22.65
C LYS D 217 -57.77 -74.50 23.43
N ARG D 218 -58.36 -75.61 23.87
CA ARG D 218 -57.64 -76.62 24.62
C ARG D 218 -56.92 -77.58 23.68
N VAL D 219 -55.79 -78.10 24.14
CA VAL D 219 -55.02 -79.09 23.39
C VAL D 219 -55.30 -80.47 23.97
N GLU D 220 -55.56 -81.43 23.09
CA GLU D 220 -55.83 -82.80 23.52
C GLU D 220 -54.65 -83.69 23.15
N PRO D 221 -53.90 -84.22 24.12
CA PRO D 221 -52.78 -85.08 23.79
C PRO D 221 -53.24 -86.37 23.12
N LYS D 222 -52.40 -86.88 22.22
CA LYS D 222 -52.70 -88.11 21.51
C LYS D 222 -51.46 -89.01 21.43
N ILE E 23 -23.11 -46.38 -7.75
CA ILE E 23 -21.98 -46.80 -6.94
C ILE E 23 -22.39 -48.00 -6.07
N GLN E 24 -21.54 -49.02 -6.04
CA GLN E 24 -21.78 -50.22 -5.27
C GLN E 24 -20.97 -50.18 -3.97
N MET E 25 -21.63 -50.50 -2.86
CA MET E 25 -21.01 -50.48 -1.55
C MET E 25 -21.09 -51.87 -0.95
N THR E 26 -19.95 -52.41 -0.51
CA THR E 26 -19.88 -53.76 0.03
C THR E 26 -19.53 -53.67 1.51
N GLN E 27 -20.34 -54.33 2.34
CA GLN E 27 -20.16 -54.34 3.79
C GLN E 27 -19.72 -55.74 4.21
N SER E 28 -18.70 -55.80 5.06
CA SER E 28 -18.18 -57.07 5.54
C SER E 28 -17.91 -56.99 7.04
N PRO E 29 -18.28 -58.03 7.79
CA PRO E 29 -19.06 -59.17 7.32
C PRO E 29 -20.55 -59.00 7.60
N SER E 30 -21.37 -59.94 7.11
CA SER E 30 -22.81 -59.84 7.30
C SER E 30 -23.19 -59.94 8.77
N SER E 31 -22.52 -60.80 9.53
CA SER E 31 -22.77 -60.93 10.96
C SER E 31 -21.53 -61.53 11.61
N LEU E 32 -20.97 -60.83 12.58
CA LEU E 32 -19.79 -61.29 13.30
C LEU E 32 -20.13 -61.44 14.78
N SER E 33 -19.41 -62.33 15.45
CA SER E 33 -19.69 -62.68 16.84
C SER E 33 -18.55 -62.21 17.73
N ALA E 34 -18.90 -61.50 18.80
CA ALA E 34 -17.93 -61.06 19.79
C ALA E 34 -18.64 -60.75 21.09
N SER E 35 -17.97 -61.05 22.20
CA SER E 35 -18.50 -60.87 23.54
C SER E 35 -18.05 -59.53 24.12
N VAL E 36 -18.49 -59.24 25.34
CA VAL E 36 -18.15 -57.99 26.00
C VAL E 36 -16.65 -57.95 26.30
N GLY E 37 -16.02 -56.82 25.98
CA GLY E 37 -14.62 -56.59 26.27
C GLY E 37 -13.69 -56.75 25.09
N ASP E 38 -14.12 -57.40 24.02
CA ASP E 38 -13.26 -57.65 22.87
C ASP E 38 -13.32 -56.47 21.90
N ARG E 39 -12.61 -56.60 20.78
CA ARG E 39 -12.54 -55.57 19.75
C ARG E 39 -13.19 -56.07 18.47
N VAL E 40 -14.00 -55.22 17.84
CA VAL E 40 -14.70 -55.58 16.61
C VAL E 40 -14.38 -54.57 15.52
N ILE E 41 -14.33 -55.07 14.29
CA ILE E 41 -13.99 -54.31 13.10
C ILE E 41 -15.05 -54.58 12.03
N ILE E 42 -15.58 -53.52 11.43
CA ILE E 42 -16.54 -53.63 10.33
C ILE E 42 -16.01 -52.82 9.16
N THR E 43 -16.11 -53.36 7.95
CA THR E 43 -15.51 -52.74 6.77
C THR E 43 -16.58 -52.40 5.75
N CYS E 44 -16.51 -51.19 5.20
CA CYS E 44 -17.33 -50.76 4.08
C CYS E 44 -16.41 -50.30 2.96
N ARG E 45 -16.53 -50.93 1.80
CA ARG E 45 -15.64 -50.62 0.68
C ARG E 45 -16.46 -50.27 -0.56
N ALA E 46 -15.86 -49.47 -1.43
CA ALA E 46 -16.54 -48.94 -2.60
C ALA E 46 -15.73 -49.24 -3.85
N SER E 47 -16.44 -49.40 -4.97
CA SER E 47 -15.79 -49.69 -6.24
C SER E 47 -14.94 -48.50 -6.69
N GLN E 48 -15.53 -47.31 -6.71
CA GLN E 48 -14.82 -46.10 -7.09
C GLN E 48 -14.21 -45.45 -5.85
N SER E 49 -13.71 -44.23 -6.01
CA SER E 49 -13.18 -43.45 -4.89
C SER E 49 -14.22 -42.40 -4.50
N ILE E 50 -14.61 -42.40 -3.23
CA ILE E 50 -15.56 -41.43 -2.70
C ILE E 50 -14.87 -40.43 -1.78
N SER E 51 -13.53 -40.34 -1.86
CA SER E 51 -12.72 -39.48 -1.00
C SER E 51 -12.96 -39.79 0.47
N SER E 52 -13.67 -38.91 1.16
CA SER E 52 -14.00 -39.07 2.57
C SER E 52 -15.47 -38.74 2.81
N SER E 53 -16.35 -39.33 2.00
CA SER E 53 -17.79 -39.09 2.06
C SER E 53 -18.46 -40.41 2.45
N LEU E 54 -18.60 -40.65 3.76
CA LEU E 54 -19.24 -41.87 4.24
C LEU E 54 -19.67 -41.66 5.68
N ASN E 55 -20.92 -42.03 5.98
CA ASN E 55 -21.49 -41.89 7.31
C ASN E 55 -21.83 -43.26 7.86
N TRP E 56 -21.73 -43.38 9.19
CA TRP E 56 -21.96 -44.64 9.89
C TRP E 56 -23.11 -44.47 10.86
N TYR E 57 -24.11 -45.33 10.73
CA TYR E 57 -25.34 -45.33 11.51
C TYR E 57 -25.48 -46.61 12.32
N GLN E 58 -26.08 -46.49 13.49
CA GLN E 58 -26.42 -47.63 14.34
C GLN E 58 -27.91 -47.57 14.66
N GLN E 59 -28.60 -48.69 14.43
CA GLN E 59 -30.05 -48.73 14.60
C GLN E 59 -30.45 -49.98 15.38
N LYS E 60 -31.25 -49.78 16.43
CA LYS E 60 -31.84 -50.80 17.29
C LYS E 60 -33.16 -51.30 16.68
N PRO E 61 -33.57 -52.53 17.01
CA PRO E 61 -34.81 -53.07 16.43
C PRO E 61 -36.01 -52.23 16.82
N GLY E 62 -36.75 -51.77 15.81
CA GLY E 62 -37.92 -50.96 16.05
C GLY E 62 -37.65 -49.56 16.51
N LYS E 63 -36.47 -49.02 16.22
CA LYS E 63 -36.10 -47.67 16.63
C LYS E 63 -35.49 -46.93 15.46
N ALA E 64 -35.59 -45.60 15.51
CA ALA E 64 -34.99 -44.77 14.47
C ALA E 64 -33.47 -44.86 14.54
N PRO E 65 -32.79 -44.93 13.41
CA PRO E 65 -31.32 -44.99 13.42
C PRO E 65 -30.71 -43.72 14.01
N LYS E 66 -29.53 -43.89 14.59
CA LYS E 66 -28.77 -42.81 15.20
C LYS E 66 -27.42 -42.70 14.51
N LEU E 67 -26.99 -41.47 14.24
CA LEU E 67 -25.73 -41.26 13.54
C LEU E 67 -24.56 -41.50 14.47
N LEU E 68 -23.66 -42.39 14.06
CA LEU E 68 -22.44 -42.68 14.81
C LEU E 68 -21.27 -41.83 14.34
N ILE E 69 -20.99 -41.82 13.04
CA ILE E 69 -19.80 -41.17 12.51
C ILE E 69 -20.15 -40.42 11.24
N TYR E 70 -19.64 -39.20 11.10
CA TYR E 70 -19.81 -38.43 9.89
C TYR E 70 -18.44 -38.01 9.35
N ALA E 71 -18.35 -37.96 8.02
CA ALA E 71 -17.11 -37.71 7.28
C ALA E 71 -16.05 -38.77 7.53
N ALA E 72 -16.46 -39.94 8.02
CA ALA E 72 -15.66 -41.15 8.10
C ALA E 72 -14.58 -41.08 9.18
N VAL E 73 -14.37 -39.90 9.76
CA VAL E 73 -13.45 -39.77 10.88
C VAL E 73 -14.13 -39.04 12.04
N ASN E 74 -14.84 -37.96 11.74
CA ASN E 74 -15.45 -37.16 12.80
C ASN E 74 -16.52 -37.96 13.52
N LEU E 75 -16.74 -37.62 14.78
CA LEU E 75 -17.60 -38.39 15.67
C LEU E 75 -18.72 -37.50 16.18
N GLU E 76 -19.95 -37.99 16.07
CA GLU E 76 -21.12 -37.22 16.46
C GLU E 76 -21.14 -36.97 17.96
N THR E 77 -21.52 -35.75 18.34
CA THR E 77 -21.59 -35.40 19.75
C THR E 77 -22.63 -36.26 20.46
N GLY E 78 -22.32 -36.66 21.69
CA GLY E 78 -23.17 -37.55 22.44
C GLY E 78 -22.94 -39.01 22.19
N VAL E 79 -21.80 -39.37 21.61
CA VAL E 79 -21.48 -40.77 21.29
C VAL E 79 -20.24 -41.17 22.09
N PRO E 80 -20.21 -42.35 22.69
CA PRO E 80 -19.03 -42.77 23.45
C PRO E 80 -17.79 -42.84 22.58
N SER E 81 -16.64 -42.57 23.19
CA SER E 81 -15.39 -42.46 22.47
C SER E 81 -14.85 -43.79 21.95
N ARG E 82 -15.45 -44.92 22.34
CA ARG E 82 -14.94 -46.21 21.91
C ARG E 82 -15.16 -46.46 20.42
N PHE E 83 -16.04 -45.70 19.78
CA PHE E 83 -16.26 -45.83 18.34
C PHE E 83 -15.21 -45.05 17.58
N SER E 84 -14.53 -45.72 16.64
CA SER E 84 -13.49 -45.08 15.83
C SER E 84 -13.79 -45.31 14.36
N GLY E 85 -13.57 -44.29 13.56
CA GLY E 85 -13.75 -44.38 12.12
C GLY E 85 -12.46 -44.02 11.40
N SER E 86 -12.12 -44.79 10.37
CA SER E 86 -10.88 -44.55 9.65
C SER E 86 -11.05 -44.97 8.20
N GLY E 87 -10.08 -44.60 7.38
CA GLY E 87 -10.03 -45.02 6.00
C GLY E 87 -10.03 -43.85 5.04
N PHE E 88 -9.88 -44.20 3.76
CA PHE E 88 -9.83 -43.21 2.70
C PHE E 88 -10.12 -43.91 1.37
N GLY E 89 -10.43 -43.10 0.36
CA GLY E 89 -10.59 -43.60 -0.98
C GLY E 89 -11.63 -44.69 -1.12
N THR E 90 -11.17 -45.92 -1.33
CA THR E 90 -12.04 -47.05 -1.59
C THR E 90 -12.22 -47.95 -0.38
N ASP E 91 -11.72 -47.57 0.79
CA ASP E 91 -11.86 -48.40 1.98
C ASP E 91 -12.23 -47.56 3.18
N PHE E 92 -13.11 -48.08 4.03
CA PHE E 92 -13.46 -47.40 5.27
C PHE E 92 -13.75 -48.46 6.34
N THR E 93 -13.42 -48.12 7.59
CA THR E 93 -13.45 -49.08 8.67
C THR E 93 -13.98 -48.46 9.95
N LEU E 94 -14.88 -49.17 10.62
CA LEU E 94 -15.39 -48.80 11.94
C LEU E 94 -14.87 -49.79 12.97
N ALA E 95 -14.36 -49.27 14.08
CA ALA E 95 -13.74 -50.08 15.12
C ALA E 95 -14.40 -49.79 16.46
N ILE E 96 -14.68 -50.85 17.22
CA ILE E 96 -15.15 -50.73 18.59
C ILE E 96 -14.18 -51.50 19.48
N SER E 97 -13.67 -50.84 20.51
CA SER E 97 -12.61 -51.42 21.33
C SER E 97 -13.12 -52.19 22.53
N ASN E 98 -14.25 -51.78 23.12
CA ASN E 98 -14.78 -52.44 24.30
C ASN E 98 -16.30 -52.36 24.23
N VAL E 99 -16.93 -53.41 23.73
CA VAL E 99 -18.37 -53.39 23.49
C VAL E 99 -19.12 -53.55 24.82
N GLN E 100 -20.08 -52.68 25.04
CA GLN E 100 -20.98 -52.71 26.18
C GLN E 100 -22.28 -53.40 25.79
N PRO E 101 -23.10 -53.79 26.76
CA PRO E 101 -24.38 -54.44 26.41
C PRO E 101 -25.31 -53.56 25.58
N GLU E 102 -25.18 -52.24 25.67
CA GLU E 102 -26.03 -51.32 24.92
C GLU E 102 -25.47 -51.01 23.54
N ASP E 103 -24.62 -51.88 23.00
CA ASP E 103 -23.99 -51.67 21.70
C ASP E 103 -24.16 -52.89 20.81
N PHE E 104 -25.35 -53.50 20.85
CA PHE E 104 -25.70 -54.60 19.96
C PHE E 104 -26.87 -54.13 19.10
N ALA E 105 -26.60 -53.85 17.83
CA ALA E 105 -27.60 -53.30 16.93
C ALA E 105 -27.13 -53.53 15.49
N THR E 106 -27.79 -52.88 14.54
CA THR E 106 -27.48 -53.02 13.13
C THR E 106 -26.74 -51.77 12.64
N TYR E 107 -25.62 -51.98 11.96
CA TYR E 107 -24.75 -50.91 11.52
C TYR E 107 -24.85 -50.73 10.02
N TYR E 108 -24.95 -49.47 9.58
CA TYR E 108 -25.12 -49.13 8.18
C TYR E 108 -24.08 -48.11 7.75
N CYS E 109 -23.53 -48.28 6.55
CA CYS E 109 -22.63 -47.31 5.93
C CYS E 109 -23.33 -46.67 4.75
N GLN E 110 -23.31 -45.33 4.72
CA GLN E 110 -24.01 -44.55 3.70
C GLN E 110 -22.99 -43.68 2.96
N GLN E 111 -23.13 -43.61 1.64
CA GLN E 111 -22.25 -42.81 0.80
C GLN E 111 -22.96 -41.49 0.56
N SER E 112 -22.44 -40.41 1.14
CA SER E 112 -23.22 -39.20 1.32
C SER E 112 -23.60 -38.51 0.01
N ASP E 113 -22.76 -38.62 -1.02
CA ASP E 113 -23.06 -37.93 -2.27
C ASP E 113 -24.30 -38.50 -2.94
N THR E 114 -24.36 -39.82 -3.11
CA THR E 114 -25.51 -40.46 -3.72
C THR E 114 -26.55 -40.92 -2.71
N ARG E 115 -26.24 -40.89 -1.42
CA ARG E 115 -27.17 -41.22 -0.34
C ARG E 115 -27.73 -42.63 -0.50
N THR E 116 -26.82 -43.60 -0.51
CA THR E 116 -27.17 -45.01 -0.63
C THR E 116 -26.62 -45.77 0.57
N PHE E 117 -27.45 -46.61 1.17
CA PHE E 117 -27.08 -47.38 2.33
C PHE E 117 -26.47 -48.72 1.92
N GLY E 118 -25.80 -49.38 2.86
CA GLY E 118 -25.23 -50.67 2.64
C GLY E 118 -26.17 -51.80 3.06
N ARG E 119 -25.67 -53.03 2.95
CA ARG E 119 -26.48 -54.19 3.27
C ARG E 119 -26.81 -54.24 4.76
N GLY E 120 -25.81 -54.08 5.61
CA GLY E 120 -26.04 -54.11 7.05
C GLY E 120 -25.34 -55.24 7.76
N THR E 121 -24.86 -54.97 8.98
CA THR E 121 -24.16 -55.95 9.79
C THR E 121 -24.84 -56.09 11.13
N LYS E 122 -25.14 -57.31 11.53
CA LYS E 122 -25.77 -57.61 12.81
C LYS E 122 -24.71 -58.05 13.81
N LEU E 123 -24.87 -57.61 15.06
CA LEU E 123 -23.91 -57.88 16.12
C LEU E 123 -24.60 -58.65 17.24
N ASP E 124 -24.02 -59.78 17.63
CA ASP E 124 -24.62 -60.67 18.61
C ASP E 124 -23.57 -61.09 19.64
N VAL E 125 -24.07 -61.52 20.81
CA VAL E 125 -23.22 -61.94 21.91
C VAL E 125 -22.56 -63.27 21.56
N LYS E 126 -21.57 -63.67 22.34
CA LYS E 126 -20.79 -64.87 22.08
C LYS E 126 -21.11 -65.95 23.10
N ARG E 127 -21.13 -67.20 22.64
CA ARG E 127 -21.43 -68.34 23.48
C ARG E 127 -20.85 -69.58 22.82
N THR E 128 -20.58 -70.59 23.63
CA THR E 128 -20.05 -71.85 23.12
C THR E 128 -21.11 -72.58 22.30
N VAL E 129 -20.65 -73.55 21.51
CA VAL E 129 -21.54 -74.27 20.62
C VAL E 129 -22.56 -75.04 21.45
N ALA E 130 -23.84 -74.88 21.12
CA ALA E 130 -24.93 -75.56 21.79
C ALA E 130 -25.79 -76.27 20.76
N ALA E 131 -26.06 -77.55 21.01
CA ALA E 131 -26.88 -78.35 20.10
C ALA E 131 -28.35 -77.97 20.21
N PRO E 132 -29.09 -78.02 19.11
CA PRO E 132 -30.53 -77.73 19.15
C PRO E 132 -31.36 -78.95 19.52
N SER E 133 -32.65 -78.70 19.72
CA SER E 133 -33.64 -79.74 19.93
C SER E 133 -34.59 -79.75 18.74
N VAL E 134 -34.91 -80.94 18.24
CA VAL E 134 -35.69 -81.09 17.01
C VAL E 134 -37.00 -81.80 17.35
N PHE E 135 -38.12 -81.14 17.05
CA PHE E 135 -39.45 -81.71 17.21
C PHE E 135 -40.17 -81.67 15.87
N ILE E 136 -41.18 -82.53 15.72
CA ILE E 136 -42.04 -82.54 14.55
C ILE E 136 -43.50 -82.56 15.01
N PHE E 137 -44.35 -81.79 14.33
CA PHE E 137 -45.77 -81.81 14.60
C PHE E 137 -46.53 -81.98 13.29
N PRO E 138 -47.40 -82.99 13.21
CA PRO E 138 -48.17 -83.23 12.00
C PRO E 138 -49.45 -82.41 12.00
N PRO E 139 -50.27 -82.49 10.95
CA PRO E 139 -51.53 -81.74 10.95
C PRO E 139 -52.51 -82.23 12.01
N SER E 140 -53.38 -81.32 12.45
CA SER E 140 -54.35 -81.59 13.50
C SER E 140 -55.60 -82.23 12.88
N ASP E 141 -56.67 -82.32 13.68
CA ASP E 141 -57.88 -83.00 13.22
C ASP E 141 -58.69 -82.13 12.26
N GLU E 142 -59.17 -80.98 12.72
CA GLU E 142 -59.91 -80.07 11.84
C GLU E 142 -59.03 -79.51 10.74
N GLN E 143 -57.71 -79.52 10.93
CA GLN E 143 -56.79 -79.03 9.90
C GLN E 143 -56.84 -79.91 8.66
N LEU E 144 -57.06 -81.22 8.84
CA LEU E 144 -57.26 -82.09 7.68
C LEU E 144 -58.55 -81.76 6.96
N LYS E 145 -59.63 -81.50 7.71
CA LYS E 145 -60.87 -81.07 7.10
C LYS E 145 -60.73 -79.72 6.41
N SER E 146 -59.75 -78.92 6.81
CA SER E 146 -59.54 -77.63 6.17
C SER E 146 -59.15 -77.79 4.70
N GLY E 147 -58.51 -78.90 4.35
CA GLY E 147 -58.14 -79.16 2.98
C GLY E 147 -56.69 -78.88 2.62
N THR E 148 -55.89 -78.40 3.57
CA THR E 148 -54.48 -78.12 3.32
C THR E 148 -53.70 -78.44 4.58
N ALA E 149 -52.83 -79.44 4.52
CA ALA E 149 -52.11 -79.92 5.69
C ALA E 149 -50.78 -79.20 5.83
N SER E 150 -50.47 -78.74 7.04
CA SER E 150 -49.22 -78.06 7.34
C SER E 150 -48.49 -78.83 8.43
N VAL E 151 -47.26 -79.24 8.13
CA VAL E 151 -46.40 -79.94 9.08
C VAL E 151 -45.29 -79.00 9.51
N VAL E 152 -44.98 -78.98 10.80
CA VAL E 152 -44.04 -78.02 11.35
C VAL E 152 -42.89 -78.73 12.04
N CYS E 153 -41.67 -78.42 11.62
CA CYS E 153 -40.46 -78.91 12.25
C CYS E 153 -39.86 -77.77 13.08
N LEU E 154 -39.62 -78.04 14.36
CA LEU E 154 -39.22 -77.03 15.33
C LEU E 154 -37.82 -77.31 15.82
N LEU E 155 -36.97 -76.27 15.75
CA LEU E 155 -35.64 -76.28 16.34
C LEU E 155 -35.65 -75.34 17.54
N ASN E 156 -35.06 -75.78 18.65
CA ASN E 156 -35.06 -74.98 19.86
C ASN E 156 -33.65 -74.90 20.44
N ASN E 157 -33.29 -73.70 20.93
CA ASN E 157 -32.10 -73.49 21.76
C ASN E 157 -30.82 -73.93 21.04
N PHE E 158 -30.52 -73.21 19.96
CA PHE E 158 -29.32 -73.47 19.18
C PHE E 158 -28.50 -72.19 19.02
N TYR E 159 -27.21 -72.38 18.74
CA TYR E 159 -26.26 -71.31 18.49
C TYR E 159 -25.07 -71.90 17.76
N PRO E 160 -24.56 -71.26 16.69
CA PRO E 160 -24.99 -69.98 16.10
C PRO E 160 -26.27 -70.09 15.27
N ARG E 161 -26.76 -68.94 14.80
CA ARG E 161 -28.01 -68.89 14.06
C ARG E 161 -27.94 -69.66 12.74
N GLU E 162 -26.74 -69.86 12.20
CA GLU E 162 -26.59 -70.55 10.92
C GLU E 162 -27.04 -72.00 11.06
N ALA E 163 -28.19 -72.31 10.47
CA ALA E 163 -28.73 -73.66 10.49
C ALA E 163 -29.60 -73.85 9.26
N LYS E 164 -29.50 -75.03 8.64
CA LYS E 164 -30.22 -75.32 7.41
C LYS E 164 -31.25 -76.42 7.64
N VAL E 165 -32.40 -76.28 6.99
CA VAL E 165 -33.48 -77.24 7.10
C VAL E 165 -33.87 -77.71 5.71
N GLN E 166 -34.19 -79.00 5.60
CA GLN E 166 -34.62 -79.60 4.34
C GLN E 166 -35.77 -80.55 4.59
N TRP E 167 -36.56 -80.81 3.56
CA TRP E 167 -37.74 -81.65 3.64
C TRP E 167 -37.60 -82.85 2.72
N LYS E 168 -37.88 -84.04 3.24
CA LYS E 168 -37.87 -85.27 2.46
C LYS E 168 -39.27 -85.86 2.44
N VAL E 169 -39.79 -86.10 1.24
CA VAL E 169 -41.11 -86.68 1.03
C VAL E 169 -40.91 -88.08 0.46
N ASP E 170 -41.63 -89.05 1.03
CA ASP E 170 -41.46 -90.46 0.69
C ASP E 170 -40.01 -90.87 0.91
N ASN E 171 -39.26 -91.10 -0.16
CA ASN E 171 -37.86 -91.45 0.00
C ASN E 171 -36.98 -90.21 0.15
N ALA E 172 -36.92 -89.38 -0.89
CA ALA E 172 -36.09 -88.18 -0.88
C ALA E 172 -36.47 -87.27 -2.04
N LEU E 173 -36.69 -86.00 -1.76
CA LEU E 173 -37.15 -85.03 -2.75
C LEU E 173 -36.94 -83.64 -2.16
N GLN E 174 -37.46 -82.62 -2.86
CA GLN E 174 -37.42 -81.24 -2.38
C GLN E 174 -38.74 -80.59 -2.71
N SER E 175 -39.55 -80.29 -1.68
CA SER E 175 -40.86 -79.70 -1.91
C SER E 175 -40.76 -78.33 -2.56
N GLY E 176 -39.84 -77.49 -2.09
CA GLY E 176 -39.63 -76.18 -2.65
C GLY E 176 -40.51 -75.08 -2.10
N ASN E 177 -41.45 -75.39 -1.22
CA ASN E 177 -42.32 -74.40 -0.59
C ASN E 177 -42.33 -74.62 0.92
N SER E 178 -41.36 -74.02 1.61
CA SER E 178 -41.27 -74.10 3.06
C SER E 178 -41.02 -72.70 3.62
N GLN E 179 -41.66 -72.40 4.75
CA GLN E 179 -41.53 -71.10 5.40
C GLN E 179 -40.74 -71.25 6.68
N GLU E 180 -39.72 -70.39 6.85
CA GLU E 180 -38.82 -70.45 7.98
C GLU E 180 -38.90 -69.16 8.79
N SER E 181 -38.93 -69.30 10.11
CA SER E 181 -38.96 -68.16 11.02
C SER E 181 -37.93 -68.36 12.12
N VAL E 182 -37.23 -67.29 12.49
CA VAL E 182 -36.21 -67.33 13.52
C VAL E 182 -36.54 -66.27 14.56
N THR E 183 -36.39 -66.62 15.84
CA THR E 183 -36.71 -65.67 16.89
C THR E 183 -35.50 -64.80 17.20
N GLU E 184 -35.77 -63.71 17.92
CA GLU E 184 -34.70 -62.82 18.34
C GLU E 184 -33.90 -63.48 19.47
N GLN E 185 -32.66 -63.03 19.62
CA GLN E 185 -31.79 -63.60 20.64
C GLN E 185 -32.34 -63.30 22.02
N ASP E 186 -32.34 -64.31 22.89
CA ASP E 186 -32.96 -64.18 24.20
C ASP E 186 -32.14 -63.25 25.09
N SER E 187 -32.81 -62.70 26.10
CA SER E 187 -32.17 -61.80 27.05
C SER E 187 -31.59 -62.53 28.27
N LYS E 188 -31.88 -63.81 28.42
CA LYS E 188 -31.39 -64.58 29.57
C LYS E 188 -30.28 -65.54 29.18
N ASP E 189 -30.54 -66.44 28.22
CA ASP E 189 -29.53 -67.38 27.75
C ASP E 189 -29.03 -67.06 26.35
N SER E 190 -29.70 -66.18 25.62
CA SER E 190 -29.26 -65.68 24.31
C SER E 190 -29.09 -66.83 23.31
N THR E 191 -30.22 -67.46 22.99
CA THR E 191 -30.24 -68.51 21.98
C THR E 191 -31.43 -68.27 21.04
N TYR E 192 -31.59 -69.17 20.07
CA TYR E 192 -32.54 -68.99 18.98
C TYR E 192 -33.49 -70.18 18.89
N SER E 193 -34.68 -69.92 18.35
CA SER E 193 -35.67 -70.94 18.06
C SER E 193 -36.15 -70.77 16.62
N LEU E 194 -36.13 -71.86 15.86
CA LEU E 194 -36.45 -71.85 14.44
C LEU E 194 -37.70 -72.67 14.19
N SER E 195 -38.57 -72.17 13.32
CA SER E 195 -39.82 -72.84 12.96
C SER E 195 -39.87 -73.01 11.45
N SER E 196 -40.16 -74.22 10.99
CA SER E 196 -40.30 -74.48 9.57
C SER E 196 -41.68 -75.09 9.32
N THR E 197 -42.43 -74.48 8.41
CA THR E 197 -43.78 -74.91 8.08
C THR E 197 -43.84 -75.32 6.62
N LEU E 198 -44.38 -76.50 6.37
CA LEU E 198 -44.58 -77.01 5.02
C LEU E 198 -46.06 -77.27 4.82
N THR E 199 -46.65 -76.62 3.81
CA THR E 199 -48.07 -76.70 3.53
C THR E 199 -48.29 -77.38 2.20
N LEU E 200 -49.21 -78.34 2.16
CA LEU E 200 -49.49 -79.11 0.96
C LEU E 200 -50.98 -79.43 0.89
N SER E 201 -51.51 -79.40 -0.33
CA SER E 201 -52.91 -79.77 -0.55
C SER E 201 -53.12 -81.25 -0.26
N LYS E 202 -54.33 -81.59 0.18
CA LYS E 202 -54.64 -82.96 0.53
C LYS E 202 -54.52 -83.91 -0.66
N ALA E 203 -54.62 -83.38 -1.88
CA ALA E 203 -54.47 -84.22 -3.06
C ALA E 203 -53.07 -84.84 -3.12
N ASP E 204 -52.04 -84.06 -2.77
CA ASP E 204 -50.68 -84.56 -2.77
C ASP E 204 -50.27 -85.19 -1.45
N TYR E 205 -50.88 -84.75 -0.34
CA TYR E 205 -50.52 -85.31 0.96
C TYR E 205 -50.91 -86.77 1.06
N GLU E 206 -52.09 -87.13 0.58
CA GLU E 206 -52.58 -88.50 0.73
C GLU E 206 -51.77 -89.48 -0.11
N LYS E 207 -51.14 -89.02 -1.18
CA LYS E 207 -50.42 -89.88 -2.11
C LYS E 207 -48.94 -89.98 -1.80
N HIS E 208 -48.55 -89.84 -0.53
CA HIS E 208 -47.20 -90.08 -0.08
C HIS E 208 -47.22 -90.85 1.23
N LYS E 209 -46.05 -91.34 1.64
CA LYS E 209 -45.95 -92.21 2.81
C LYS E 209 -45.10 -91.62 3.92
N VAL E 210 -43.86 -91.23 3.63
CA VAL E 210 -42.88 -90.86 4.65
C VAL E 210 -42.57 -89.37 4.53
N TYR E 211 -42.61 -88.65 5.65
CA TYR E 211 -42.30 -87.24 5.67
C TYR E 211 -41.27 -86.98 6.76
N ALA E 212 -40.17 -86.31 6.40
CA ALA E 212 -39.09 -86.09 7.35
C ALA E 212 -38.50 -84.70 7.18
N CYS E 213 -37.98 -84.15 8.28
CA CYS E 213 -37.21 -82.91 8.25
C CYS E 213 -35.77 -83.21 8.62
N GLU E 214 -34.85 -82.75 7.78
CA GLU E 214 -33.41 -82.83 7.96
C GLU E 214 -32.88 -81.50 8.46
N VAL E 215 -32.04 -81.54 9.49
CA VAL E 215 -31.50 -80.31 10.07
C VAL E 215 -29.98 -80.41 10.11
N THR E 216 -29.31 -79.34 9.68
CA THR E 216 -27.86 -79.27 9.68
C THR E 216 -27.41 -78.03 10.43
N HIS E 217 -26.39 -78.18 11.27
CA HIS E 217 -25.86 -77.12 12.10
C HIS E 217 -24.34 -77.23 12.15
N GLN E 218 -23.70 -76.16 12.64
CA GLN E 218 -22.24 -76.14 12.69
C GLN E 218 -21.68 -77.22 13.59
N GLY E 219 -22.18 -77.27 14.83
CA GLY E 219 -21.71 -78.23 15.81
C GLY E 219 -22.41 -79.56 15.83
N LEU E 220 -23.36 -79.78 14.91
CA LEU E 220 -24.07 -81.05 14.87
C LEU E 220 -23.12 -82.18 14.49
N SER E 221 -23.28 -83.31 15.16
CA SER E 221 -22.37 -84.44 14.96
C SER E 221 -22.39 -84.93 13.53
N SER E 222 -23.58 -85.05 12.95
CA SER E 222 -23.74 -85.47 11.57
C SER E 222 -25.10 -85.00 11.08
N PRO E 223 -25.30 -84.93 9.76
CA PRO E 223 -26.65 -84.65 9.25
C PRO E 223 -27.69 -85.56 9.86
N VAL E 224 -28.67 -84.99 10.56
CA VAL E 224 -29.65 -85.75 11.32
C VAL E 224 -31.04 -85.41 10.80
N THR E 225 -31.85 -86.46 10.62
CA THR E 225 -33.20 -86.36 10.10
C THR E 225 -34.17 -86.94 11.12
N LYS E 226 -35.38 -86.38 11.17
CA LYS E 226 -36.45 -86.95 11.96
C LYS E 226 -37.68 -87.14 11.08
N SER E 227 -38.35 -88.29 11.22
CA SER E 227 -39.33 -88.74 10.25
C SER E 227 -40.60 -89.21 10.93
N PHE E 228 -41.70 -89.13 10.18
CA PHE E 228 -42.97 -89.75 10.53
C PHE E 228 -43.57 -90.38 9.27
N ASN E 229 -44.59 -91.21 9.48
CA ASN E 229 -45.18 -92.00 8.40
C ASN E 229 -46.69 -91.86 8.46
N ARG E 230 -47.27 -91.30 7.40
CA ARG E 230 -48.72 -91.12 7.32
C ARG E 230 -49.14 -91.25 5.85
N GLY E 231 -50.41 -90.98 5.58
CA GLY E 231 -50.95 -91.05 4.23
C GLY E 231 -51.73 -89.81 3.84
N GLN F 3 9.98 39.53 33.63
CA GLN F 3 10.44 39.78 34.99
C GLN F 3 9.46 39.26 36.03
N LEU F 4 9.96 39.04 37.25
CA LEU F 4 9.14 38.59 38.37
C LEU F 4 9.37 39.53 39.55
N GLN F 5 8.28 39.98 40.17
CA GLN F 5 8.33 40.92 41.29
C GLN F 5 7.69 40.29 42.51
N GLU F 6 8.38 40.35 43.64
CA GLU F 6 7.99 39.64 44.85
C GLU F 6 7.69 40.64 45.96
N SER F 7 6.78 40.25 46.85
CA SER F 7 6.37 41.12 47.94
C SER F 7 5.78 40.28 49.07
N GLY F 8 5.67 40.90 50.24
CA GLY F 8 5.14 40.25 51.42
C GLY F 8 6.14 40.04 52.52
N GLY F 9 7.42 40.30 52.28
CA GLY F 9 8.43 40.10 53.30
C GLY F 9 8.36 41.15 54.39
N GLY F 10 9.10 40.90 55.46
CA GLY F 10 9.08 41.76 56.62
C GLY F 10 9.15 40.94 57.88
N LEU F 11 8.72 41.53 59.00
CA LEU F 11 8.86 40.94 60.31
C LEU F 11 7.54 40.36 60.79
N VAL F 12 7.58 39.12 61.29
CA VAL F 12 6.38 38.43 61.78
C VAL F 12 6.74 37.64 63.03
N LYS F 13 5.86 37.71 64.04
CA LYS F 13 6.09 37.00 65.29
C LYS F 13 6.03 35.49 65.08
N PRO F 14 6.75 34.72 65.89
CA PRO F 14 6.67 33.26 65.78
C PRO F 14 5.26 32.76 66.03
N GLY F 15 4.87 31.73 65.28
CA GLY F 15 3.54 31.17 65.36
C GLY F 15 2.50 31.84 64.49
N GLY F 16 2.87 32.90 63.77
CA GLY F 16 1.93 33.62 62.93
C GLY F 16 1.83 33.02 61.53
N SER F 17 0.95 33.64 60.73
CA SER F 17 0.71 33.23 59.36
C SER F 17 1.12 34.36 58.42
N LEU F 18 1.87 34.01 57.37
CA LEU F 18 2.46 34.99 56.47
C LEU F 18 2.09 34.66 55.04
N ARG F 19 2.02 35.69 54.20
CA ARG F 19 1.64 35.55 52.80
C ARG F 19 2.70 36.22 51.91
N LEU F 20 3.12 35.52 50.87
CA LEU F 20 4.06 36.02 49.88
C LEU F 20 3.44 36.01 48.50
N SER F 21 3.68 37.07 47.73
CA SER F 21 3.12 37.23 46.40
C SER F 21 4.25 37.43 45.38
N CYS F 22 4.07 36.87 44.18
CA CYS F 22 5.06 36.96 43.12
C CYS F 22 4.32 37.14 41.80
N THR F 23 4.41 38.34 41.22
CA THR F 23 3.72 38.67 39.98
C THR F 23 4.68 38.61 38.80
N ALA F 24 4.14 38.22 37.65
CA ALA F 24 4.93 38.03 36.45
C ALA F 24 4.39 38.89 35.32
N SER F 25 5.30 39.49 34.55
CA SER F 25 4.92 40.32 33.41
C SER F 25 5.98 40.16 32.34
N GLY F 26 5.54 39.95 31.10
CA GLY F 26 6.45 39.81 29.97
C GLY F 26 6.44 38.46 29.29
N PHE F 27 5.63 37.50 29.73
CA PHE F 27 5.54 36.21 29.10
C PHE F 27 4.17 35.62 29.41
N ASN F 28 3.95 34.37 29.01
CA ASN F 28 2.69 33.68 29.25
C ASN F 28 2.75 33.00 30.61
N PHE F 29 1.99 33.53 31.57
CA PHE F 29 1.90 32.91 32.89
C PHE F 29 1.05 31.64 32.87
N ASN F 30 0.28 31.42 31.81
CA ASN F 30 -0.67 30.31 31.78
C ASN F 30 -0.01 28.97 31.46
N LYS F 31 1.23 28.97 30.96
CA LYS F 31 1.79 27.77 30.36
C LYS F 31 3.12 27.35 30.96
N TYR F 32 3.51 27.88 32.12
CA TYR F 32 4.82 27.60 32.69
C TYR F 32 4.70 27.10 34.12
N ASN F 33 5.51 26.09 34.44
CA ASN F 33 5.65 25.63 35.81
C ASN F 33 6.37 26.68 36.65
N MET F 34 5.98 26.78 37.92
CA MET F 34 6.61 27.73 38.83
C MET F 34 7.16 27.02 40.05
N ASN F 35 8.17 27.61 40.68
CA ASN F 35 8.68 27.03 41.92
C ASN F 35 9.20 28.13 42.84
N TRP F 36 9.20 27.80 44.12
CA TRP F 36 9.68 28.69 45.18
C TRP F 36 10.93 28.09 45.79
N VAL F 37 11.99 28.90 45.88
CA VAL F 37 13.29 28.53 46.41
C VAL F 37 13.63 29.48 47.55
N ARG F 38 14.38 28.97 48.53
CA ARG F 38 14.67 29.71 49.75
C ARG F 38 16.17 29.65 50.05
N GLN F 39 16.68 30.69 50.71
CA GLN F 39 18.07 30.73 51.10
C GLN F 39 18.21 31.27 52.52
N ALA F 40 18.89 30.52 53.38
CA ALA F 40 19.19 30.90 54.75
C ALA F 40 20.40 31.83 54.80
N PRO F 41 20.50 32.67 55.84
CA PRO F 41 21.64 33.59 55.91
C PRO F 41 22.97 32.88 56.13
N GLY F 42 23.85 32.95 55.14
CA GLY F 42 25.17 32.35 55.24
C GLY F 42 25.23 30.88 54.89
N LYS F 43 24.18 30.31 54.32
CA LYS F 43 24.18 28.88 53.98
C LYS F 43 23.83 28.69 52.50
N GLY F 44 23.65 27.43 52.10
CA GLY F 44 23.33 27.12 50.72
C GLY F 44 21.87 27.35 50.39
N LEU F 45 21.53 27.00 49.15
CA LEU F 45 20.18 27.21 48.66
C LEU F 45 19.25 26.08 49.12
N GLU F 46 17.95 26.33 49.00
CA GLU F 46 16.93 25.38 49.43
C GLU F 46 15.67 25.57 48.61
N TRP F 47 15.09 24.47 48.15
CA TRP F 47 13.90 24.51 47.30
C TRP F 47 12.66 24.33 48.17
N VAL F 48 11.77 25.31 48.14
CA VAL F 48 10.57 25.24 48.98
C VAL F 48 9.50 24.38 48.34
N SER F 49 9.09 24.73 47.11
CA SER F 49 7.91 24.06 46.55
C SER F 49 7.91 24.19 45.03
N SER F 50 7.05 23.39 44.40
CA SER F 50 6.85 23.42 42.96
C SER F 50 5.37 23.27 42.63
N ILE F 51 4.93 23.94 41.57
CA ILE F 51 3.54 23.93 41.16
C ILE F 51 3.47 23.97 39.63
N SER F 52 2.51 23.24 39.07
CA SER F 52 2.33 23.14 37.62
C SER F 52 1.40 24.23 37.12
N ALA F 53 0.99 24.12 35.85
CA ALA F 53 0.30 25.22 35.18
C ALA F 53 -1.12 25.39 35.70
N LEU F 54 -1.96 24.37 35.54
CA LEU F 54 -3.34 24.42 35.98
C LEU F 54 -3.51 24.08 37.46
N SER F 55 -2.41 24.16 38.23
CA SER F 55 -2.42 23.87 39.66
C SER F 55 -2.92 22.45 39.94
N THR F 56 -2.43 21.50 39.15
CA THR F 56 -2.82 20.10 39.29
C THR F 56 -1.75 19.26 39.98
N TYR F 57 -0.49 19.40 39.58
CA TYR F 57 0.62 18.71 40.21
C TYR F 57 1.35 19.70 41.10
N ILE F 58 1.29 19.45 42.42
CA ILE F 58 1.92 20.32 43.40
C ILE F 58 2.85 19.48 44.27
N TYR F 59 4.09 19.92 44.40
CA TYR F 59 5.12 19.19 45.11
C TYR F 59 5.70 20.06 46.22
N TYR F 60 6.01 19.45 47.36
CA TYR F 60 6.47 20.19 48.52
C TYR F 60 7.82 19.65 48.98
N ALA F 61 8.54 20.48 49.73
CA ALA F 61 9.76 20.04 50.37
C ALA F 61 9.45 18.98 51.42
N ASP F 62 10.41 18.09 51.65
CA ASP F 62 10.18 16.96 52.55
C ASP F 62 9.90 17.44 53.97
N SER F 63 10.73 18.35 54.49
CA SER F 63 10.56 18.83 55.85
C SER F 63 9.56 19.97 55.98
N LEU F 64 9.17 20.59 54.86
CA LEU F 64 8.30 21.75 54.90
C LEU F 64 6.83 21.39 54.76
N LYS F 65 6.49 20.11 54.65
CA LYS F 65 5.11 19.70 54.48
C LYS F 65 4.31 19.99 55.75
N GLY F 66 3.10 20.51 55.56
CA GLY F 66 2.19 20.79 56.64
C GLY F 66 2.14 22.24 57.08
N ARG F 67 3.12 23.04 56.70
CA ARG F 67 3.15 24.46 57.05
C ARG F 67 3.12 25.38 55.85
N PHE F 68 3.20 24.86 54.63
CA PHE F 68 3.23 25.67 53.42
C PHE F 68 2.03 25.34 52.55
N THR F 69 1.53 26.35 51.85
CA THR F 69 0.40 26.19 50.93
C THR F 69 0.63 27.10 49.73
N VAL F 70 0.86 26.50 48.56
CA VAL F 70 1.16 27.25 47.35
C VAL F 70 -0.05 27.24 46.43
N SER F 71 -0.20 28.31 45.67
CA SER F 71 -1.30 28.43 44.72
C SER F 71 -0.95 29.51 43.71
N ARG F 72 -1.75 29.60 42.65
CA ARG F 72 -1.51 30.59 41.62
C ARG F 72 -2.82 31.12 41.09
N ASP F 73 -2.78 32.35 40.59
CA ASP F 73 -3.90 32.99 39.90
C ASP F 73 -3.44 33.31 38.49
N ASN F 74 -3.95 32.56 37.52
CA ASN F 74 -3.54 32.76 36.14
C ASN F 74 -4.15 34.01 35.54
N ALA F 75 -5.31 34.43 36.06
CA ALA F 75 -5.98 35.61 35.50
C ALA F 75 -5.22 36.88 35.86
N LYS F 76 -4.80 37.03 37.10
CA LYS F 76 -4.09 38.23 37.54
C LYS F 76 -2.58 38.09 37.43
N ASN F 77 -2.09 36.98 36.90
CA ASN F 77 -0.66 36.73 36.74
C ASN F 77 0.07 36.83 38.08
N SER F 78 -0.32 35.94 39.01
CA SER F 78 0.25 35.98 40.34
C SER F 78 0.47 34.58 40.89
N LEU F 79 1.44 34.47 41.79
CA LEU F 79 1.75 33.23 42.49
C LEU F 79 1.77 33.55 43.98
N PHE F 80 0.94 32.84 44.75
CA PHE F 80 0.75 33.12 46.16
C PHE F 80 1.26 31.95 47.00
N LEU F 81 1.86 32.28 48.14
CA LEU F 81 2.34 31.29 49.09
C LEU F 81 1.90 31.68 50.48
N GLN F 82 1.43 30.70 51.25
CA GLN F 82 0.95 30.91 52.62
C GLN F 82 1.75 30.03 53.56
N MET F 83 2.21 30.61 54.67
CA MET F 83 2.95 29.90 55.70
C MET F 83 2.20 30.01 57.03
N ASN F 84 2.04 28.89 57.71
CA ASN F 84 1.35 28.83 58.98
C ASN F 84 2.24 28.14 60.01
N SER F 85 2.09 28.54 61.27
CA SER F 85 2.89 28.04 62.38
C SER F 85 4.38 28.22 62.10
N LEU F 86 4.77 29.49 61.98
CA LEU F 86 6.15 29.82 61.67
C LEU F 86 7.08 29.47 62.83
N ARG F 87 8.27 29.02 62.50
CA ARG F 87 9.32 28.78 63.47
C ARG F 87 10.44 29.79 63.28
N ASP F 88 11.37 29.81 64.23
CA ASP F 88 12.40 30.84 64.23
C ASP F 88 13.36 30.69 63.05
N ASP F 89 13.64 29.46 62.63
CA ASP F 89 14.57 29.20 61.53
C ASP F 89 13.94 29.39 60.16
N ASP F 90 12.79 30.05 60.08
CA ASP F 90 12.11 30.32 58.81
C ASP F 90 12.34 31.74 58.33
N THR F 91 13.30 32.45 58.91
CA THR F 91 13.73 33.75 58.39
C THR F 91 14.77 33.51 57.30
N ALA F 92 14.52 34.07 56.11
CA ALA F 92 15.35 33.74 54.96
C ALA F 92 14.98 34.65 53.80
N VAL F 93 15.62 34.39 52.65
CA VAL F 93 15.37 35.09 51.40
C VAL F 93 14.60 34.16 50.47
N TYR F 94 13.54 34.68 49.87
CA TYR F 94 12.65 33.89 49.01
C TYR F 94 12.76 34.34 47.57
N TYR F 95 12.84 33.37 46.66
CA TYR F 95 12.88 33.61 45.22
C TYR F 95 11.81 32.78 44.54
N CYS F 96 11.12 33.37 43.56
CA CYS F 96 10.18 32.66 42.72
C CYS F 96 10.78 32.53 41.33
N ALA F 97 10.90 31.29 40.86
CA ALA F 97 11.52 31.01 39.58
C ALA F 97 10.52 30.35 38.64
N ARG F 98 10.72 30.60 37.35
CA ARG F 98 9.97 29.93 36.29
C ARG F 98 10.76 28.71 35.84
N GLU F 99 10.06 27.64 35.51
CA GLU F 99 10.69 26.38 35.13
C GLU F 99 10.30 26.01 33.72
N ILE F 100 11.22 25.35 33.02
CA ILE F 100 11.02 24.93 31.65
C ILE F 100 11.50 23.50 31.48
N ARG F 101 10.79 22.73 30.67
CA ARG F 101 11.08 21.33 30.44
C ARG F 101 11.82 21.18 29.12
N ARG F 102 12.98 20.56 29.16
CA ARG F 102 13.80 20.36 27.98
C ARG F 102 14.87 19.33 28.28
N ALA F 103 15.11 18.43 27.31
CA ALA F 103 15.92 17.23 27.50
C ALA F 103 15.34 16.32 28.58
N SER F 104 14.01 16.28 28.68
CA SER F 104 13.30 15.46 29.66
C SER F 104 13.77 15.77 31.08
N THR F 105 13.68 17.05 31.45
CA THR F 105 14.33 17.57 32.63
C THR F 105 13.79 18.96 32.92
N TRP F 106 13.62 19.27 34.20
CA TRP F 106 13.16 20.58 34.65
C TRP F 106 14.35 21.46 35.00
N SER F 107 14.27 22.73 34.62
CA SER F 107 15.34 23.69 34.91
C SER F 107 14.74 25.07 35.10
N ALA F 108 15.27 25.82 36.06
CA ALA F 108 14.79 27.16 36.38
C ALA F 108 15.57 28.17 35.57
N ASP F 109 14.90 28.85 34.64
CA ASP F 109 15.57 29.77 33.73
C ASP F 109 15.46 31.23 34.15
N LEU F 110 14.39 31.61 34.86
CA LEU F 110 14.20 32.98 35.29
C LEU F 110 13.97 33.01 36.78
N TRP F 111 14.76 33.81 37.49
CA TRP F 111 14.63 34.01 38.92
C TRP F 111 14.10 35.42 39.20
N GLY F 112 13.96 35.72 40.49
CA GLY F 112 13.47 37.01 40.92
C GLY F 112 14.44 37.68 41.90
N ARG F 113 14.07 38.91 42.29
CA ARG F 113 14.89 39.65 43.23
C ARG F 113 14.96 38.93 44.58
N GLY F 114 13.83 38.42 45.05
CA GLY F 114 13.78 37.73 46.32
C GLY F 114 13.54 38.65 47.49
N THR F 115 12.61 38.28 48.37
CA THR F 115 12.24 39.12 49.50
C THR F 115 12.72 38.48 50.81
N LEU F 116 12.95 39.32 51.81
CA LEU F 116 13.47 38.88 53.10
C LEU F 116 12.33 38.78 54.11
N VAL F 117 12.29 37.66 54.83
CA VAL F 117 11.32 37.46 55.89
C VAL F 117 12.08 37.18 57.19
N THR F 118 11.76 37.95 58.23
CA THR F 118 12.37 37.83 59.54
C THR F 118 11.32 37.44 60.55
N VAL F 119 11.54 36.33 61.24
CA VAL F 119 10.67 35.85 62.30
C VAL F 119 11.46 35.85 63.59
N SER F 120 10.97 36.58 64.59
CA SER F 120 11.68 36.73 65.85
C SER F 120 10.74 37.30 66.89
N SER F 121 11.14 37.18 68.15
CA SER F 121 10.40 37.73 69.29
C SER F 121 11.26 38.85 69.88
N ALA F 122 11.11 40.05 69.33
CA ALA F 122 11.87 41.19 69.79
C ALA F 122 11.15 42.46 69.39
N SER F 123 11.54 43.57 70.00
CA SER F 123 11.01 44.89 69.70
C SER F 123 12.17 45.83 69.35
N THR F 124 11.81 47.06 68.99
CA THR F 124 12.82 48.03 68.57
C THR F 124 13.68 48.45 69.76
N LYS F 125 14.98 48.13 69.68
CA LYS F 125 15.93 48.48 70.74
C LYS F 125 17.09 49.24 70.12
N GLY F 126 17.47 50.35 70.76
CA GLY F 126 18.53 51.19 70.26
C GLY F 126 19.89 50.56 70.40
N PRO F 127 20.83 50.97 69.54
CA PRO F 127 22.17 50.41 69.60
C PRO F 127 23.00 51.01 70.72
N SER F 128 23.75 50.14 71.40
CA SER F 128 24.70 50.56 72.43
C SER F 128 26.08 50.64 71.79
N VAL F 129 26.68 51.82 71.83
CA VAL F 129 27.97 52.08 71.19
C VAL F 129 29.03 52.20 72.26
N PHE F 130 30.13 51.48 72.08
CA PHE F 130 31.22 51.47 73.04
C PHE F 130 32.54 51.60 72.32
N PRO F 131 33.53 52.25 72.95
CA PRO F 131 34.85 52.37 72.33
C PRO F 131 35.80 51.25 72.75
N LEU F 132 36.64 50.83 71.81
CA LEU F 132 37.53 49.68 71.98
C LEU F 132 38.98 50.11 71.77
N ALA F 133 39.68 50.38 72.86
CA ALA F 133 41.09 50.71 72.82
C ALA F 133 41.77 50.39 74.15
N GLY F 147 38.70 51.14 67.54
CA GLY F 147 37.63 50.20 67.84
C GLY F 147 36.30 50.87 68.11
N CYS F 148 35.22 50.21 67.73
CA CYS F 148 33.87 50.74 67.92
C CYS F 148 32.89 49.58 67.87
N LEU F 149 32.28 49.26 69.01
CA LEU F 149 31.40 48.10 69.14
C LEU F 149 29.97 48.57 69.26
N VAL F 150 29.08 47.94 68.50
CA VAL F 150 27.65 48.21 68.55
C VAL F 150 26.95 46.93 69.01
N LYS F 151 26.10 47.06 70.03
CA LYS F 151 25.48 45.91 70.65
C LYS F 151 23.99 46.14 70.84
N ASP F 152 23.22 45.05 70.74
CA ASP F 152 21.82 45.01 71.15
C ASP F 152 20.96 46.01 70.36
N TYR F 153 20.90 45.80 69.04
CA TYR F 153 19.98 46.52 68.18
C TYR F 153 19.21 45.51 67.33
N PHE F 154 17.87 45.63 67.32
CA PHE F 154 17.07 44.60 66.68
C PHE F 154 17.08 44.69 65.16
N PRO F 155 16.70 45.82 64.53
CA PRO F 155 16.73 45.86 63.07
C PRO F 155 18.15 45.65 62.54
N GLU F 156 18.24 44.87 61.46
CA GLU F 156 19.55 44.48 60.95
C GLU F 156 20.42 45.64 60.49
N PRO F 157 19.95 46.58 59.66
CA PRO F 157 20.87 47.58 59.10
C PRO F 157 21.23 48.65 60.12
N VAL F 158 22.52 48.84 60.34
CA VAL F 158 23.05 49.93 61.14
C VAL F 158 24.26 50.50 60.42
N THR F 159 24.41 51.82 60.45
CA THR F 159 25.47 52.50 59.73
C THR F 159 26.61 52.85 60.67
N VAL F 160 27.84 52.55 60.26
CA VAL F 160 29.03 52.86 61.04
C VAL F 160 30.00 53.63 60.17
N SER F 161 30.54 54.73 60.70
CA SER F 161 31.52 55.51 59.97
C SER F 161 32.54 56.09 60.95
N TRP F 162 33.67 56.53 60.42
CA TRP F 162 34.72 57.17 61.18
C TRP F 162 34.78 58.65 60.82
N ASN F 163 34.52 59.52 61.80
CA ASN F 163 34.64 60.97 61.63
C ASN F 163 33.81 61.47 60.46
N SER F 164 32.58 60.97 60.35
CA SER F 164 31.63 61.40 59.32
C SER F 164 32.23 61.24 57.92
N GLY F 165 32.90 60.11 57.68
CA GLY F 165 33.48 59.83 56.39
C GLY F 165 34.82 60.46 56.14
N ALA F 166 35.42 61.12 57.13
CA ALA F 166 36.73 61.72 56.94
C ALA F 166 37.81 60.66 56.75
N LEU F 167 37.72 59.56 57.49
CA LEU F 167 38.72 58.49 57.45
C LEU F 167 38.21 57.33 56.60
N THR F 168 39.05 56.86 55.68
CA THR F 168 38.63 55.82 54.75
C THR F 168 39.67 54.73 54.52
N SER F 169 40.78 54.75 55.22
CA SER F 169 41.86 53.78 55.03
C SER F 169 41.87 52.78 56.18
N GLY F 170 41.83 51.50 55.84
CA GLY F 170 41.88 50.47 56.86
C GLY F 170 40.64 50.35 57.71
N VAL F 171 39.49 50.83 57.23
CA VAL F 171 38.24 50.75 57.98
C VAL F 171 37.56 49.45 57.60
N HIS F 172 37.59 48.48 58.53
CA HIS F 172 36.99 47.17 58.32
C HIS F 172 35.74 47.06 59.17
N THR F 173 34.63 46.67 58.53
CA THR F 173 33.41 46.33 59.25
C THR F 173 33.10 44.86 59.01
N PHE F 174 32.66 44.17 60.06
CA PHE F 174 32.46 42.73 60.05
C PHE F 174 30.98 42.40 60.05
N PRO F 175 30.60 41.25 59.50
CA PRO F 175 29.17 40.89 59.45
C PRO F 175 28.56 40.80 60.84
N ALA F 176 27.32 41.28 60.95
CA ALA F 176 26.60 41.20 62.21
C ALA F 176 26.26 39.75 62.55
N VAL F 177 26.42 39.40 63.81
CA VAL F 177 26.15 38.05 64.30
C VAL F 177 24.98 38.09 65.27
N LEU F 178 24.08 37.13 65.13
CA LEU F 178 22.88 37.05 65.94
C LEU F 178 23.21 36.27 67.21
N GLN F 179 23.23 36.95 68.35
CA GLN F 179 23.43 36.30 69.64
C GLN F 179 22.16 35.59 70.08
N SER F 180 22.30 34.73 71.08
CA SER F 180 21.17 33.94 71.54
C SER F 180 20.04 34.80 72.09
N SER F 181 20.33 36.03 72.52
CA SER F 181 19.30 36.89 73.08
C SER F 181 18.34 37.41 72.02
N GLY F 182 18.68 37.30 70.74
CA GLY F 182 17.83 37.80 69.68
C GLY F 182 18.11 39.22 69.24
N LEU F 183 19.26 39.78 69.62
CA LEU F 183 19.64 41.13 69.22
C LEU F 183 21.02 41.07 68.57
N TYR F 184 21.22 41.89 67.55
CA TYR F 184 22.43 41.84 66.75
C TYR F 184 23.55 42.67 67.39
N SER F 185 24.77 42.41 66.92
CA SER F 185 25.93 43.18 67.34
C SER F 185 27.00 43.10 66.27
N LEU F 186 27.84 44.13 66.22
CA LEU F 186 28.98 44.12 65.30
C LEU F 186 30.09 45.00 65.86
N SER F 187 31.21 44.98 65.15
CA SER F 187 32.38 45.76 65.52
C SER F 187 32.95 46.43 64.28
N SER F 188 33.63 47.55 64.49
CA SER F 188 34.35 48.23 63.42
C SER F 188 35.70 48.67 63.96
N VAL F 189 36.76 48.41 63.18
CA VAL F 189 38.12 48.68 63.63
C VAL F 189 38.83 49.58 62.62
N VAL F 190 40.11 49.87 62.88
CA VAL F 190 40.90 50.71 61.99
C VAL F 190 42.37 50.46 62.31
N THR F 191 43.22 50.73 61.33
CA THR F 191 44.67 50.64 61.49
C THR F 191 45.29 52.03 61.40
N VAL F 192 46.34 52.26 62.19
CA VAL F 192 46.98 53.57 62.25
C VAL F 192 48.39 53.41 62.80
N PRO F 193 49.38 54.16 62.32
CA PRO F 193 50.73 54.09 62.91
C PRO F 193 50.78 54.58 64.35
N SER F 194 51.97 54.54 64.96
CA SER F 194 52.08 54.77 66.39
C SER F 194 51.84 56.22 66.77
N SER F 195 52.31 57.16 65.95
CA SER F 195 52.30 58.57 66.34
C SER F 195 50.88 59.13 66.41
N SER F 196 50.08 58.89 65.37
CA SER F 196 48.76 59.52 65.26
C SER F 196 47.84 59.16 66.42
N LEU F 197 48.24 58.25 67.30
CA LEU F 197 47.45 57.96 68.49
C LEU F 197 47.33 59.19 69.38
N GLY F 198 48.41 59.96 69.49
CA GLY F 198 48.42 61.10 70.39
C GLY F 198 48.21 62.44 69.71
N THR F 199 47.66 62.42 68.50
CA THR F 199 47.52 63.64 67.70
C THR F 199 46.06 64.07 67.56
N GLN F 200 45.19 63.21 67.04
CA GLN F 200 43.79 63.54 66.79
C GLN F 200 42.90 62.54 67.50
N THR F 201 42.16 63.01 68.50
CA THR F 201 41.15 62.18 69.13
C THR F 201 40.03 61.89 68.13
N TYR F 202 39.59 60.63 68.08
CA TYR F 202 38.69 60.19 67.03
C TYR F 202 37.31 59.83 67.60
N ILE F 203 36.32 59.88 66.72
CA ILE F 203 34.92 59.68 67.09
C ILE F 203 34.30 58.69 66.11
N CYS F 204 33.60 57.69 66.64
CA CYS F 204 32.85 56.73 65.85
C CYS F 204 31.41 57.19 65.71
N ASN F 205 30.90 57.18 64.48
CA ASN F 205 29.54 57.60 64.18
C ASN F 205 28.69 56.36 63.93
N VAL F 206 27.66 56.18 64.75
CA VAL F 206 26.75 55.04 64.64
C VAL F 206 25.34 55.56 64.42
N ASN F 207 24.70 55.10 63.36
CA ASN F 207 23.42 55.62 62.90
C ASN F 207 22.41 54.48 62.80
N HIS F 208 21.23 54.70 63.37
CA HIS F 208 20.14 53.72 63.31
C HIS F 208 18.84 54.48 63.07
N LYS F 209 18.15 54.16 61.98
CA LYS F 209 16.98 54.90 61.52
C LYS F 209 15.68 54.53 62.25
N PRO F 210 15.28 53.24 62.34
CA PRO F 210 13.94 52.94 62.91
C PRO F 210 13.77 53.33 64.37
N SER F 211 14.77 54.02 64.95
CA SER F 211 14.59 54.65 66.24
C SER F 211 15.31 55.98 66.35
N ASN F 212 15.92 56.47 65.27
CA ASN F 212 16.55 57.79 65.22
C ASN F 212 17.62 57.95 66.30
N THR F 213 18.67 57.15 66.18
CA THR F 213 19.84 57.24 67.06
C THR F 213 21.07 57.50 66.21
N LYS F 214 21.59 58.73 66.29
CA LYS F 214 22.79 59.13 65.56
C LYS F 214 23.83 59.54 66.61
N VAL F 215 24.60 58.57 67.08
CA VAL F 215 25.49 58.78 68.22
C VAL F 215 26.92 58.93 67.70
N ASP F 216 27.57 60.02 68.08
CA ASP F 216 28.96 60.31 67.73
C ASP F 216 29.76 60.15 69.02
N LYS F 217 30.30 58.95 69.24
CA LYS F 217 30.96 58.61 70.49
C LYS F 217 32.46 58.74 70.35
N ARG F 218 33.08 59.46 71.29
CA ARG F 218 34.51 59.71 71.25
C ARG F 218 35.26 58.60 71.97
N VAL F 219 36.45 58.27 71.46
CA VAL F 219 37.31 57.23 72.05
C VAL F 219 38.44 57.92 72.80
N GLU F 220 38.71 57.43 74.01
CA GLU F 220 39.81 57.95 74.82
C GLU F 220 40.94 56.94 74.84
N PRO F 221 42.06 57.20 74.17
CA PRO F 221 43.16 56.24 74.17
C PRO F 221 43.76 56.05 75.54
N LYS F 222 44.24 54.84 75.80
CA LYS F 222 44.86 54.52 77.07
C LYS F 222 46.05 53.58 76.88
N ILE G 23 22.09 23.92 -40.55
CA ILE G 23 22.31 22.56 -41.02
C ILE G 23 21.96 22.43 -42.50
N GLN G 24 22.90 21.92 -43.28
CA GLN G 24 22.71 21.72 -44.71
C GLN G 24 22.94 20.25 -45.05
N MET G 25 22.04 19.68 -45.84
CA MET G 25 22.15 18.30 -46.28
C MET G 25 22.81 18.22 -47.66
N THR G 26 23.59 17.17 -47.85
CA THR G 26 24.21 16.89 -49.13
C THR G 26 23.64 15.58 -49.67
N GLN G 27 23.22 15.60 -50.93
CA GLN G 27 22.56 14.47 -51.56
C GLN G 27 23.47 13.90 -52.65
N SER G 28 23.57 12.57 -52.69
CA SER G 28 24.39 11.90 -53.70
C SER G 28 23.66 10.68 -54.24
N PRO G 29 23.76 10.42 -55.55
CA PRO G 29 24.39 11.31 -56.52
C PRO G 29 23.37 12.25 -57.18
N SER G 30 23.85 13.18 -58.01
CA SER G 30 22.95 14.15 -58.63
C SER G 30 21.96 13.48 -59.57
N SER G 31 22.44 12.52 -60.37
CA SER G 31 21.56 11.78 -61.26
C SER G 31 22.22 10.44 -61.58
N LEU G 32 21.67 9.35 -61.02
CA LEU G 32 22.18 8.02 -61.28
C LEU G 32 21.28 7.31 -62.30
N SER G 33 21.86 6.35 -63.01
CA SER G 33 21.17 5.65 -64.09
C SER G 33 21.08 4.17 -63.77
N ALA G 34 19.88 3.60 -63.91
CA ALA G 34 19.68 2.17 -63.72
C ALA G 34 18.37 1.77 -64.38
N SER G 35 18.36 0.56 -64.94
CA SER G 35 17.22 0.01 -65.65
C SER G 35 16.32 -0.77 -64.70
N VAL G 36 15.24 -1.33 -65.24
CA VAL G 36 14.30 -2.09 -64.43
C VAL G 36 14.96 -3.36 -63.92
N GLY G 37 14.73 -3.68 -62.64
CA GLY G 37 15.24 -4.88 -62.02
C GLY G 37 16.50 -4.69 -61.20
N ASP G 38 17.23 -3.58 -61.41
CA ASP G 38 18.47 -3.33 -60.67
C ASP G 38 18.17 -2.62 -59.36
N ARG G 39 19.14 -2.68 -58.44
CA ARG G 39 19.04 -2.05 -57.14
C ARG G 39 19.71 -0.68 -57.17
N VAL G 40 19.05 0.31 -56.56
CA VAL G 40 19.53 1.69 -56.55
C VAL G 40 19.61 2.21 -55.12
N ILE G 41 20.63 3.01 -54.85
CA ILE G 41 20.95 3.54 -53.53
C ILE G 41 21.14 5.04 -53.65
N ILE G 42 20.48 5.80 -52.76
CA ILE G 42 20.60 7.25 -52.69
C ILE G 42 21.01 7.62 -51.26
N THR G 43 21.88 8.62 -51.12
CA THR G 43 22.43 8.98 -49.83
C THR G 43 22.16 10.45 -49.52
N CYS G 44 21.68 10.70 -48.30
CA CYS G 44 21.54 12.05 -47.75
C CYS G 44 22.40 12.12 -46.48
N ARG G 45 23.35 13.04 -46.47
CA ARG G 45 24.30 13.16 -45.38
C ARG G 45 24.24 14.57 -44.79
N ALA G 46 24.44 14.65 -43.48
CA ALA G 46 24.33 15.91 -42.76
C ALA G 46 25.62 16.19 -42.00
N SER G 47 25.93 17.48 -41.84
CA SER G 47 27.14 17.88 -41.13
C SER G 47 27.07 17.50 -39.65
N GLN G 48 25.98 17.87 -38.99
CA GLN G 48 25.81 17.56 -37.58
C GLN G 48 25.08 16.22 -37.43
N SER G 49 24.68 15.90 -36.20
CA SER G 49 23.89 14.70 -35.93
C SER G 49 22.44 15.13 -35.72
N ILE G 50 21.57 14.72 -36.63
CA ILE G 50 20.15 15.04 -36.55
C ILE G 50 19.36 13.85 -35.97
N SER G 51 20.04 12.93 -35.28
CA SER G 51 19.43 11.74 -34.71
C SER G 51 18.75 10.91 -35.78
N SER G 52 17.42 10.88 -35.77
CA SER G 52 16.64 10.09 -36.72
C SER G 52 15.48 10.92 -37.26
N SER G 53 15.79 12.14 -37.70
CA SER G 53 14.78 13.10 -38.17
C SER G 53 15.03 13.40 -39.65
N LEU G 54 14.42 12.61 -40.53
CA LEU G 54 14.57 12.80 -41.96
C LEU G 54 13.36 12.20 -42.67
N ASN G 55 12.86 12.90 -43.69
CA ASN G 55 11.73 12.45 -44.48
C ASN G 55 12.12 12.38 -45.95
N TRP G 56 11.69 11.33 -46.63
CA TRP G 56 12.01 11.10 -48.04
C TRP G 56 10.75 11.27 -48.87
N TYR G 57 10.81 12.20 -49.83
CA TYR G 57 9.73 12.55 -50.73
C TYR G 57 10.08 12.19 -52.17
N GLN G 58 9.06 11.85 -52.95
CA GLN G 58 9.21 11.61 -54.37
C GLN G 58 8.21 12.49 -55.11
N GLN G 59 8.66 13.17 -56.16
CA GLN G 59 7.83 14.08 -56.94
C GLN G 59 7.98 13.78 -58.43
N LYS G 60 6.85 13.66 -59.12
CA LYS G 60 6.72 13.50 -60.56
C LYS G 60 6.59 14.86 -61.23
N PRO G 61 6.97 14.98 -62.51
CA PRO G 61 6.93 16.28 -63.17
C PRO G 61 5.51 16.84 -63.23
N GLY G 62 5.36 18.05 -62.71
CA GLY G 62 4.07 18.71 -62.73
C GLY G 62 3.06 18.17 -61.73
N LYS G 63 3.53 17.49 -60.68
CA LYS G 63 2.64 16.93 -59.68
C LYS G 63 3.19 17.24 -58.29
N ALA G 64 2.29 17.32 -57.32
CA ALA G 64 2.70 17.53 -55.94
C ALA G 64 3.41 16.30 -55.41
N PRO G 65 4.42 16.46 -54.56
CA PRO G 65 5.16 15.30 -54.05
C PRO G 65 4.33 14.40 -53.16
N LYS G 66 4.94 13.31 -52.70
CA LYS G 66 4.31 12.39 -51.76
C LYS G 66 5.39 11.76 -50.89
N LEU G 67 5.05 11.50 -49.64
CA LEU G 67 5.99 10.85 -48.74
C LEU G 67 6.33 9.44 -49.22
N LEU G 68 7.60 9.07 -49.03
CA LEU G 68 8.03 7.69 -49.06
C LEU G 68 8.52 7.21 -47.72
N ILE G 69 9.29 8.03 -47.00
CA ILE G 69 9.86 7.62 -45.72
C ILE G 69 9.62 8.71 -44.68
N TYR G 70 9.18 8.33 -43.50
CA TYR G 70 9.09 9.21 -42.35
C TYR G 70 9.89 8.63 -41.19
N ALA G 71 10.43 9.51 -40.36
CA ALA G 71 11.29 9.15 -39.23
C ALA G 71 12.58 8.48 -39.68
N ALA G 72 12.90 8.61 -40.97
CA ALA G 72 14.17 8.22 -41.58
C ALA G 72 14.33 6.71 -41.69
N VAL G 73 13.45 5.94 -41.07
CA VAL G 73 13.51 4.48 -41.21
C VAL G 73 12.15 3.84 -41.43
N ASN G 74 11.04 4.52 -41.18
CA ASN G 74 9.73 3.92 -41.27
C ASN G 74 9.20 4.02 -42.70
N LEU G 75 7.95 3.64 -42.91
CA LEU G 75 7.36 3.60 -44.25
C LEU G 75 5.94 4.15 -44.19
N GLU G 76 5.61 5.01 -45.14
CA GLU G 76 4.27 5.59 -45.21
C GLU G 76 3.29 4.56 -45.74
N THR G 77 2.06 4.57 -45.20
CA THR G 77 1.03 3.65 -45.64
C THR G 77 0.61 3.96 -47.07
N GLY G 78 0.30 2.91 -47.82
CA GLY G 78 -0.02 3.06 -49.22
C GLY G 78 1.18 3.10 -50.14
N VAL G 79 2.38 2.88 -49.61
CA VAL G 79 3.61 2.91 -50.39
C VAL G 79 4.10 1.46 -50.56
N PRO G 80 4.56 1.08 -51.75
CA PRO G 80 5.05 -0.30 -51.94
C PRO G 80 6.19 -0.64 -51.01
N SER G 81 6.48 -1.93 -50.92
CA SER G 81 7.43 -2.47 -49.96
C SER G 81 8.86 -2.54 -50.49
N ARG G 82 9.12 -2.06 -51.71
CA ARG G 82 10.46 -2.08 -52.27
C ARG G 82 11.30 -0.87 -51.85
N PHE G 83 10.72 0.05 -51.09
CA PHE G 83 11.44 1.23 -50.60
C PHE G 83 11.92 0.95 -49.18
N SER G 84 13.22 1.07 -48.96
CA SER G 84 13.82 0.84 -47.66
C SER G 84 14.59 2.08 -47.22
N GLY G 85 14.29 2.58 -46.03
CA GLY G 85 15.01 3.71 -45.46
C GLY G 85 15.87 3.22 -44.30
N SER G 86 17.08 3.75 -44.20
CA SER G 86 17.99 3.33 -43.16
C SER G 86 18.97 4.46 -42.84
N GLY G 87 19.68 4.29 -41.74
CA GLY G 87 20.73 5.21 -41.36
C GLY G 87 20.52 5.79 -39.98
N PHE G 88 21.50 6.58 -39.55
CA PHE G 88 21.47 7.23 -38.25
C PHE G 88 22.49 8.35 -38.26
N GLY G 89 22.36 9.24 -37.27
CA GLY G 89 23.31 10.30 -37.06
C GLY G 89 23.51 11.19 -38.27
N THR G 90 24.67 11.06 -38.91
CA THR G 90 25.04 11.91 -40.04
C THR G 90 24.85 11.24 -41.39
N ASP G 91 24.36 10.00 -41.43
CA ASP G 91 24.22 9.29 -42.69
C ASP G 91 22.81 8.73 -42.82
N PHE G 92 22.23 8.82 -44.02
CA PHE G 92 20.94 8.22 -44.28
C PHE G 92 20.89 7.73 -45.72
N THR G 93 20.16 6.63 -45.93
CA THR G 93 20.16 5.93 -47.21
C THR G 93 18.77 5.46 -47.57
N LEU G 94 18.39 5.71 -48.82
CA LEU G 94 17.18 5.16 -49.43
C LEU G 94 17.57 4.11 -50.45
N ALA G 95 16.89 2.96 -50.42
CA ALA G 95 17.21 1.83 -51.27
C ALA G 95 15.96 1.35 -51.98
N ILE G 96 16.06 1.16 -53.29
CA ILE G 96 14.99 0.55 -54.08
C ILE G 96 15.54 -0.70 -54.75
N SER G 97 14.85 -1.82 -54.55
CA SER G 97 15.36 -3.12 -54.98
C SER G 97 15.05 -3.41 -56.45
N ASN G 98 13.76 -3.39 -56.82
CA ASN G 98 13.32 -3.69 -58.17
C ASN G 98 12.49 -2.51 -58.67
N VAL G 99 13.09 -1.66 -59.49
CA VAL G 99 12.42 -0.45 -59.94
C VAL G 99 11.41 -0.80 -61.04
N GLN G 100 10.17 -0.40 -60.84
CA GLN G 100 9.09 -0.53 -61.79
C GLN G 100 9.06 0.68 -62.72
N PRO G 101 8.37 0.59 -63.86
CA PRO G 101 8.35 1.74 -64.79
C PRO G 101 7.73 3.00 -64.19
N GLU G 102 6.91 2.88 -63.14
CA GLU G 102 6.28 4.04 -62.51
C GLU G 102 7.08 4.58 -61.33
N ASP G 103 8.39 4.39 -61.33
CA ASP G 103 9.24 4.80 -60.21
C ASP G 103 10.42 5.66 -60.68
N PHE G 104 10.22 6.43 -61.74
CA PHE G 104 11.23 7.37 -62.22
C PHE G 104 10.72 8.78 -61.93
N ALA G 105 11.36 9.45 -60.96
CA ALA G 105 10.92 10.76 -60.52
C ALA G 105 12.08 11.43 -59.78
N THR G 106 11.79 12.53 -59.10
CA THR G 106 12.80 13.30 -58.38
C THR G 106 12.64 13.09 -56.88
N TYR G 107 13.74 12.80 -56.20
CA TYR G 107 13.74 12.43 -54.79
C TYR G 107 14.33 13.56 -53.94
N TYR G 108 13.69 13.84 -52.81
CA TYR G 108 14.13 14.89 -51.90
C TYR G 108 14.22 14.35 -50.48
N CYS G 109 15.27 14.76 -49.76
CA CYS G 109 15.42 14.46 -48.34
C CYS G 109 15.25 15.74 -47.55
N GLN G 110 14.31 15.73 -46.61
CA GLN G 110 13.95 16.90 -45.81
C GLN G 110 14.21 16.63 -44.34
N GLN G 111 15.06 17.43 -43.71
CA GLN G 111 15.17 17.39 -42.26
C GLN G 111 13.91 17.95 -41.64
N SER G 112 13.39 17.27 -40.63
CA SER G 112 12.07 17.57 -40.10
C SER G 112 12.09 18.55 -38.93
N ASP G 113 13.26 19.05 -38.54
CA ASP G 113 13.37 20.05 -37.48
C ASP G 113 13.54 21.46 -38.04
N THR G 114 14.52 21.65 -38.92
CA THR G 114 14.70 22.94 -39.59
C THR G 114 13.82 23.09 -40.81
N ARG G 115 13.17 22.02 -41.27
CA ARG G 115 12.27 22.05 -42.42
C ARG G 115 12.98 22.53 -43.68
N THR G 116 14.12 21.92 -43.98
CA THR G 116 14.89 22.26 -45.17
C THR G 116 15.00 21.05 -46.08
N PHE G 117 14.94 21.29 -47.39
CA PHE G 117 15.01 20.24 -48.39
C PHE G 117 16.44 20.07 -48.87
N GLY G 118 16.65 19.09 -49.75
CA GLY G 118 17.93 18.82 -50.35
C GLY G 118 18.00 19.26 -51.79
N ARG G 119 19.14 18.95 -52.42
CA ARG G 119 19.34 19.35 -53.81
C ARG G 119 18.41 18.61 -54.76
N GLY G 120 18.30 17.30 -54.60
CA GLY G 120 17.41 16.52 -55.44
C GLY G 120 18.20 15.54 -56.31
N THR G 121 17.67 14.33 -56.45
CA THR G 121 18.27 13.28 -57.24
C THR G 121 17.27 12.80 -58.28
N LYS G 122 17.70 12.74 -59.54
CA LYS G 122 16.85 12.34 -60.65
C LYS G 122 17.25 10.95 -61.12
N LEU G 123 16.25 10.14 -61.45
CA LEU G 123 16.45 8.74 -61.83
C LEU G 123 15.98 8.55 -63.27
N ASP G 124 16.81 7.91 -64.09
CA ASP G 124 16.52 7.75 -65.51
C ASP G 124 16.83 6.33 -65.94
N VAL G 125 16.26 5.94 -67.09
CA VAL G 125 16.41 4.60 -67.64
C VAL G 125 17.83 4.41 -68.17
N LYS G 126 18.20 3.17 -68.46
CA LYS G 126 19.51 2.82 -68.96
C LYS G 126 19.43 2.45 -70.43
N ARG G 127 20.48 2.78 -71.17
CA ARG G 127 20.54 2.48 -72.59
C ARG G 127 22.01 2.46 -73.00
N THR G 128 22.30 1.76 -74.09
CA THR G 128 23.64 1.73 -74.65
C THR G 128 24.02 3.11 -75.16
N VAL G 129 25.31 3.43 -75.06
CA VAL G 129 25.80 4.74 -75.47
C VAL G 129 25.43 4.99 -76.92
N ALA G 130 24.73 6.10 -77.17
CA ALA G 130 24.28 6.48 -78.50
C ALA G 130 24.87 7.85 -78.85
N ALA G 131 25.39 7.97 -80.07
CA ALA G 131 26.01 9.21 -80.51
C ALA G 131 24.96 10.25 -80.86
N PRO G 132 25.27 11.53 -80.66
CA PRO G 132 24.33 12.59 -81.05
C PRO G 132 24.45 12.94 -82.52
N SER G 133 23.44 13.66 -83.01
CA SER G 133 23.41 14.21 -84.36
C SER G 133 23.49 15.72 -84.25
N VAL G 134 24.61 16.29 -84.67
CA VAL G 134 24.86 17.72 -84.55
C VAL G 134 24.64 18.39 -85.90
N PHE G 135 23.89 19.48 -85.90
CA PHE G 135 23.60 20.26 -87.09
C PHE G 135 24.17 21.67 -86.90
N ILE G 136 23.90 22.53 -87.88
CA ILE G 136 24.15 23.97 -87.78
C ILE G 136 23.38 24.66 -88.92
N PHE G 137 22.77 25.80 -88.63
CA PHE G 137 22.10 26.55 -89.68
C PHE G 137 22.12 28.03 -89.34
N PRO G 138 22.13 28.91 -90.36
CA PRO G 138 22.33 30.34 -90.12
C PRO G 138 21.00 31.04 -89.87
N PRO G 139 21.02 32.33 -89.54
CA PRO G 139 19.77 33.06 -89.29
C PRO G 139 18.88 33.12 -90.52
N SER G 140 17.67 33.64 -90.31
CA SER G 140 16.66 33.73 -91.35
C SER G 140 16.77 35.08 -92.07
N ASP G 141 15.77 35.40 -92.89
CA ASP G 141 15.82 36.61 -93.71
C ASP G 141 15.39 37.84 -92.91
N GLU G 142 14.14 37.83 -92.41
CA GLU G 142 13.63 38.99 -91.66
C GLU G 142 14.39 39.22 -90.37
N GLN G 143 15.08 38.21 -89.85
CA GLN G 143 15.87 38.40 -88.64
C GLN G 143 17.03 39.37 -88.88
N LEU G 144 17.66 39.28 -90.06
CA LEU G 144 18.71 40.22 -90.41
C LEU G 144 18.17 41.64 -90.50
N LYS G 145 16.99 41.80 -91.11
CA LYS G 145 16.32 43.10 -91.09
C LYS G 145 15.92 43.53 -89.69
N SER G 146 15.81 42.57 -88.77
CA SER G 146 15.45 42.90 -87.39
C SER G 146 16.62 43.42 -86.57
N GLY G 147 17.84 43.33 -87.09
CA GLY G 147 18.99 43.85 -86.38
C GLY G 147 19.49 42.99 -85.24
N THR G 148 18.94 41.80 -85.06
CA THR G 148 19.40 40.90 -84.00
C THR G 148 19.13 39.47 -84.47
N ALA G 149 20.18 38.73 -84.76
CA ALA G 149 20.09 37.39 -85.31
C ALA G 149 20.55 36.36 -84.29
N SER G 150 19.92 35.19 -84.33
CA SER G 150 20.24 34.10 -83.43
C SER G 150 20.62 32.86 -84.22
N VAL G 151 21.66 32.17 -83.76
CA VAL G 151 22.13 30.93 -84.36
C VAL G 151 22.01 29.82 -83.32
N VAL G 152 21.41 28.70 -83.71
CA VAL G 152 21.24 27.56 -82.82
C VAL G 152 21.55 26.29 -83.59
N CYS G 153 22.42 25.46 -83.03
CA CYS G 153 22.80 24.19 -83.65
C CYS G 153 22.20 23.05 -82.84
N LEU G 154 21.38 22.24 -83.50
CA LEU G 154 20.55 21.24 -82.82
C LEU G 154 21.32 19.95 -82.58
N LEU G 155 21.08 19.36 -81.41
CA LEU G 155 21.50 18.00 -81.10
C LEU G 155 20.25 17.16 -80.89
N ASN G 156 20.17 16.01 -81.54
CA ASN G 156 18.96 15.20 -81.51
C ASN G 156 19.32 13.74 -81.27
N ASN G 157 18.50 13.07 -80.45
CA ASN G 157 18.54 11.61 -80.26
C ASN G 157 19.92 11.15 -79.77
N PHE G 158 20.24 11.58 -78.55
CA PHE G 158 21.50 11.21 -77.91
C PHE G 158 21.25 10.72 -76.50
N TYR G 159 22.30 10.15 -75.90
CA TYR G 159 22.30 9.60 -74.55
C TYR G 159 23.74 9.41 -74.10
N PRO G 160 24.08 9.73 -72.84
CA PRO G 160 23.23 10.26 -71.78
C PRO G 160 23.05 11.78 -71.85
N ARG G 161 22.61 12.37 -70.72
CA ARG G 161 22.34 13.81 -70.68
C ARG G 161 23.62 14.64 -70.75
N GLU G 162 24.72 14.14 -70.19
CA GLU G 162 25.95 14.92 -70.08
C GLU G 162 26.55 15.16 -71.46
N ALA G 163 26.42 16.39 -71.95
CA ALA G 163 27.02 16.81 -73.21
C ALA G 163 27.37 18.27 -73.12
N LYS G 164 28.53 18.64 -73.66
CA LYS G 164 29.04 20.00 -73.55
C LYS G 164 29.06 20.68 -74.92
N VAL G 165 28.63 21.94 -74.95
CA VAL G 165 28.59 22.73 -76.17
C VAL G 165 29.41 23.99 -75.96
N GLN G 166 30.13 24.40 -77.01
CA GLN G 166 30.94 25.60 -76.98
C GLN G 166 30.78 26.33 -78.31
N TRP G 167 31.16 27.62 -78.32
CA TRP G 167 31.02 28.45 -79.49
C TRP G 167 32.36 29.08 -79.86
N LYS G 168 32.65 29.11 -81.16
CA LYS G 168 33.86 29.71 -81.69
C LYS G 168 33.48 30.75 -82.75
N VAL G 169 34.04 31.94 -82.62
CA VAL G 169 33.79 33.05 -83.54
C VAL G 169 35.11 33.38 -84.23
N ASP G 170 35.05 33.54 -85.56
CA ASP G 170 36.22 33.75 -86.39
C ASP G 170 37.18 32.58 -86.22
N ASN G 171 38.33 32.80 -85.57
CA ASN G 171 39.27 31.72 -85.32
C ASN G 171 38.88 30.92 -84.09
N ALA G 172 38.94 31.55 -82.92
CA ALA G 172 38.65 30.88 -81.66
C ALA G 172 38.40 31.92 -80.59
N LEU G 173 37.28 31.82 -79.91
CA LEU G 173 36.87 32.81 -78.92
C LEU G 173 35.76 32.20 -78.08
N GLN G 174 35.14 33.01 -77.22
CA GLN G 174 34.02 32.58 -76.39
C GLN G 174 33.05 33.75 -76.26
N SER G 175 31.87 33.61 -76.88
CA SER G 175 30.87 34.68 -76.82
C SER G 175 30.42 34.93 -75.39
N GLY G 176 30.16 33.86 -74.63
CA GLY G 176 29.83 33.98 -73.22
C GLY G 176 28.35 34.11 -72.91
N ASN G 177 27.49 34.27 -73.92
CA ASN G 177 26.04 34.39 -73.70
C ASN G 177 25.29 33.43 -74.64
N SER G 178 25.15 32.18 -74.19
CA SER G 178 24.41 31.17 -74.93
C SER G 178 23.42 30.48 -74.00
N GLN G 179 22.27 30.11 -74.54
CA GLN G 179 21.20 29.51 -73.76
C GLN G 179 20.93 28.10 -74.24
N GLU G 180 20.88 27.16 -73.29
CA GLU G 180 20.72 25.74 -73.60
C GLU G 180 19.39 25.22 -73.06
N SER G 181 18.75 24.35 -73.84
CA SER G 181 17.51 23.70 -73.45
C SER G 181 17.58 22.22 -73.79
N VAL G 182 17.06 21.38 -72.90
CA VAL G 182 17.09 19.93 -73.08
C VAL G 182 15.69 19.39 -72.88
N THR G 183 15.31 18.40 -73.70
CA THR G 183 13.98 17.81 -73.61
C THR G 183 13.97 16.70 -72.56
N GLU G 184 12.79 16.14 -72.32
CA GLU G 184 12.65 15.06 -71.36
C GLU G 184 12.87 13.72 -72.05
N GLN G 185 12.89 12.65 -71.26
CA GLN G 185 13.02 11.31 -71.81
C GLN G 185 11.86 11.01 -72.76
N ASP G 186 12.18 10.48 -73.93
CA ASP G 186 11.15 10.13 -74.89
C ASP G 186 10.30 8.97 -74.37
N SER G 187 9.03 8.97 -74.77
CA SER G 187 8.13 7.91 -74.32
C SER G 187 8.56 6.56 -74.87
N LYS G 188 8.98 6.50 -76.13
CA LYS G 188 9.27 5.24 -76.79
C LYS G 188 10.75 4.84 -76.66
N ASP G 189 11.64 5.68 -77.20
CA ASP G 189 13.06 5.36 -77.23
C ASP G 189 13.84 5.97 -76.06
N SER G 190 13.26 6.95 -75.38
CA SER G 190 13.86 7.57 -74.19
C SER G 190 15.22 8.19 -74.51
N THR G 191 15.17 9.23 -75.35
CA THR G 191 16.37 9.93 -75.75
C THR G 191 16.19 11.43 -75.51
N TYR G 192 17.21 12.21 -75.88
CA TYR G 192 17.32 13.62 -75.52
C TYR G 192 17.53 14.48 -76.76
N SER G 193 17.09 15.73 -76.66
CA SER G 193 17.32 16.74 -77.68
C SER G 193 17.79 18.02 -77.00
N LEU G 194 18.85 18.62 -77.55
CA LEU G 194 19.50 19.78 -76.95
C LEU G 194 19.53 20.92 -77.97
N SER G 195 19.15 22.12 -77.53
CA SER G 195 19.18 23.32 -78.35
C SER G 195 20.05 24.38 -77.66
N SER G 196 20.85 25.07 -78.46
CA SER G 196 21.81 26.05 -77.93
C SER G 196 21.72 27.32 -78.79
N THR G 197 21.03 28.33 -78.27
CA THR G 197 20.78 29.57 -78.99
C THR G 197 21.80 30.62 -78.59
N LEU G 198 22.36 31.30 -79.60
CA LEU G 198 23.28 32.42 -79.41
C LEU G 198 22.72 33.61 -80.18
N THR G 199 22.31 34.65 -79.46
CA THR G 199 21.68 35.82 -80.05
C THR G 199 22.64 36.99 -80.00
N LEU G 200 22.80 37.67 -81.14
CA LEU G 200 23.73 38.78 -81.25
C LEU G 200 23.16 39.82 -82.21
N SER G 201 23.43 41.09 -81.91
CA SER G 201 23.04 42.17 -82.79
C SER G 201 23.89 42.14 -84.06
N LYS G 202 23.38 42.82 -85.09
CA LYS G 202 24.07 42.81 -86.39
C LYS G 202 25.46 43.45 -86.31
N ALA G 203 25.69 44.31 -85.33
CA ALA G 203 27.01 44.93 -85.20
C ALA G 203 28.09 43.88 -84.96
N ASP G 204 27.81 42.90 -84.11
CA ASP G 204 28.79 41.84 -83.86
C ASP G 204 28.83 40.83 -84.99
N TYR G 205 27.71 40.57 -85.65
CA TYR G 205 27.66 39.55 -86.69
C TYR G 205 28.32 40.02 -87.98
N GLU G 206 28.29 41.33 -88.24
CA GLU G 206 28.81 41.83 -89.51
C GLU G 206 30.32 41.84 -89.56
N LYS G 207 31.00 42.02 -88.43
CA LYS G 207 32.45 42.17 -88.41
C LYS G 207 33.16 40.86 -88.07
N HIS G 208 32.61 39.72 -88.47
CA HIS G 208 33.24 38.44 -88.25
C HIS G 208 32.92 37.51 -89.42
N LYS G 209 33.69 36.44 -89.53
CA LYS G 209 33.68 35.60 -90.72
C LYS G 209 33.22 34.18 -90.45
N VAL G 210 33.85 33.49 -89.51
CA VAL G 210 33.64 32.05 -89.29
C VAL G 210 32.90 31.86 -87.98
N TYR G 211 31.83 31.06 -88.00
CA TYR G 211 31.05 30.76 -86.81
C TYR G 211 30.91 29.25 -86.69
N ALA G 212 31.30 28.70 -85.54
CA ALA G 212 31.24 27.26 -85.35
C ALA G 212 30.72 26.93 -83.96
N CYS G 213 30.07 25.79 -83.85
CA CYS G 213 29.67 25.24 -82.56
C CYS G 213 30.32 23.86 -82.38
N GLU G 214 30.85 23.64 -81.19
CA GLU G 214 31.61 22.46 -80.83
C GLU G 214 30.79 21.62 -79.85
N VAL G 215 30.69 20.32 -80.13
CA VAL G 215 29.93 19.39 -79.29
C VAL G 215 30.88 18.31 -78.80
N THR G 216 30.78 18.01 -77.50
CA THR G 216 31.55 16.95 -76.87
C THR G 216 30.60 16.08 -76.05
N HIS G 217 30.82 14.76 -76.13
CA HIS G 217 29.95 13.79 -75.49
C HIS G 217 30.79 12.64 -74.96
N GLN G 218 30.16 11.79 -74.14
CA GLN G 218 30.87 10.66 -73.53
C GLN G 218 31.36 9.69 -74.59
N GLY G 219 30.47 9.26 -75.49
CA GLY G 219 30.83 8.28 -76.50
C GLY G 219 31.51 8.84 -77.73
N LEU G 220 31.63 10.16 -77.83
CA LEU G 220 32.32 10.77 -78.96
C LEU G 220 33.83 10.75 -78.70
N SER G 221 34.56 10.04 -79.55
CA SER G 221 35.99 9.87 -79.34
C SER G 221 36.73 11.19 -79.38
N SER G 222 36.36 12.06 -80.31
CA SER G 222 36.97 13.37 -80.44
C SER G 222 35.90 14.44 -80.47
N PRO G 223 36.20 15.64 -80.00
CA PRO G 223 35.23 16.74 -80.10
C PRO G 223 34.89 17.03 -81.55
N VAL G 224 33.63 17.39 -81.80
CA VAL G 224 33.13 17.54 -83.16
C VAL G 224 32.73 19.00 -83.38
N THR G 225 33.22 19.57 -84.48
CA THR G 225 32.98 20.96 -84.83
C THR G 225 32.04 21.04 -86.02
N LYS G 226 31.10 21.99 -85.97
CA LYS G 226 30.27 22.31 -87.12
C LYS G 226 30.35 23.80 -87.38
N SER G 227 30.77 24.18 -88.59
CA SER G 227 31.15 25.56 -88.88
C SER G 227 30.47 26.04 -90.16
N PHE G 228 30.24 27.35 -90.21
CA PHE G 228 29.79 28.03 -91.41
C PHE G 228 30.54 29.36 -91.53
N ASN G 229 30.46 29.95 -92.72
CA ASN G 229 31.21 31.15 -93.05
C ASN G 229 30.26 32.19 -93.63
N ARG G 230 30.06 33.28 -92.91
CA ARG G 230 29.19 34.37 -93.36
C ARG G 230 29.75 35.69 -92.85
N GLY G 231 29.20 36.78 -93.37
CA GLY G 231 29.62 38.11 -92.96
C GLY G 231 28.73 38.72 -91.91
N GLN H 3 -9.35 17.32 -49.32
CA GLN H 3 -8.59 17.99 -50.37
C GLN H 3 -8.20 19.40 -49.97
N LEU H 4 -7.19 19.94 -50.63
CA LEU H 4 -6.68 21.29 -50.38
C LEU H 4 -6.66 22.04 -51.70
N GLN H 5 -7.46 23.10 -51.81
CA GLN H 5 -7.60 23.87 -53.04
C GLN H 5 -6.96 25.24 -52.85
N GLU H 6 -6.11 25.62 -53.79
CA GLU H 6 -5.31 26.83 -53.69
C GLU H 6 -5.66 27.79 -54.81
N SER H 7 -5.56 29.09 -54.52
CA SER H 7 -5.95 30.11 -55.47
C SER H 7 -5.22 31.40 -55.14
N GLY H 8 -5.25 32.33 -56.09
CA GLY H 8 -4.59 33.62 -55.98
C GLY H 8 -3.42 33.81 -56.91
N GLY H 9 -2.99 32.77 -57.61
CA GLY H 9 -1.88 32.88 -58.53
C GLY H 9 -2.24 33.69 -59.76
N GLY H 10 -1.20 34.09 -60.48
CA GLY H 10 -1.38 34.93 -61.65
C GLY H 10 -0.22 35.90 -61.79
N LEU H 11 -0.48 37.00 -62.50
CA LEU H 11 0.56 37.95 -62.88
C LEU H 11 0.48 39.21 -62.03
N VAL H 12 1.61 39.58 -61.42
CA VAL H 12 1.68 40.75 -60.56
C VAL H 12 2.97 41.51 -60.86
N LYS H 13 2.87 42.84 -60.93
CA LYS H 13 4.03 43.66 -61.21
C LYS H 13 5.02 43.61 -60.05
N PRO H 14 6.31 43.82 -60.32
CA PRO H 14 7.30 43.85 -59.24
C PRO H 14 6.99 44.96 -58.24
N GLY H 15 7.23 44.67 -56.97
CA GLY H 15 6.97 45.60 -55.90
C GLY H 15 5.53 45.65 -55.43
N GLY H 16 4.65 44.79 -55.94
CA GLY H 16 3.26 44.80 -55.57
C GLY H 16 2.98 43.94 -54.34
N SER H 17 1.69 43.88 -53.99
CA SER H 17 1.22 43.10 -52.85
C SER H 17 0.32 41.99 -53.36
N LEU H 18 0.55 40.77 -52.89
CA LEU H 18 -0.10 39.58 -53.41
C LEU H 18 -0.61 38.72 -52.27
N ARG H 19 -1.68 37.96 -52.53
CA ARG H 19 -2.31 37.12 -51.52
C ARG H 19 -2.71 35.78 -52.12
N LEU H 20 -2.35 34.70 -51.43
CA LEU H 20 -2.75 33.34 -51.80
C LEU H 20 -3.63 32.72 -50.72
N SER H 21 -4.55 31.87 -51.15
CA SER H 21 -5.51 31.22 -50.27
C SER H 21 -5.51 29.71 -50.50
N CYS H 22 -5.65 28.96 -49.40
CA CYS H 22 -5.74 27.50 -49.44
C CYS H 22 -6.89 27.06 -48.54
N THR H 23 -7.89 26.43 -49.12
CA THR H 23 -9.08 25.98 -48.40
C THR H 23 -9.10 24.46 -48.33
N ALA H 24 -9.55 23.94 -47.19
CA ALA H 24 -9.53 22.51 -46.94
C ALA H 24 -10.94 21.99 -46.68
N SER H 25 -11.21 20.77 -47.11
CA SER H 25 -12.51 20.15 -46.93
C SER H 25 -12.31 18.64 -46.89
N GLY H 26 -12.59 18.03 -45.74
CA GLY H 26 -12.48 16.59 -45.61
C GLY H 26 -11.86 16.14 -44.31
N PHE H 27 -11.42 17.09 -43.48
CA PHE H 27 -10.81 16.76 -42.21
C PHE H 27 -11.04 17.92 -41.24
N ASN H 28 -10.54 17.76 -40.02
CA ASN H 28 -10.64 18.80 -39.01
C ASN H 28 -9.56 19.84 -39.27
N PHE H 29 -9.97 21.01 -39.76
CA PHE H 29 -9.02 22.08 -40.05
C PHE H 29 -8.42 22.67 -38.78
N ASN H 30 -9.06 22.46 -37.63
CA ASN H 30 -8.65 23.10 -36.39
C ASN H 30 -7.40 22.50 -35.78
N LYS H 31 -7.15 21.21 -36.00
CA LYS H 31 -6.19 20.47 -35.20
C LYS H 31 -4.84 20.24 -35.87
N TYR H 32 -4.62 20.76 -37.08
CA TYR H 32 -3.45 20.38 -37.86
C TYR H 32 -2.57 21.58 -38.16
N ASN H 33 -1.27 21.41 -37.94
CA ASN H 33 -0.27 22.37 -38.40
C ASN H 33 -0.20 22.36 -39.92
N MET H 34 -0.09 23.55 -40.52
CA MET H 34 -0.05 23.65 -41.97
C MET H 34 1.10 24.55 -42.41
N ASN H 35 1.70 24.20 -43.55
CA ASN H 35 2.89 24.91 -44.01
C ASN H 35 2.77 25.21 -45.50
N TRP H 36 3.55 26.22 -45.92
CA TRP H 36 3.61 26.64 -47.31
C TRP H 36 5.00 26.33 -47.87
N VAL H 37 5.03 25.67 -49.04
CA VAL H 37 6.25 25.23 -49.72
C VAL H 37 6.25 25.81 -51.14
N ARG H 38 7.43 26.10 -51.65
CA ARG H 38 7.61 26.78 -52.92
C ARG H 38 8.53 25.97 -53.81
N GLN H 39 8.31 26.07 -55.13
CA GLN H 39 9.19 25.42 -56.10
C GLN H 39 9.46 26.37 -57.26
N ALA H 40 10.74 26.64 -57.51
CA ALA H 40 11.18 27.46 -58.64
C ALA H 40 11.20 26.63 -59.92
N PRO H 41 11.04 27.28 -61.08
CA PRO H 41 11.03 26.53 -62.35
C PRO H 41 12.40 25.94 -62.65
N GLY H 42 12.46 24.60 -62.68
CA GLY H 42 13.69 23.91 -63.00
C GLY H 42 14.64 23.69 -61.86
N LYS H 43 14.23 23.95 -60.62
CA LYS H 43 15.11 23.78 -59.47
C LYS H 43 14.47 22.89 -58.42
N GLY H 44 15.09 22.78 -57.25
CA GLY H 44 14.58 21.96 -56.17
C GLY H 44 13.46 22.65 -55.42
N LEU H 45 13.05 22.00 -54.33
CA LEU H 45 11.96 22.49 -53.51
C LEU H 45 12.45 23.52 -52.49
N GLU H 46 11.50 24.26 -51.92
CA GLU H 46 11.81 25.31 -50.96
C GLU H 46 10.64 25.49 -50.01
N TRP H 47 10.94 25.66 -48.73
CA TRP H 47 9.93 25.80 -47.69
C TRP H 47 9.73 27.27 -47.37
N VAL H 48 8.52 27.76 -47.59
CA VAL H 48 8.21 29.17 -47.33
C VAL H 48 7.99 29.41 -45.85
N SER H 49 7.02 28.71 -45.25
CA SER H 49 6.63 29.04 -43.89
C SER H 49 5.88 27.87 -43.26
N SER H 50 5.64 27.98 -41.95
CA SER H 50 4.89 27.00 -41.20
C SER H 50 4.08 27.70 -40.12
N ILE H 51 2.86 27.21 -39.86
CA ILE H 51 1.98 27.79 -38.85
C ILE H 51 1.28 26.66 -38.10
N SER H 52 1.10 26.87 -36.80
CA SER H 52 0.46 25.90 -35.92
C SER H 52 -1.06 26.10 -35.94
N ALA H 53 -1.76 25.44 -35.01
CA ALA H 53 -3.21 25.35 -35.08
C ALA H 53 -3.87 26.67 -34.69
N LEU H 54 -3.67 27.11 -33.45
CA LEU H 54 -4.24 28.35 -32.97
C LEU H 54 -3.38 29.57 -33.31
N SER H 55 -2.47 29.43 -34.28
CA SER H 55 -1.61 30.51 -34.73
C SER H 55 -0.78 31.07 -33.58
N THR H 56 -0.17 30.18 -32.82
CA THR H 56 0.69 30.55 -31.71
C THR H 56 2.18 30.42 -32.05
N TYR H 57 2.54 29.42 -32.85
CA TYR H 57 3.91 29.20 -33.28
C TYR H 57 3.96 29.37 -34.79
N ILE H 58 4.57 30.47 -35.25
CA ILE H 58 4.73 30.75 -36.67
C ILE H 58 6.22 30.78 -36.98
N TYR H 59 6.64 29.93 -37.91
CA TYR H 59 8.04 29.82 -38.28
C TYR H 59 8.20 30.23 -39.74
N TYR H 60 9.32 30.91 -40.04
CA TYR H 60 9.51 31.55 -41.32
C TYR H 60 10.84 31.14 -41.91
N ALA H 61 10.93 31.25 -43.24
CA ALA H 61 12.18 30.97 -43.92
C ALA H 61 13.24 31.98 -43.51
N ASP H 62 14.50 31.53 -43.49
CA ASP H 62 15.59 32.40 -43.05
C ASP H 62 15.75 33.60 -43.99
N SER H 63 15.66 33.38 -45.29
CA SER H 63 15.85 34.44 -46.27
C SER H 63 14.57 35.20 -46.58
N LEU H 64 13.40 34.59 -46.38
CA LEU H 64 12.13 35.20 -46.73
C LEU H 64 11.51 36.00 -45.59
N LYS H 65 12.20 36.12 -44.45
CA LYS H 65 11.67 36.85 -43.32
C LYS H 65 11.57 38.34 -43.64
N GLY H 66 10.49 38.96 -43.17
CA GLY H 66 10.26 40.37 -43.38
C GLY H 66 9.42 40.73 -44.59
N ARG H 67 9.05 39.75 -45.42
CA ARG H 67 8.25 40.03 -46.60
C ARG H 67 6.97 39.20 -46.61
N PHE H 68 6.98 38.06 -45.93
CA PHE H 68 5.89 37.10 -45.99
C PHE H 68 5.13 37.09 -44.67
N THR H 69 3.81 37.14 -44.73
CA THR H 69 2.96 37.11 -43.54
C THR H 69 1.89 36.05 -43.73
N VAL H 70 1.89 35.05 -42.86
CA VAL H 70 0.97 33.92 -42.98
C VAL H 70 -0.04 33.97 -41.84
N SER H 71 -1.25 33.47 -42.13
CA SER H 71 -2.30 33.41 -41.12
C SER H 71 -3.34 32.42 -41.59
N ARG H 72 -4.31 32.12 -40.71
CA ARG H 72 -5.34 31.17 -41.06
C ARG H 72 -6.65 31.55 -40.40
N ASP H 73 -7.74 31.15 -41.04
CA ASP H 73 -9.09 31.30 -40.50
C ASP H 73 -9.64 29.90 -40.25
N ASN H 74 -9.77 29.53 -38.96
CA ASN H 74 -10.25 28.20 -38.62
C ASN H 74 -11.74 28.07 -38.85
N ALA H 75 -12.49 29.17 -38.79
CA ALA H 75 -13.93 29.11 -38.99
C ALA H 75 -14.28 28.76 -40.44
N LYS H 76 -13.60 29.38 -41.39
CA LYS H 76 -13.87 29.13 -42.80
C LYS H 76 -12.96 28.08 -43.41
N ASN H 77 -12.11 27.43 -42.61
CA ASN H 77 -11.16 26.44 -43.09
C ASN H 77 -10.31 27.00 -44.22
N SER H 78 -9.55 28.05 -43.90
CA SER H 78 -8.76 28.73 -44.91
C SER H 78 -7.39 29.10 -44.35
N LEU H 79 -6.43 29.21 -45.26
CA LEU H 79 -5.04 29.54 -44.93
C LEU H 79 -4.56 30.59 -45.92
N PHE H 80 -4.26 31.78 -45.42
CA PHE H 80 -3.90 32.92 -46.26
C PHE H 80 -2.43 33.28 -46.10
N LEU H 81 -1.82 33.68 -47.22
CA LEU H 81 -0.44 34.15 -47.26
C LEU H 81 -0.40 35.48 -47.98
N GLN H 82 0.35 36.43 -47.42
CA GLN H 82 0.49 37.77 -47.98
C GLN H 82 1.96 38.05 -48.24
N MET H 83 2.26 38.56 -49.44
CA MET H 83 3.61 38.94 -49.82
C MET H 83 3.63 40.40 -50.25
N ASN H 84 4.67 41.12 -49.80
CA ASN H 84 4.84 42.53 -50.09
C ASN H 84 6.26 42.76 -50.59
N SER H 85 6.41 43.79 -51.44
CA SER H 85 7.69 44.15 -52.04
C SER H 85 8.30 42.96 -52.77
N LEU H 86 7.54 42.44 -53.74
CA LEU H 86 7.98 41.27 -54.50
C LEU H 86 9.19 41.59 -55.35
N ARG H 87 10.05 40.59 -55.51
CA ARG H 87 11.21 40.69 -56.39
C ARG H 87 10.99 39.80 -57.60
N ASP H 88 11.82 39.99 -58.64
CA ASP H 88 11.59 39.32 -59.91
C ASP H 88 11.72 37.81 -59.79
N ASP H 89 12.57 37.31 -58.90
CA ASP H 89 12.79 35.88 -58.74
C ASP H 89 11.79 35.24 -57.78
N ASP H 90 10.63 35.86 -57.57
CA ASP H 90 9.59 35.32 -56.71
C ASP H 90 8.48 34.63 -57.50
N THR H 91 8.67 34.42 -58.80
CA THR H 91 7.76 33.60 -59.58
C THR H 91 8.05 32.12 -59.33
N ALA H 92 7.01 31.36 -59.03
CA ALA H 92 7.20 29.96 -58.65
C ALA H 92 5.84 29.28 -58.53
N VAL H 93 5.87 28.02 -58.09
CA VAL H 93 4.68 27.22 -57.82
C VAL H 93 4.57 27.07 -56.30
N TYR H 94 3.40 27.37 -55.76
CA TYR H 94 3.13 27.37 -54.33
C TYR H 94 2.24 26.18 -53.98
N TYR H 95 2.62 25.45 -52.93
CA TYR H 95 1.86 24.32 -52.43
C TYR H 95 1.57 24.52 -50.95
N CYS H 96 0.32 24.30 -50.57
CA CYS H 96 -0.07 24.29 -49.16
C CYS H 96 -0.17 22.84 -48.70
N ALA H 97 0.66 22.49 -47.71
CA ALA H 97 0.75 21.13 -47.24
C ALA H 97 0.26 21.04 -45.80
N ARG H 98 -0.34 19.90 -45.48
CA ARG H 98 -0.82 19.60 -44.13
C ARG H 98 0.24 18.81 -43.39
N GLU H 99 0.57 19.25 -42.18
CA GLU H 99 1.63 18.62 -41.40
C GLU H 99 1.05 17.83 -40.24
N ILE H 100 1.71 16.71 -39.93
CA ILE H 100 1.28 15.82 -38.85
C ILE H 100 2.49 15.43 -38.03
N ARG H 101 2.30 15.32 -36.72
CA ARG H 101 3.39 15.00 -35.79
C ARG H 101 3.27 13.55 -35.37
N ARG H 102 4.35 12.79 -35.60
CA ARG H 102 4.35 11.35 -35.36
C ARG H 102 5.78 10.84 -35.46
N ALA H 103 6.14 9.97 -34.53
CA ALA H 103 7.52 9.55 -34.25
C ALA H 103 8.38 10.71 -33.75
N SER H 104 7.76 11.68 -33.09
CA SER H 104 8.43 12.88 -32.58
C SER H 104 9.12 13.63 -33.72
N THR H 105 8.31 14.03 -34.70
CA THR H 105 8.81 14.49 -35.98
C THR H 105 7.65 15.05 -36.79
N TRP H 106 7.91 16.12 -37.54
CA TRP H 106 6.91 16.73 -38.41
C TRP H 106 7.06 16.19 -39.82
N SER H 107 5.94 15.76 -40.41
CA SER H 107 5.94 15.24 -41.77
C SER H 107 4.65 15.66 -42.46
N ALA H 108 4.76 16.07 -43.71
CA ALA H 108 3.62 16.57 -44.48
C ALA H 108 2.96 15.40 -45.20
N ASP H 109 1.68 15.16 -44.92
CA ASP H 109 0.97 13.99 -45.39
C ASP H 109 -0.04 14.28 -46.49
N LEU H 110 -0.26 15.54 -46.85
CA LEU H 110 -1.18 15.86 -47.93
C LEU H 110 -0.74 17.17 -48.56
N TRP H 111 -0.61 17.16 -49.88
CA TRP H 111 -0.21 18.33 -50.65
C TRP H 111 -1.34 18.75 -51.57
N GLY H 112 -1.43 20.06 -51.81
CA GLY H 112 -2.43 20.60 -52.70
C GLY H 112 -1.98 20.53 -54.14
N ARG H 113 -2.81 21.11 -55.02
CA ARG H 113 -2.49 21.10 -56.44
C ARG H 113 -1.38 22.09 -56.78
N GLY H 114 -1.30 23.19 -56.05
CA GLY H 114 -0.26 24.18 -56.28
C GLY H 114 -0.64 25.20 -57.33
N THR H 115 -0.34 26.48 -57.07
CA THR H 115 -0.69 27.55 -57.98
C THR H 115 0.56 28.31 -58.44
N LEU H 116 0.48 28.90 -59.63
CA LEU H 116 1.63 29.57 -60.24
C LEU H 116 1.51 31.07 -60.04
N VAL H 117 2.61 31.70 -59.63
CA VAL H 117 2.67 33.15 -59.48
C VAL H 117 3.83 33.66 -60.31
N THR H 118 3.56 34.65 -61.15
CA THR H 118 4.54 35.24 -62.06
C THR H 118 4.65 36.75 -61.80
N VAL H 119 5.87 37.21 -61.60
CA VAL H 119 6.18 38.61 -61.42
C VAL H 119 7.14 39.03 -62.53
N SER H 120 6.75 40.05 -63.28
CA SER H 120 7.57 40.53 -64.39
C SER H 120 7.09 41.91 -64.79
N SER H 121 7.96 42.63 -65.51
CA SER H 121 7.66 43.94 -66.05
C SER H 121 7.59 43.79 -67.57
N ALA H 122 6.41 43.42 -68.06
CA ALA H 122 6.21 43.23 -69.48
C ALA H 122 4.71 43.31 -69.78
N SER H 123 4.39 43.51 -71.05
CA SER H 123 3.02 43.56 -71.53
C SER H 123 2.80 42.45 -72.54
N THR H 124 1.57 42.35 -73.04
CA THR H 124 1.23 41.30 -74.00
C THR H 124 1.89 41.60 -75.34
N LYS H 125 2.76 40.69 -75.80
CA LYS H 125 3.48 40.84 -77.05
C LYS H 125 3.27 39.60 -77.91
N GLY H 126 3.02 39.82 -79.20
CA GLY H 126 2.78 38.74 -80.13
C GLY H 126 4.01 37.93 -80.42
N PRO H 127 3.83 36.65 -80.72
CA PRO H 127 4.96 35.76 -81.04
C PRO H 127 5.47 36.01 -82.45
N SER H 128 6.74 36.36 -82.56
CA SER H 128 7.39 36.49 -83.86
C SER H 128 7.82 35.11 -84.34
N VAL H 129 7.35 34.71 -85.52
CA VAL H 129 7.60 33.38 -86.06
C VAL H 129 8.60 33.51 -87.21
N PHE H 130 9.63 32.67 -87.18
CA PHE H 130 10.66 32.68 -88.20
C PHE H 130 10.95 31.26 -88.66
N PRO H 131 11.34 31.07 -89.92
CA PRO H 131 11.67 29.73 -90.40
C PRO H 131 13.15 29.42 -90.25
N LEU H 132 13.43 28.18 -89.85
CA LEU H 132 14.78 27.71 -89.55
C LEU H 132 15.17 26.60 -90.53
N ALA H 133 15.73 27.00 -91.67
CA ALA H 133 16.19 26.05 -92.67
C ALA H 133 17.37 26.62 -93.45
N GLY H 147 12.44 23.41 -89.21
CA GLY H 147 12.71 24.40 -88.17
C GLY H 147 11.68 25.50 -88.09
N CYS H 148 11.43 25.99 -86.88
CA CYS H 148 10.43 27.03 -86.66
C CYS H 148 10.72 27.68 -85.31
N LEU H 149 11.08 28.97 -85.34
CA LEU H 149 11.50 29.69 -84.14
C LEU H 149 10.40 30.67 -83.73
N VAL H 150 10.03 30.65 -82.45
CA VAL H 150 9.07 31.59 -81.90
C VAL H 150 9.81 32.45 -80.88
N LYS H 151 9.72 33.77 -81.05
CA LYS H 151 10.50 34.69 -80.23
C LYS H 151 9.63 35.83 -79.74
N ASP H 152 9.93 36.30 -78.53
CA ASP H 152 9.38 37.55 -77.99
C ASP H 152 7.86 37.49 -77.85
N TYR H 153 7.40 36.53 -77.04
CA TYR H 153 6.00 36.46 -76.63
C TYR H 153 5.97 36.33 -75.11
N PHE H 154 5.17 37.17 -74.47
CA PHE H 154 5.25 37.29 -73.01
C PHE H 154 4.53 36.15 -72.27
N PRO H 155 3.25 35.87 -72.51
CA PRO H 155 2.61 34.77 -71.80
C PRO H 155 3.30 33.44 -72.10
N GLU H 156 3.43 32.61 -71.06
CA GLU H 156 4.21 31.39 -71.18
C GLU H 156 3.65 30.40 -72.21
N PRO H 157 2.35 30.04 -72.19
CA PRO H 157 1.91 28.98 -73.10
C PRO H 157 1.83 29.45 -74.54
N VAL H 158 2.22 28.57 -75.47
CA VAL H 158 2.09 28.81 -76.89
C VAL H 158 2.02 27.46 -77.57
N THR H 159 1.29 27.39 -78.68
CA THR H 159 1.06 26.13 -79.39
C THR H 159 1.83 26.12 -80.69
N VAL H 160 2.55 25.03 -80.93
CA VAL H 160 3.33 24.84 -82.17
C VAL H 160 2.92 23.52 -82.80
N SER H 161 2.65 23.55 -84.10
CA SER H 161 2.26 22.34 -84.82
C SER H 161 2.77 22.39 -86.24
N TRP H 162 2.80 21.21 -86.87
CA TRP H 162 3.19 21.05 -88.27
C TRP H 162 1.93 20.74 -89.07
N ASN H 163 1.50 21.68 -89.89
CA ASN H 163 0.33 21.52 -90.76
C ASN H 163 -0.90 21.05 -89.98
N SER H 164 -1.15 21.72 -88.85
CA SER H 164 -2.34 21.48 -88.02
C SER H 164 -2.44 20.00 -87.61
N GLY H 165 -1.30 19.45 -87.18
CA GLY H 165 -1.27 18.07 -86.73
C GLY H 165 -1.10 17.04 -87.82
N ALA H 166 -0.83 17.46 -89.06
CA ALA H 166 -0.62 16.49 -90.12
C ALA H 166 0.63 15.66 -89.89
N LEU H 167 1.70 16.29 -89.42
CA LEU H 167 2.98 15.61 -89.21
C LEU H 167 3.17 15.31 -87.73
N THR H 168 3.57 14.08 -87.41
CA THR H 168 3.73 13.67 -86.02
C THR H 168 4.97 12.82 -85.79
N SER H 169 5.87 12.71 -86.75
CA SER H 169 7.06 11.88 -86.63
C SER H 169 8.28 12.79 -86.49
N GLY H 170 9.03 12.62 -85.40
CA GLY H 170 10.23 13.40 -85.18
C GLY H 170 9.98 14.85 -84.82
N VAL H 171 8.80 15.18 -84.31
CA VAL H 171 8.46 16.55 -83.94
C VAL H 171 8.96 16.77 -82.51
N HIS H 172 10.16 17.37 -82.40
CA HIS H 172 10.75 17.67 -81.11
C HIS H 172 10.55 19.15 -80.81
N THR H 173 9.96 19.44 -79.66
CA THR H 173 9.90 20.79 -79.12
C THR H 173 10.86 20.90 -77.94
N PHE H 174 11.18 22.14 -77.57
CA PHE H 174 12.13 22.39 -76.51
C PHE H 174 11.52 23.31 -75.47
N PRO H 175 11.92 23.18 -74.21
CA PRO H 175 11.37 24.04 -73.16
C PRO H 175 11.65 25.51 -73.43
N ALA H 176 10.66 26.34 -73.13
CA ALA H 176 10.81 27.78 -73.27
C ALA H 176 11.79 28.31 -72.23
N VAL H 177 12.53 29.36 -72.61
CA VAL H 177 13.55 29.94 -71.76
C VAL H 177 13.35 31.44 -71.65
N LEU H 178 13.95 32.01 -70.61
CA LEU H 178 13.95 33.45 -70.42
C LEU H 178 15.28 34.04 -70.88
N GLN H 179 15.20 35.01 -71.79
CA GLN H 179 16.34 35.85 -72.11
C GLN H 179 16.30 37.09 -71.24
N SER H 180 17.35 37.92 -71.32
CA SER H 180 17.44 39.09 -70.46
C SER H 180 16.32 40.09 -70.70
N SER H 181 15.74 40.10 -71.91
CA SER H 181 14.71 41.09 -72.21
C SER H 181 13.42 40.86 -71.45
N GLY H 182 13.18 39.65 -70.96
CA GLY H 182 11.96 39.34 -70.27
C GLY H 182 10.87 38.75 -71.12
N LEU H 183 11.18 38.30 -72.33
CA LEU H 183 10.22 37.67 -73.22
C LEU H 183 10.69 36.27 -73.56
N TYR H 184 9.73 35.36 -73.71
CA TYR H 184 10.05 33.96 -73.93
C TYR H 184 10.38 33.68 -75.39
N SER H 185 11.09 32.57 -75.61
CA SER H 185 11.40 32.10 -76.95
C SER H 185 11.59 30.60 -76.92
N LEU H 186 11.19 29.94 -78.00
CA LEU H 186 11.42 28.51 -78.13
C LEU H 186 11.62 28.17 -79.61
N SER H 187 11.94 26.91 -79.86
CA SER H 187 12.18 26.39 -81.20
C SER H 187 11.43 25.08 -81.37
N SER H 188 11.18 24.72 -82.62
CA SER H 188 10.60 23.44 -82.95
C SER H 188 11.27 22.91 -84.22
N VAL H 189 11.62 21.63 -84.20
CA VAL H 189 12.38 21.01 -85.28
C VAL H 189 11.63 19.77 -85.76
N VAL H 190 12.22 19.11 -86.77
CA VAL H 190 11.64 17.90 -87.34
C VAL H 190 12.75 17.18 -88.10
N THR H 191 12.60 15.86 -88.23
CA THR H 191 13.54 15.05 -88.98
C THR H 191 12.86 14.54 -90.25
N VAL H 192 13.65 14.42 -91.32
CA VAL H 192 13.13 14.06 -92.63
C VAL H 192 14.27 13.55 -93.50
N PRO H 193 14.07 12.50 -94.32
CA PRO H 193 15.12 12.06 -95.24
C PRO H 193 15.42 13.09 -96.33
N SER H 194 16.34 12.75 -97.23
CA SER H 194 16.87 13.74 -98.17
C SER H 194 15.85 14.15 -99.22
N SER H 195 15.07 13.19 -99.74
CA SER H 195 14.23 13.47 -100.91
C SER H 195 13.11 14.45 -100.59
N SER H 196 12.36 14.19 -99.53
CA SER H 196 11.14 14.96 -99.24
C SER H 196 11.40 16.45 -99.07
N LEU H 197 12.66 16.88 -99.02
CA LEU H 197 12.95 18.30 -98.98
C LEU H 197 12.44 19.01 -100.22
N GLY H 198 12.60 18.39 -101.39
CA GLY H 198 12.26 19.05 -102.63
C GLY H 198 10.89 18.69 -103.17
N THR H 199 10.02 18.16 -102.32
CA THR H 199 8.71 17.70 -102.75
C THR H 199 7.57 18.58 -102.21
N GLN H 200 7.50 18.77 -100.89
CA GLN H 200 6.42 19.50 -100.26
C GLN H 200 6.98 20.69 -99.50
N THR H 201 6.38 21.86 -99.69
CA THR H 201 6.69 23.02 -98.87
C THR H 201 5.85 22.97 -97.61
N TYR H 202 6.49 23.16 -96.46
CA TYR H 202 5.85 22.93 -95.17
C TYR H 202 5.52 24.24 -94.46
N ILE H 203 4.54 24.16 -93.58
CA ILE H 203 4.00 25.32 -92.87
C ILE H 203 4.03 25.04 -91.37
N CYS H 204 4.52 26.01 -90.60
CA CYS H 204 4.54 25.94 -89.15
C CYS H 204 3.38 26.75 -88.60
N ASN H 205 2.56 26.12 -87.77
CA ASN H 205 1.40 26.77 -87.16
C ASN H 205 1.75 27.16 -85.73
N VAL H 206 1.69 28.45 -85.44
CA VAL H 206 1.96 28.99 -84.11
C VAL H 206 0.71 29.69 -83.61
N ASN H 207 0.23 29.28 -82.44
CA ASN H 207 -1.03 29.74 -81.89
C ASN H 207 -0.77 30.37 -80.53
N HIS H 208 -1.28 31.60 -80.34
CA HIS H 208 -1.18 32.31 -79.09
C HIS H 208 -2.53 32.97 -78.81
N LYS H 209 -3.14 32.61 -77.67
CA LYS H 209 -4.50 33.02 -77.33
C LYS H 209 -4.61 34.44 -76.77
N PRO H 210 -3.85 34.82 -75.71
CA PRO H 210 -4.10 36.13 -75.08
C PRO H 210 -3.85 37.33 -75.98
N SER H 211 -3.57 37.09 -77.27
CA SER H 211 -3.57 38.16 -78.25
C SER H 211 -4.11 37.71 -79.60
N ASN H 212 -4.59 36.47 -79.72
CA ASN H 212 -5.25 35.98 -80.92
C ASN H 212 -4.34 36.06 -82.15
N THR H 213 -3.26 35.29 -82.10
CA THR H 213 -2.35 35.16 -83.24
C THR H 213 -2.26 33.69 -83.63
N LYS H 214 -2.84 33.36 -84.78
CA LYS H 214 -2.80 32.00 -85.32
C LYS H 214 -2.10 32.08 -86.67
N VAL H 215 -0.77 31.98 -86.64
CA VAL H 215 0.06 32.26 -87.81
C VAL H 215 0.50 30.95 -88.43
N ASP H 216 0.21 30.78 -89.72
CA ASP H 216 0.66 29.63 -90.50
C ASP H 216 1.79 30.11 -91.42
N LYS H 217 3.02 30.07 -90.91
CA LYS H 217 4.16 30.63 -91.61
C LYS H 217 4.80 29.58 -92.50
N ARG H 218 5.13 29.98 -93.72
CA ARG H 218 5.73 29.06 -94.69
C ARG H 218 7.25 29.10 -94.61
N VAL H 219 7.87 27.97 -94.94
CA VAL H 219 9.32 27.84 -94.98
C VAL H 219 9.76 27.62 -96.41
N GLU H 220 10.83 28.32 -96.82
CA GLU H 220 11.37 28.16 -98.15
C GLU H 220 12.65 27.33 -98.08
N PRO H 221 12.67 26.11 -98.58
CA PRO H 221 13.90 25.31 -98.53
C PRO H 221 15.02 25.97 -99.33
N LYS H 222 16.24 25.85 -98.81
CA LYS H 222 17.38 26.49 -99.43
C LYS H 222 18.65 25.66 -99.25
N ILE I 23 17.63 11.01 47.65
CA ILE I 23 18.89 11.02 46.92
C ILE I 23 19.77 12.17 47.39
N GLN I 24 20.79 11.83 48.17
CA GLN I 24 21.73 12.82 48.69
C GLN I 24 22.92 12.95 47.75
N MET I 25 23.49 14.16 47.72
CA MET I 25 24.62 14.48 46.86
C MET I 25 25.89 14.62 47.67
N THR I 26 26.99 14.88 46.95
CA THR I 26 28.27 15.21 47.57
C THR I 26 29.02 16.08 46.59
N GLN I 27 29.38 17.29 47.00
CA GLN I 27 30.01 18.27 46.14
C GLN I 27 31.41 18.58 46.65
N SER I 28 32.39 18.53 45.76
CA SER I 28 33.78 18.74 46.12
C SER I 28 34.46 19.66 45.12
N PRO I 29 35.41 20.48 45.59
CA PRO I 29 35.71 20.66 47.01
C PRO I 29 34.90 21.81 47.61
N SER I 30 34.95 21.96 48.94
CA SER I 30 34.17 23.01 49.60
C SER I 30 34.62 24.39 49.15
N SER I 31 35.93 24.60 49.03
CA SER I 31 36.46 25.87 48.56
C SER I 31 37.85 25.64 48.01
N LEU I 32 38.03 25.87 46.71
CA LEU I 32 39.32 25.72 46.06
C LEU I 32 39.82 27.07 45.56
N SER I 33 41.14 27.21 45.49
CA SER I 33 41.77 28.48 45.15
C SER I 33 42.52 28.37 43.84
N ALA I 34 42.32 29.35 42.96
CA ALA I 34 43.04 29.42 41.70
C ALA I 34 42.96 30.84 41.16
N SER I 35 44.07 31.31 40.59
CA SER I 35 44.19 32.65 40.04
C SER I 35 43.72 32.69 38.59
N VAL I 36 43.70 33.89 38.01
CA VAL I 36 43.21 34.05 36.64
C VAL I 36 44.14 33.33 35.66
N GLY I 37 43.54 32.64 34.70
CA GLY I 37 44.27 31.96 33.66
C GLY I 37 44.44 30.46 33.85
N ASP I 38 44.22 29.96 35.06
CA ASP I 38 44.39 28.54 35.35
C ASP I 38 43.12 27.76 34.99
N ARG I 39 43.12 26.47 35.31
CA ARG I 39 41.98 25.59 35.05
C ARG I 39 41.44 25.06 36.36
N VAL I 40 40.11 25.04 36.49
CA VAL I 40 39.44 24.64 37.71
C VAL I 40 38.38 23.58 37.40
N ILE I 41 38.27 22.60 38.29
CA ILE I 41 37.37 21.46 38.16
C ILE I 41 36.57 21.32 39.45
N ILE I 42 35.25 21.17 39.31
CA ILE I 42 34.34 20.96 40.44
C ILE I 42 33.53 19.70 40.19
N THR I 43 33.32 18.90 41.23
CA THR I 43 32.67 17.60 41.08
C THR I 43 31.41 17.52 41.92
N CYS I 44 30.35 16.96 41.33
CA CYS I 44 29.12 16.64 42.03
C CYS I 44 28.83 15.16 41.80
N ARG I 45 28.80 14.38 42.87
CA ARG I 45 28.59 12.94 42.79
C ARG I 45 27.36 12.55 43.60
N ALA I 46 26.75 11.44 43.19
CA ALA I 46 25.48 11.00 43.77
C ALA I 46 25.56 9.52 44.10
N SER I 47 24.75 9.12 45.09
CA SER I 47 24.76 7.73 45.54
C SER I 47 24.23 6.80 44.46
N GLN I 48 23.06 7.11 43.91
CA GLN I 48 22.43 6.27 42.89
C GLN I 48 22.84 6.76 41.51
N SER I 49 22.16 6.25 40.48
CA SER I 49 22.36 6.70 39.11
C SER I 49 21.18 7.59 38.73
N ILE I 50 21.47 8.88 38.53
CA ILE I 50 20.45 9.83 38.12
C ILE I 50 20.47 10.07 36.61
N SER I 51 21.13 9.18 35.86
CA SER I 51 21.29 9.29 34.41
C SER I 51 22.01 10.57 34.04
N SER I 52 21.28 11.52 33.44
CA SER I 52 21.86 12.79 32.99
C SER I 52 20.93 13.93 33.38
N SER I 53 20.51 13.96 34.63
CA SER I 53 19.64 15.01 35.17
C SER I 53 20.42 15.80 36.22
N LEU I 54 21.05 16.89 35.79
CA LEU I 54 21.77 17.76 36.73
C LEU I 54 21.84 19.16 36.13
N ASN I 55 21.68 20.16 36.98
CA ASN I 55 21.74 21.56 36.60
C ASN I 55 22.80 22.28 37.44
N TRP I 56 23.62 23.08 36.78
CA TRP I 56 24.69 23.83 37.42
C TRP I 56 24.32 25.31 37.42
N TYR I 57 24.24 25.89 38.62
CA TYR I 57 23.90 27.28 38.86
C TYR I 57 25.09 28.03 39.42
N GLN I 58 25.17 29.33 39.11
CA GLN I 58 26.17 30.21 39.67
C GLN I 58 25.48 31.42 40.28
N GLN I 59 25.83 31.74 41.53
CA GLN I 59 25.19 32.81 42.26
C GLN I 59 26.23 33.76 42.82
N LYS I 60 26.04 35.05 42.57
CA LYS I 60 26.86 36.14 43.10
C LYS I 60 26.34 36.57 44.46
N PRO I 61 27.20 37.19 45.29
CA PRO I 61 26.75 37.61 46.63
C PRO I 61 25.58 38.57 46.55
N GLY I 62 24.47 38.19 47.19
CA GLY I 62 23.29 39.04 47.21
C GLY I 62 22.60 39.16 45.88
N LYS I 63 22.72 38.16 45.00
CA LYS I 63 22.10 38.19 43.69
C LYS I 63 21.40 36.86 43.42
N ALA I 64 20.36 36.91 42.60
CA ALA I 64 19.64 35.71 42.22
C ALA I 64 20.53 34.82 41.36
N PRO I 65 20.50 33.50 41.57
CA PRO I 65 21.35 32.61 40.79
C PRO I 65 20.97 32.60 39.32
N LYS I 66 21.95 32.26 38.49
CA LYS I 66 21.75 32.08 37.06
C LYS I 66 22.19 30.67 36.66
N LEU I 67 21.48 30.09 35.70
CA LEU I 67 21.74 28.71 35.28
C LEU I 67 22.89 28.68 34.30
N LEU I 68 23.93 27.92 34.64
CA LEU I 68 25.08 27.76 33.76
C LEU I 68 24.92 26.56 32.84
N ILE I 69 24.60 25.40 33.41
CA ILE I 69 24.55 24.15 32.65
C ILE I 69 23.21 23.47 32.92
N TYR I 70 22.56 22.98 31.86
CA TYR I 70 21.34 22.20 32.00
C TYR I 70 21.51 20.85 31.30
N ALA I 71 20.86 19.83 31.86
CA ALA I 71 20.99 18.43 31.46
C ALA I 71 22.42 17.91 31.60
N ALA I 72 23.26 18.63 32.34
CA ALA I 72 24.59 18.21 32.76
C ALA I 72 25.62 18.22 31.64
N VAL I 73 25.19 18.39 30.39
CA VAL I 73 26.15 18.49 29.30
C VAL I 73 25.82 19.70 28.42
N ASN I 74 24.57 20.12 28.41
CA ASN I 74 24.17 21.20 27.53
C ASN I 74 24.59 22.55 28.13
N LEU I 75 24.54 23.58 27.29
CA LEU I 75 24.98 24.92 27.68
C LEU I 75 23.83 25.90 27.51
N GLU I 76 23.56 26.67 28.56
CA GLU I 76 22.52 27.68 28.50
C GLU I 76 22.94 28.81 27.58
N THR I 77 21.97 29.33 26.82
CA THR I 77 22.24 30.43 25.90
C THR I 77 22.65 31.69 26.66
N GLY I 78 23.49 32.49 26.04
CA GLY I 78 24.00 33.68 26.68
C GLY I 78 25.09 33.45 27.71
N VAL I 79 25.72 32.29 27.67
CA VAL I 79 26.76 31.93 28.63
C VAL I 79 28.08 31.77 27.90
N PRO I 80 29.20 32.28 28.44
CA PRO I 80 30.48 32.12 27.76
C PRO I 80 30.85 30.65 27.58
N SER I 81 31.54 30.37 26.48
CA SER I 81 31.85 29.01 26.07
C SER I 81 33.03 28.40 26.81
N ARG I 82 33.45 28.99 27.93
CA ARG I 82 34.54 28.43 28.73
C ARG I 82 34.05 27.52 29.85
N PHE I 83 32.74 27.32 29.98
CA PHE I 83 32.17 26.41 30.96
C PHE I 83 31.85 25.10 30.27
N SER I 84 32.40 24.01 30.77
CA SER I 84 32.18 22.68 30.20
C SER I 84 31.57 21.77 31.25
N GLY I 85 30.45 21.14 30.91
CA GLY I 85 29.78 20.17 31.76
C GLY I 85 29.96 18.77 31.19
N SER I 86 30.26 17.81 32.06
CA SER I 86 30.50 16.46 31.60
C SER I 86 30.12 15.48 32.70
N GLY I 87 30.08 14.20 32.33
CA GLY I 87 29.84 13.13 33.28
C GLY I 87 28.57 12.37 32.96
N PHE I 88 28.36 11.30 33.73
CA PHE I 88 27.21 10.44 33.56
C PHE I 88 27.01 9.63 34.83
N GLY I 89 25.86 8.99 34.91
CA GLY I 89 25.57 8.08 36.01
C GLY I 89 25.67 8.72 37.37
N THR I 90 26.74 8.36 38.10
CA THR I 90 26.92 8.81 39.47
C THR I 90 27.99 9.90 39.60
N ASP I 91 28.51 10.42 38.49
CA ASP I 91 29.54 11.45 38.58
C ASP I 91 29.23 12.56 37.58
N PHE I 92 29.46 13.80 37.98
CA PHE I 92 29.32 14.94 37.09
C PHE I 92 30.37 15.98 37.43
N THR I 93 30.78 16.75 36.43
CA THR I 93 31.94 17.62 36.53
C THR I 93 31.71 18.92 35.76
N LEU I 94 32.08 20.03 36.38
CA LEU I 94 32.11 21.34 35.74
C LEU I 94 33.55 21.82 35.65
N ALA I 95 33.93 22.31 34.46
CA ALA I 95 35.30 22.74 34.19
C ALA I 95 35.29 24.17 33.67
N ILE I 96 36.15 25.01 34.23
CA ILE I 96 36.42 26.34 33.70
C ILE I 96 37.89 26.41 33.34
N SER I 97 38.18 26.71 32.07
CA SER I 97 39.55 26.61 31.57
C SER I 97 40.34 27.89 31.70
N ASN I 98 39.67 29.05 31.73
CA ASN I 98 40.34 30.34 31.85
C ASN I 98 39.45 31.23 32.73
N VAL I 99 39.74 31.24 34.03
CA VAL I 99 38.87 31.93 34.98
C VAL I 99 39.09 33.44 34.86
N GLN I 100 38.10 34.12 34.30
CA GLN I 100 38.10 35.57 34.19
C GLN I 100 37.77 36.20 35.54
N PRO I 101 38.04 37.50 35.72
CA PRO I 101 37.73 38.13 37.01
C PRO I 101 36.26 38.10 37.39
N GLU I 102 35.35 37.93 36.44
CA GLU I 102 33.92 37.89 36.72
C GLU I 102 33.40 36.46 36.86
N ASP I 103 34.25 35.54 37.33
CA ASP I 103 33.86 34.14 37.51
C ASP I 103 34.06 33.66 38.94
N PHE I 104 34.08 34.58 39.91
CA PHE I 104 34.22 34.23 41.31
C PHE I 104 32.84 34.35 41.98
N ALA I 105 32.25 33.21 42.31
CA ALA I 105 30.89 33.17 42.86
C ALA I 105 30.69 31.82 43.54
N THR I 106 29.44 31.50 43.84
CA THR I 106 29.09 30.23 44.48
C THR I 106 28.41 29.32 43.46
N TYR I 107 28.86 28.08 43.37
CA TYR I 107 28.39 27.13 42.38
C TYR I 107 27.54 26.05 43.04
N TYR I 108 26.42 25.71 42.41
CA TYR I 108 25.47 24.76 42.96
C TYR I 108 25.10 23.71 41.91
N CYS I 109 24.96 22.46 42.35
CA CYS I 109 24.50 21.37 41.50
C CYS I 109 23.16 20.87 42.03
N GLN I 110 22.19 20.70 41.12
CA GLN I 110 20.84 20.30 41.47
C GLN I 110 20.42 19.11 40.61
N GLN I 111 19.64 18.21 41.21
CA GLN I 111 19.04 17.10 40.50
C GLN I 111 17.60 17.46 40.14
N SER I 112 17.30 17.46 38.84
CA SER I 112 16.02 18.00 38.38
C SER I 112 14.84 17.15 38.84
N ASP I 113 15.01 15.84 38.94
CA ASP I 113 13.89 14.98 39.30
C ASP I 113 13.39 15.27 40.71
N THR I 114 14.30 15.40 41.67
CA THR I 114 13.92 15.65 43.05
C THR I 114 14.11 17.09 43.48
N ARG I 115 14.85 17.89 42.73
CA ARG I 115 15.03 19.32 42.97
C ARG I 115 15.68 19.57 44.33
N THR I 116 16.89 19.04 44.49
CA THR I 116 17.68 19.20 45.70
C THR I 116 19.02 19.82 45.34
N PHE I 117 19.42 20.84 46.10
CA PHE I 117 20.68 21.53 45.86
C PHE I 117 21.81 20.87 46.64
N GLY I 118 23.04 21.25 46.27
CA GLY I 118 24.22 20.74 46.95
C GLY I 118 24.69 21.68 48.05
N ARG I 119 25.83 21.32 48.64
CA ARG I 119 26.39 22.13 49.72
C ARG I 119 26.84 23.49 49.22
N GLY I 120 27.62 23.52 48.14
CA GLY I 120 28.11 24.77 47.60
C GLY I 120 29.62 24.88 47.58
N THR I 121 30.16 25.54 46.55
CA THR I 121 31.60 25.73 46.39
C THR I 121 31.88 27.20 46.15
N LYS I 122 32.86 27.74 46.86
CA LYS I 122 33.24 29.14 46.75
C LYS I 122 34.59 29.28 46.07
N LEU I 123 34.69 30.21 45.13
CA LEU I 123 35.88 30.43 44.33
C LEU I 123 36.54 31.74 44.75
N ASP I 124 37.84 31.70 45.02
CA ASP I 124 38.57 32.85 45.53
C ASP I 124 39.86 33.07 44.76
N VAL I 125 40.32 34.33 44.73
CA VAL I 125 41.57 34.67 44.06
C VAL I 125 42.73 34.07 44.83
N LYS I 126 43.81 33.78 44.12
CA LYS I 126 44.97 33.11 44.67
C LYS I 126 46.10 34.10 44.92
N ARG I 127 46.76 33.97 46.07
CA ARG I 127 47.91 34.78 46.39
C ARG I 127 48.79 34.03 47.39
N THR I 128 50.01 34.51 47.55
CA THR I 128 50.98 33.85 48.41
C THR I 128 50.58 33.97 49.88
N VAL I 129 51.22 33.14 50.70
CA VAL I 129 50.88 33.08 52.12
C VAL I 129 51.19 34.41 52.78
N ALA I 130 50.22 34.94 53.52
CA ALA I 130 50.36 36.19 54.25
C ALA I 130 50.06 35.95 55.73
N ALA I 131 50.95 36.42 56.60
CA ALA I 131 50.78 36.22 58.02
C ALA I 131 49.70 37.16 58.57
N PRO I 132 48.86 36.68 59.49
CA PRO I 132 47.87 37.55 60.13
C PRO I 132 48.50 38.46 61.18
N SER I 133 47.75 39.51 61.51
CA SER I 133 48.09 40.41 62.60
C SER I 133 47.10 40.19 63.73
N VAL I 134 47.62 40.01 64.95
CA VAL I 134 46.80 39.69 66.11
C VAL I 134 46.85 40.85 67.08
N PHE I 135 45.69 41.38 67.42
CA PHE I 135 45.55 42.42 68.44
C PHE I 135 44.81 41.86 69.64
N ILE I 136 44.53 42.73 70.60
CA ILE I 136 43.71 42.40 71.76
C ILE I 136 43.33 43.69 72.47
N PHE I 137 42.11 43.77 73.00
CA PHE I 137 41.70 44.92 73.78
C PHE I 137 40.77 44.48 74.90
N PRO I 138 40.75 45.18 76.03
CA PRO I 138 39.90 44.76 77.15
C PRO I 138 38.55 45.44 77.09
N PRO I 139 37.62 45.06 77.98
CA PRO I 139 36.30 45.71 77.97
C PRO I 139 36.37 47.19 78.27
N SER I 140 35.44 47.95 77.70
CA SER I 140 35.36 49.37 77.92
C SER I 140 34.72 49.68 79.27
N ASP I 141 34.96 50.89 79.76
CA ASP I 141 34.56 51.24 81.11
C ASP I 141 33.05 51.38 81.24
N GLU I 142 32.37 51.92 80.21
CA GLU I 142 30.94 52.18 80.33
C GLU I 142 30.14 50.90 80.52
N GLN I 143 30.46 49.85 79.76
CA GLN I 143 29.75 48.58 79.91
C GLN I 143 30.18 47.81 81.15
N LEU I 144 31.33 48.16 81.74
CA LEU I 144 31.77 47.45 82.95
C LEU I 144 30.81 47.67 84.10
N LYS I 145 30.07 48.78 84.08
CA LYS I 145 29.02 49.00 85.06
C LYS I 145 27.74 48.25 84.73
N SER I 146 27.66 47.61 83.56
CA SER I 146 26.45 46.89 83.16
C SER I 146 26.44 45.46 83.67
N GLY I 147 27.46 44.68 83.33
CA GLY I 147 27.53 43.31 83.79
C GLY I 147 27.80 42.32 82.68
N THR I 148 28.22 42.81 81.51
CA THR I 148 28.54 41.96 80.38
C THR I 148 29.82 42.49 79.75
N ALA I 149 30.91 41.74 79.88
CA ALA I 149 32.20 42.12 79.33
C ALA I 149 32.48 41.26 78.10
N SER I 150 32.84 41.91 77.01
CA SER I 150 33.15 41.24 75.75
C SER I 150 34.61 41.45 75.41
N VAL I 151 35.30 40.35 75.13
CA VAL I 151 36.70 40.38 74.72
C VAL I 151 36.79 39.96 73.25
N VAL I 152 37.50 40.76 72.46
CA VAL I 152 37.69 40.51 71.04
C VAL I 152 39.16 40.72 70.72
N CYS I 153 39.81 39.70 70.16
CA CYS I 153 41.17 39.84 69.63
C CYS I 153 41.08 39.81 68.11
N LEU I 154 41.30 40.97 67.49
CA LEU I 154 41.08 41.15 66.07
C LEU I 154 42.20 40.53 65.23
N LEU I 155 41.81 39.94 64.10
CA LEU I 155 42.73 39.45 63.09
C LEU I 155 42.49 40.26 61.83
N ASN I 156 43.57 40.76 61.22
CA ASN I 156 43.44 41.61 60.05
C ASN I 156 44.44 41.21 58.98
N ASN I 157 44.00 41.21 57.72
CA ASN I 157 44.87 41.09 56.55
C ASN I 157 45.66 39.77 56.57
N PHE I 158 44.93 38.67 56.43
CA PHE I 158 45.53 37.35 56.36
C PHE I 158 44.95 36.57 55.18
N TYR I 159 45.65 35.50 54.82
CA TYR I 159 45.26 34.59 53.74
C TYR I 159 46.02 33.29 53.92
N PRO I 160 45.39 32.13 53.71
CA PRO I 160 43.99 31.88 53.33
C PRO I 160 42.99 32.07 54.46
N ARG I 161 41.73 31.73 54.20
CA ARG I 161 40.66 31.95 55.17
C ARG I 161 40.74 30.98 56.34
N GLU I 162 41.37 29.82 56.17
CA GLU I 162 41.42 28.81 57.22
C GLU I 162 42.31 29.31 58.36
N ALA I 163 41.68 29.63 59.49
CA ALA I 163 42.40 30.06 60.69
C ALA I 163 41.58 29.65 61.91
N LYS I 164 42.26 29.15 62.93
CA LYS I 164 41.60 28.64 64.12
C LYS I 164 41.90 29.51 65.32
N VAL I 165 40.86 29.79 66.12
CA VAL I 165 40.97 30.60 67.32
C VAL I 165 40.48 29.79 68.51
N GLN I 166 41.21 29.87 69.62
CA GLN I 166 40.86 29.20 70.85
C GLN I 166 41.00 30.19 72.01
N TRP I 167 40.35 29.87 73.12
CA TRP I 167 40.32 30.75 74.29
C TRP I 167 40.86 30.03 75.51
N LYS I 168 41.66 30.75 76.31
CA LYS I 168 42.21 30.23 77.55
C LYS I 168 41.88 31.19 78.68
N VAL I 169 41.35 30.66 79.77
CA VAL I 169 41.00 31.43 80.95
C VAL I 169 41.86 30.93 82.11
N ASP I 170 42.45 31.88 82.86
CA ASP I 170 43.41 31.57 83.90
C ASP I 170 44.59 30.81 83.31
N ASN I 171 44.70 29.51 83.61
CA ASN I 171 45.78 28.73 83.02
C ASN I 171 45.39 28.22 81.64
N ALA I 172 44.38 27.35 81.57
CA ALA I 172 43.95 26.76 80.31
C ALA I 172 42.58 26.12 80.47
N LEU I 173 41.67 26.43 79.57
CA LEU I 173 40.28 25.98 79.65
C LEU I 173 39.64 26.22 78.29
N GLN I 174 38.33 26.04 78.20
CA GLN I 174 37.57 26.31 76.98
C GLN I 174 36.24 26.93 77.38
N SER I 175 36.04 28.21 77.02
CA SER I 175 34.80 28.90 77.39
C SER I 175 33.59 28.25 76.74
N GLY I 176 33.69 27.90 75.46
CA GLY I 176 32.62 27.23 74.75
C GLY I 176 31.57 28.13 74.15
N ASN I 177 31.64 29.44 74.38
CA ASN I 177 30.68 30.41 73.82
C ASN I 177 31.46 31.56 73.20
N SER I 178 31.84 31.39 71.93
CA SER I 178 32.54 32.43 71.19
C SER I 178 31.90 32.58 69.81
N GLN I 179 31.85 33.81 69.32
CA GLN I 179 31.27 34.11 68.03
C GLN I 179 32.35 34.60 67.07
N GLU I 180 32.29 34.15 65.83
CA GLU I 180 33.30 34.46 64.83
C GLU I 180 32.67 35.12 63.62
N SER I 181 33.38 36.09 63.05
CA SER I 181 32.95 36.78 61.85
C SER I 181 34.14 36.95 60.91
N VAL I 182 33.91 36.74 59.62
CA VAL I 182 34.94 36.89 58.60
C VAL I 182 34.40 37.81 57.51
N THR I 183 35.26 38.67 56.98
CA THR I 183 34.83 39.60 55.96
C THR I 183 35.11 39.06 54.57
N GLU I 184 34.42 39.63 53.58
CA GLU I 184 34.68 39.29 52.20
C GLU I 184 36.02 39.89 51.77
N GLN I 185 36.60 39.30 50.72
CA GLN I 185 37.88 39.77 50.22
C GLN I 185 37.76 41.20 49.71
N ASP I 186 38.77 42.01 50.02
CA ASP I 186 38.80 43.39 49.56
C ASP I 186 38.96 43.44 48.04
N SER I 187 38.46 44.52 47.45
CA SER I 187 38.56 44.68 46.01
C SER I 187 40.02 44.77 45.56
N LYS I 188 40.83 45.55 46.28
CA LYS I 188 42.23 45.77 45.93
C LYS I 188 43.17 44.90 46.75
N ASP I 189 43.10 45.01 48.09
CA ASP I 189 43.98 44.22 48.94
C ASP I 189 43.71 42.73 48.79
N SER I 190 42.44 42.35 48.71
CA SER I 190 42.01 40.96 48.56
C SER I 190 42.52 40.11 49.73
N THR I 191 42.02 40.43 50.92
CA THR I 191 42.41 39.70 52.12
C THR I 191 41.22 39.61 53.07
N TYR I 192 41.44 38.94 54.20
CA TYR I 192 40.40 38.61 55.15
C TYR I 192 40.63 39.29 56.49
N SER I 193 39.53 39.56 57.19
CA SER I 193 39.57 40.11 58.54
C SER I 193 38.61 39.32 59.42
N LEU I 194 39.11 38.83 60.54
CA LEU I 194 38.37 37.93 61.43
C LEU I 194 38.18 38.59 62.79
N SER I 195 36.95 38.56 63.29
CA SER I 195 36.62 39.07 64.62
C SER I 195 36.06 37.94 65.47
N SER I 196 36.56 37.80 66.68
CA SER I 196 36.10 36.79 67.61
C SER I 196 35.67 37.46 68.90
N THR I 197 34.42 37.23 69.31
CA THR I 197 33.84 37.89 70.46
C THR I 197 33.49 36.84 71.51
N LEU I 198 33.90 37.10 72.75
CA LEU I 198 33.54 36.27 73.90
C LEU I 198 32.90 37.18 74.94
N THR I 199 31.61 36.96 75.20
CA THR I 199 30.83 37.80 76.10
C THR I 199 30.50 37.01 77.35
N LEU I 200 30.87 37.55 78.51
CA LEU I 200 30.68 36.87 79.78
C LEU I 200 30.11 37.84 80.81
N SER I 201 29.29 37.29 81.71
CA SER I 201 28.78 38.08 82.82
C SER I 201 29.90 38.37 83.82
N LYS I 202 29.70 39.43 84.60
CA LYS I 202 30.72 39.86 85.55
C LYS I 202 31.00 38.79 86.60
N ALA I 203 30.02 37.93 86.88
CA ALA I 203 30.23 36.86 87.86
C ALA I 203 31.36 35.94 87.43
N ASP I 204 31.40 35.57 86.15
CA ASP I 204 32.46 34.71 85.66
C ASP I 204 33.77 35.49 85.46
N TYR I 205 33.69 36.75 85.08
CA TYR I 205 34.89 37.53 84.80
C TYR I 205 35.64 37.90 86.06
N GLU I 206 34.92 38.08 87.18
CA GLU I 206 35.57 38.55 88.40
C GLU I 206 36.44 37.48 89.04
N LYS I 207 36.07 36.21 88.92
CA LYS I 207 36.77 35.13 89.62
C LYS I 207 37.82 34.45 88.76
N HIS I 208 38.46 35.20 87.85
CA HIS I 208 39.52 34.64 87.03
C HIS I 208 40.57 35.73 86.79
N LYS I 209 41.77 35.29 86.40
CA LYS I 209 42.94 36.17 86.37
C LYS I 209 43.46 36.42 84.96
N VAL I 210 43.80 35.38 84.21
CA VAL I 210 44.50 35.50 82.94
C VAL I 210 43.55 35.12 81.81
N TYR I 211 43.45 35.99 80.81
CA TYR I 211 42.62 35.74 79.64
C TYR I 211 43.48 35.84 78.38
N ALA I 212 43.47 34.79 77.57
CA ALA I 212 44.30 34.76 76.37
C ALA I 212 43.53 34.14 75.22
N CYS I 213 43.89 34.55 74.01
CA CYS I 213 43.38 33.92 72.80
C CYS I 213 44.54 33.40 71.96
N GLU I 214 44.34 32.20 71.42
CA GLU I 214 45.34 31.48 70.65
C GLU I 214 44.90 31.43 69.19
N VAL I 215 45.82 31.78 68.29
CA VAL I 215 45.55 31.82 66.86
C VAL I 215 46.50 30.85 66.17
N THR I 216 45.93 30.05 65.26
CA THR I 216 46.70 29.11 64.46
C THR I 216 46.33 29.30 62.99
N HIS I 217 47.35 29.25 62.13
CA HIS I 217 47.19 29.49 60.70
C HIS I 217 48.15 28.59 59.94
N GLN I 218 47.91 28.48 58.63
CA GLN I 218 48.72 27.58 57.80
C GLN I 218 50.18 28.02 57.78
N GLY I 219 50.42 29.31 57.53
CA GLY I 219 51.77 29.83 57.43
C GLY I 219 52.44 30.17 58.74
N LEU I 220 51.74 30.03 59.86
CA LEU I 220 52.32 30.31 61.17
C LEU I 220 53.02 29.06 61.67
N SER I 221 54.34 29.17 61.89
CA SER I 221 55.12 28.00 62.27
C SER I 221 54.67 27.44 63.62
N SER I 222 54.38 28.30 64.58
CA SER I 222 53.91 27.89 65.88
C SER I 222 52.64 28.65 66.23
N PRO I 223 51.73 28.04 67.00
CA PRO I 223 50.55 28.77 67.45
C PRO I 223 50.93 29.98 68.28
N VAL I 224 50.17 31.06 68.13
CA VAL I 224 50.50 32.34 68.72
C VAL I 224 49.48 32.69 69.79
N THR I 225 49.95 33.04 70.98
CA THR I 225 49.10 33.38 72.11
C THR I 225 49.17 34.88 72.39
N LYS I 226 48.02 35.48 72.69
CA LYS I 226 47.97 36.87 73.14
C LYS I 226 47.18 36.90 74.44
N SER I 227 47.79 37.42 75.50
CA SER I 227 47.25 37.30 76.85
C SER I 227 47.22 38.66 77.55
N PHE I 228 46.25 38.80 78.46
CA PHE I 228 46.20 39.92 79.38
C PHE I 228 45.76 39.40 80.74
N ASN I 229 45.95 40.23 81.76
CA ASN I 229 45.68 39.87 83.15
C ASN I 229 44.75 40.90 83.76
N ARG I 230 43.60 40.43 84.25
CA ARG I 230 42.63 41.29 84.92
C ARG I 230 41.92 40.46 85.98
N GLY I 231 40.83 41.01 86.51
CA GLY I 231 40.05 40.32 87.53
C GLY I 231 38.55 40.44 87.33
N GLY J 1 1.14 -0.98 1.71
CA GLY J 1 2.16 -1.52 2.58
C GLY J 1 2.59 -2.91 2.18
N THR J 2 2.87 -3.75 3.18
CA THR J 2 3.28 -5.13 2.94
C THR J 2 2.60 -6.03 3.98
N PHE J 3 2.34 -7.27 3.58
CA PHE J 3 1.77 -8.24 4.51
C PHE J 3 2.73 -8.49 5.65
N THR J 4 2.16 -8.77 6.83
CA THR J 4 2.95 -8.92 8.04
C THR J 4 2.70 -10.23 8.78
N TRP J 5 1.69 -11.02 8.40
CA TRP J 5 1.41 -12.27 9.08
C TRP J 5 2.53 -13.27 8.86
N THR J 6 2.89 -14.00 9.91
CA THR J 6 3.97 -14.98 9.88
C THR J 6 3.39 -16.36 10.11
N LEU J 7 3.76 -17.31 9.26
CA LEU J 7 3.27 -18.67 9.34
C LEU J 7 4.00 -19.45 10.44
N GLY J 18 7.51 -25.97 8.31
CA GLY J 18 6.96 -27.27 8.00
C GLY J 18 5.45 -27.31 8.01
N TYR J 19 4.84 -26.35 7.31
CA TYR J 19 3.38 -26.28 7.24
C TYR J 19 2.83 -27.57 6.65
N CYS J 20 1.78 -28.10 7.30
CA CYS J 20 1.16 -29.34 6.84
C CYS J 20 -0.33 -29.15 6.67
N LEU J 21 -0.84 -29.58 5.52
CA LEU J 21 -2.22 -29.34 5.13
C LEU J 21 -3.08 -30.58 5.40
N THR J 22 -4.16 -30.38 6.16
CA THR J 22 -5.06 -31.46 6.50
C THR J 22 -5.96 -31.80 5.32
N ARG J 23 -6.70 -32.89 5.46
CA ARG J 23 -7.51 -33.43 4.37
C ARG J 23 -8.73 -32.57 4.06
N TRP J 24 -9.12 -31.66 4.93
CA TRP J 24 -10.29 -30.84 4.69
C TRP J 24 -9.98 -29.55 3.96
N MET J 25 -8.69 -29.24 3.74
CA MET J 25 -8.29 -28.09 2.94
C MET J 25 -8.05 -28.46 1.48
N LEU J 26 -8.14 -29.73 1.13
CA LEU J 26 -7.80 -30.22 -0.21
C LEU J 26 -8.99 -30.94 -0.81
N ILE J 27 -8.92 -31.17 -2.12
CA ILE J 27 -9.94 -31.91 -2.86
C ILE J 27 -9.29 -33.16 -3.44
N GLU J 28 -9.82 -34.32 -3.06
CA GLU J 28 -9.30 -35.61 -3.50
C GLU J 28 -7.83 -35.79 -3.13
N ALA J 29 -7.53 -35.54 -1.85
CA ALA J 29 -6.17 -35.72 -1.35
C ALA J 29 -6.23 -35.84 0.16
N GLU J 30 -5.31 -36.64 0.72
CA GLU J 30 -5.32 -36.96 2.14
C GLU J 30 -4.39 -36.06 2.95
N LEU J 31 -3.10 -36.08 2.65
CA LEU J 31 -2.11 -35.37 3.46
C LEU J 31 -0.93 -35.02 2.56
N LYS J 32 -0.88 -33.76 2.14
CA LYS J 32 0.23 -33.22 1.34
C LYS J 32 0.85 -32.08 2.10
N CYS J 33 2.15 -32.16 2.37
CA CYS J 33 2.82 -31.03 3.01
C CYS J 33 4.32 -31.07 2.78
N PHE J 34 4.94 -29.91 3.04
CA PHE J 34 6.22 -29.51 2.49
C PHE J 34 7.24 -29.33 3.61
N GLY J 35 8.45 -28.90 3.23
CA GLY J 35 9.52 -28.67 4.17
C GLY J 35 9.59 -27.23 4.64
N ASN J 36 10.59 -26.98 5.50
CA ASN J 36 10.81 -25.63 6.01
C ASN J 36 11.46 -24.73 4.97
N THR J 37 12.36 -25.28 4.15
CA THR J 37 13.05 -24.47 3.15
C THR J 37 12.07 -23.90 2.13
N ALA J 38 11.10 -24.70 1.70
CA ALA J 38 10.14 -24.23 0.70
C ALA J 38 9.22 -23.17 1.26
N VAL J 39 8.76 -23.35 2.51
CA VAL J 39 7.81 -22.39 3.07
C VAL J 39 8.52 -21.14 3.60
N ALA J 40 9.84 -21.19 3.78
CA ALA J 40 10.56 -20.00 4.22
C ALA J 40 10.48 -18.87 3.19
N LYS J 41 10.27 -19.21 1.92
CA LYS J 41 10.19 -18.20 0.87
C LYS J 41 8.94 -17.34 0.99
N CYS J 42 7.92 -17.81 1.70
CA CYS J 42 6.67 -17.06 1.80
C CYS J 42 6.82 -15.77 2.60
N ASN J 43 7.92 -15.59 3.31
CA ASN J 43 8.18 -14.36 4.06
C ASN J 43 8.89 -13.31 3.22
N GLU J 44 9.29 -13.63 1.99
CA GLU J 44 10.06 -12.73 1.15
C GLU J 44 9.37 -12.37 -0.16
N LYS J 45 8.75 -13.34 -0.83
CA LYS J 45 8.17 -13.10 -2.14
C LYS J 45 6.95 -12.19 -2.06
N HIS J 46 6.72 -11.44 -3.13
CA HIS J 46 5.61 -10.50 -3.20
C HIS J 46 4.64 -10.81 -4.32
N ASP J 47 4.85 -11.89 -5.07
CA ASP J 47 4.02 -12.25 -6.22
C ASP J 47 3.67 -13.72 -6.19
N GLU J 48 3.24 -14.20 -5.03
CA GLU J 48 2.86 -15.61 -4.84
C GLU J 48 1.44 -15.67 -4.29
N GLU J 49 0.61 -16.51 -4.90
CA GLU J 49 -0.76 -16.69 -4.43
C GLU J 49 -0.87 -17.81 -3.39
N PHE J 50 0.00 -18.81 -3.48
CA PHE J 50 0.00 -19.90 -2.51
C PHE J 50 0.27 -19.37 -1.11
N CYS J 51 1.20 -18.41 -0.98
CA CYS J 51 1.50 -17.84 0.33
C CYS J 51 0.31 -17.07 0.89
N ASP J 52 -0.40 -16.34 0.03
CA ASP J 52 -1.59 -15.63 0.49
C ASP J 52 -2.67 -16.61 0.97
N MET J 53 -2.86 -17.71 0.24
CA MET J 53 -3.83 -18.71 0.67
C MET J 53 -3.42 -19.35 2.00
N LEU J 54 -2.12 -19.61 2.17
CA LEU J 54 -1.63 -20.13 3.44
C LEU J 54 -1.90 -19.15 4.58
N ARG J 55 -1.70 -17.86 4.33
CA ARG J 55 -1.96 -16.86 5.36
C ARG J 55 -3.42 -16.79 5.72
N LEU J 56 -4.31 -16.87 4.73
CA LEU J 56 -5.74 -16.90 5.03
C LEU J 56 -6.13 -18.13 5.85
N PHE J 57 -5.57 -19.29 5.51
CA PHE J 57 -5.85 -20.50 6.27
C PHE J 57 -5.39 -20.35 7.72
N ASP J 58 -4.18 -19.84 7.92
CA ASP J 58 -3.65 -19.69 9.26
C ASP J 58 -4.45 -18.67 10.06
N PHE J 59 -4.85 -17.56 9.44
CA PHE J 59 -5.67 -16.57 10.14
C PHE J 59 -7.00 -17.16 10.56
N ASN J 60 -7.65 -17.93 9.67
CA ASN J 60 -8.92 -18.53 10.04
C ASN J 60 -8.75 -19.52 11.20
N LYS J 61 -7.70 -20.34 11.14
CA LYS J 61 -7.47 -21.32 12.19
C LYS J 61 -7.21 -20.64 13.54
N GLN J 62 -6.42 -19.57 13.54
CA GLN J 62 -6.12 -18.87 14.78
C GLN J 62 -7.26 -17.98 15.26
N ALA J 63 -8.22 -17.66 14.41
CA ALA J 63 -9.34 -16.83 14.82
C ALA J 63 -10.52 -17.65 15.33
N ILE J 64 -10.75 -18.85 14.78
CA ILE J 64 -11.90 -19.64 15.21
C ILE J 64 -11.73 -20.09 16.66
N GLN J 65 -10.50 -20.40 17.07
CA GLN J 65 -10.24 -21.01 18.36
C GLN J 65 -9.87 -20.01 19.44
N ARG J 66 -9.90 -18.71 19.15
CA ARG J 66 -9.68 -17.70 20.18
C ARG J 66 -10.83 -16.70 20.33
N LEU J 67 -11.78 -16.68 19.42
CA LEU J 67 -12.90 -15.74 19.52
C LEU J 67 -14.23 -16.47 19.39
N ILE J 75 -18.15 -9.85 10.84
CA ILE J 75 -17.11 -10.10 9.84
C ILE J 75 -16.18 -8.91 9.76
N GLN J 76 -16.24 -8.03 10.75
CA GLN J 76 -15.37 -6.87 10.78
C GLN J 76 -13.90 -7.25 10.97
N LEU J 77 -13.64 -8.44 11.50
CA LEU J 77 -12.26 -8.87 11.71
C LEU J 77 -11.52 -8.97 10.39
N ILE J 78 -12.16 -9.57 9.38
CA ILE J 78 -11.53 -9.64 8.06
C ILE J 78 -11.59 -8.31 7.34
N ASN J 79 -12.53 -7.43 7.71
CA ASN J 79 -12.57 -6.10 7.14
C ASN J 79 -11.34 -5.29 7.55
N LYS J 80 -10.95 -5.41 8.82
CA LYS J 80 -9.82 -4.64 9.32
C LYS J 80 -8.49 -5.39 9.22
N ALA J 81 -8.51 -6.65 8.77
CA ALA J 81 -7.29 -7.45 8.68
C ALA J 81 -7.03 -7.97 7.28
N VAL J 82 -7.72 -7.43 6.26
CA VAL J 82 -7.56 -7.96 4.91
C VAL J 82 -6.18 -7.62 4.36
N ASN J 83 -5.70 -6.40 4.60
CA ASN J 83 -4.45 -5.95 4.01
C ASN J 83 -3.21 -6.50 4.72
N ALA J 84 -3.36 -7.04 5.92
CA ALA J 84 -2.25 -7.63 6.63
C ALA J 84 -1.98 -9.07 6.20
N LEU J 85 -2.79 -9.60 5.29
CA LEU J 85 -2.71 -11.00 4.87
C LEU J 85 -2.37 -11.17 3.41
N ILE J 86 -2.92 -10.34 2.52
CA ILE J 86 -2.81 -10.55 1.09
C ILE J 86 -2.15 -9.36 0.42
N ASN J 87 -2.03 -9.42 -0.91
CA ASN J 87 -1.50 -8.34 -1.73
C ASN J 87 -2.55 -8.04 -2.79
N ASP J 88 -3.28 -6.93 -2.62
CA ASP J 88 -4.37 -6.61 -3.53
C ASP J 88 -3.90 -6.44 -4.97
N GLN J 89 -2.65 -6.01 -5.15
CA GLN J 89 -2.14 -5.79 -6.50
C GLN J 89 -2.03 -7.09 -7.29
N LEU J 90 -1.89 -8.23 -6.60
CA LEU J 90 -1.93 -9.51 -7.30
C LEU J 90 -3.31 -9.76 -7.90
N ILE J 91 -4.36 -9.48 -7.14
CA ILE J 91 -5.72 -9.59 -7.65
C ILE J 91 -5.93 -8.64 -8.81
N MET J 92 -5.44 -7.40 -8.68
CA MET J 92 -5.59 -6.44 -9.76
C MET J 92 -4.86 -6.88 -11.02
N LYS J 93 -3.65 -7.43 -10.86
CA LYS J 93 -2.90 -7.93 -12.00
C LYS J 93 -3.64 -9.05 -12.71
N ASN J 94 -4.20 -9.98 -11.94
CA ASN J 94 -4.93 -11.08 -12.56
C ASN J 94 -6.20 -10.59 -13.24
N HIS J 95 -6.86 -9.58 -12.67
CA HIS J 95 -8.01 -9.00 -13.34
C HIS J 95 -7.63 -8.34 -14.65
N LEU J 96 -6.52 -7.61 -14.67
CA LEU J 96 -6.06 -6.99 -15.91
C LEU J 96 -5.71 -8.03 -16.96
N ARG J 97 -5.02 -9.10 -16.54
CA ARG J 97 -4.71 -10.18 -17.47
C ARG J 97 -5.96 -10.85 -18.00
N ASP J 98 -7.01 -10.92 -17.18
CA ASP J 98 -8.29 -11.43 -17.66
C ASP J 98 -8.90 -10.52 -18.71
N ILE J 99 -8.87 -9.20 -18.48
CA ILE J 99 -9.47 -8.27 -19.43
C ILE J 99 -8.72 -8.29 -20.75
N MET J 100 -7.40 -8.32 -20.70
CA MET J 100 -6.57 -8.23 -21.89
C MET J 100 -6.36 -9.57 -22.57
N CYS J 101 -7.03 -10.62 -22.11
CA CYS J 101 -6.97 -11.95 -22.72
C CYS J 101 -5.55 -12.54 -22.66
N ILE J 102 -5.06 -12.68 -21.44
CA ILE J 102 -3.84 -13.43 -21.15
C ILE J 102 -4.19 -14.46 -20.09
N PRO J 103 -3.57 -15.64 -20.10
CA PRO J 103 -3.88 -16.64 -19.06
C PRO J 103 -3.71 -16.09 -17.66
N TYR J 104 -4.65 -16.44 -16.78
CA TYR J 104 -4.70 -15.89 -15.44
C TYR J 104 -4.96 -17.02 -14.45
N CYS J 105 -4.87 -16.69 -13.16
CA CYS J 105 -5.03 -17.64 -12.07
C CYS J 105 -6.24 -17.25 -11.23
N ASN J 106 -7.11 -18.21 -10.93
CA ASN J 106 -8.24 -17.92 -10.05
C ASN J 106 -8.03 -18.47 -8.64
N TYR J 107 -6.79 -18.81 -8.28
CA TYR J 107 -6.44 -19.32 -6.95
C TYR J 107 -7.14 -20.65 -6.65
N SER J 108 -7.10 -21.57 -7.62
CA SER J 108 -7.76 -22.85 -7.44
C SER J 108 -6.81 -24.04 -7.56
N LYS J 109 -5.97 -24.08 -8.59
CA LYS J 109 -5.12 -25.22 -8.86
C LYS J 109 -3.66 -24.79 -8.85
N TYR J 110 -2.79 -25.67 -8.36
CA TYR J 110 -1.38 -25.37 -8.22
C TYR J 110 -0.56 -26.58 -8.68
N TRP J 111 0.65 -26.32 -9.14
CA TRP J 111 1.57 -27.37 -9.56
C TRP J 111 2.93 -27.16 -8.89
N TYR J 112 3.56 -28.28 -8.54
CA TYR J 112 4.87 -28.25 -7.89
C TYR J 112 5.63 -29.51 -8.27
N LEU J 113 6.94 -29.44 -8.14
CA LEU J 113 7.83 -30.54 -8.47
C LEU J 113 8.20 -31.29 -7.20
N ASN J 114 8.36 -32.61 -7.31
CA ASN J 114 8.64 -33.46 -6.16
C ASN J 114 9.74 -34.45 -6.53
N HIS J 115 10.82 -34.44 -5.76
CA HIS J 115 11.90 -35.41 -5.93
C HIS J 115 11.52 -36.67 -5.18
N THR J 116 11.37 -37.78 -5.91
CA THR J 116 10.82 -38.99 -5.31
C THR J 116 11.80 -39.61 -4.31
N THR J 117 13.06 -39.77 -4.71
CA THR J 117 14.01 -40.45 -3.83
C THR J 117 14.42 -39.57 -2.66
N THR J 118 14.71 -38.29 -2.92
CA THR J 118 15.12 -37.38 -1.85
C THR J 118 13.94 -36.98 -0.98
N GLY J 119 12.80 -36.69 -1.59
CA GLY J 119 11.62 -36.23 -0.88
C GLY J 119 11.42 -34.72 -0.89
N ARG J 120 12.42 -33.96 -1.35
CA ARG J 120 12.29 -32.51 -1.37
C ARG J 120 11.33 -32.07 -2.46
N THR J 121 10.70 -30.92 -2.23
CA THR J 121 9.72 -30.39 -3.17
C THR J 121 10.00 -28.94 -3.52
N SER J 122 9.08 -28.31 -4.24
CA SER J 122 9.18 -26.90 -4.59
C SER J 122 7.91 -26.20 -4.17
N LEU J 123 8.01 -24.89 -3.98
CA LEU J 123 6.85 -24.09 -3.61
C LEU J 123 5.84 -24.11 -4.76
N PRO J 124 4.59 -24.46 -4.50
CA PRO J 124 3.61 -24.54 -5.60
C PRO J 124 3.40 -23.20 -6.29
N LYS J 125 3.17 -23.27 -7.60
CA LYS J 125 2.83 -22.13 -8.42
C LYS J 125 1.48 -22.37 -9.06
N CYS J 126 0.78 -21.29 -9.40
CA CYS J 126 -0.59 -21.43 -9.86
C CYS J 126 -0.66 -22.04 -11.25
N TRP J 127 -1.77 -22.74 -11.51
CA TRP J 127 -2.08 -23.31 -12.81
C TRP J 127 -3.07 -22.37 -13.49
N LEU J 128 -2.66 -21.78 -14.60
CA LEU J 128 -3.42 -20.69 -15.20
C LEU J 128 -4.62 -21.24 -15.96
N VAL J 129 -5.50 -20.35 -16.37
CA VAL J 129 -6.74 -20.71 -17.06
C VAL J 129 -6.96 -19.74 -18.21
N SER J 130 -7.38 -20.27 -19.35
CA SER J 130 -7.68 -19.46 -20.53
C SER J 130 -8.84 -20.09 -21.28
N ASN J 131 -9.81 -19.26 -21.68
CA ASN J 131 -10.97 -19.70 -22.45
C ASN J 131 -11.75 -20.79 -21.71
N GLY J 132 -11.87 -20.65 -20.39
CA GLY J 132 -12.68 -21.54 -19.61
C GLY J 132 -12.07 -22.87 -19.26
N SER J 133 -10.80 -23.08 -19.57
CA SER J 133 -10.16 -24.35 -19.25
C SER J 133 -8.69 -24.12 -18.92
N TYR J 134 -8.08 -25.11 -18.30
CA TYR J 134 -6.69 -25.03 -17.91
C TYR J 134 -5.79 -25.21 -19.13
N LEU J 135 -4.48 -25.13 -18.91
CA LEU J 135 -3.52 -25.25 -19.99
C LEU J 135 -3.14 -26.71 -20.23
N ASN J 136 -2.29 -26.93 -21.22
CA ASN J 136 -2.01 -28.26 -21.74
C ASN J 136 -0.86 -28.96 -21.02
N GLU J 137 -0.22 -28.30 -20.06
CA GLU J 137 0.96 -28.80 -19.35
C GLU J 137 2.18 -28.78 -20.26
N THR J 138 1.96 -28.49 -21.55
CA THR J 138 3.03 -28.20 -22.48
C THR J 138 3.05 -26.75 -22.90
N HIS J 139 1.99 -26.00 -22.61
CA HIS J 139 1.93 -24.58 -22.86
C HIS J 139 2.81 -23.78 -21.91
N PHE J 140 3.27 -24.40 -20.81
CA PHE J 140 4.17 -23.72 -19.89
C PHE J 140 5.32 -24.62 -19.47
N SER J 141 5.78 -25.49 -20.37
CA SER J 141 6.93 -26.34 -20.07
C SER J 141 8.20 -25.53 -19.81
N ASP J 142 8.27 -24.30 -20.34
CA ASP J 142 9.40 -23.44 -20.04
C ASP J 142 9.46 -23.11 -18.55
N ASP J 143 8.30 -22.84 -17.93
CA ASP J 143 8.26 -22.56 -16.50
C ASP J 143 8.72 -23.77 -15.70
N ILE J 144 8.28 -24.96 -16.09
CA ILE J 144 8.68 -26.17 -15.37
C ILE J 144 10.19 -26.38 -15.49
N GLU J 145 10.74 -26.19 -16.69
CA GLU J 145 12.18 -26.34 -16.86
C GLU J 145 12.95 -25.32 -16.04
N GLN J 146 12.46 -24.07 -16.01
CA GLN J 146 13.11 -23.04 -15.20
C GLN J 146 13.07 -23.40 -13.72
N GLN J 147 11.94 -23.91 -13.24
CA GLN J 147 11.84 -24.29 -11.83
C GLN J 147 12.76 -25.46 -11.51
N ALA J 148 12.86 -26.42 -12.42
CA ALA J 148 13.78 -27.54 -12.21
C ALA J 148 15.21 -27.06 -12.16
N ASP J 149 15.59 -26.12 -13.04
CA ASP J 149 16.93 -25.56 -13.01
C ASP J 149 17.19 -24.82 -11.70
N ASN J 150 16.20 -24.05 -11.23
CA ASN J 150 16.37 -23.35 -9.97
C ASN J 150 16.57 -24.32 -8.82
N MET J 151 15.79 -25.41 -8.78
CA MET J 151 15.95 -26.40 -7.73
C MET J 151 17.32 -27.07 -7.80
N ILE J 152 17.78 -27.41 -9.01
CA ILE J 152 19.05 -28.10 -9.11
C ILE J 152 20.20 -27.17 -8.70
N THR J 153 20.11 -25.89 -9.06
CA THR J 153 21.12 -24.94 -8.61
C THR J 153 21.10 -24.76 -7.10
N GLU J 154 19.91 -24.69 -6.51
CA GLU J 154 19.80 -24.51 -5.07
C GLU J 154 20.35 -25.72 -4.33
N MET J 155 20.07 -26.93 -4.81
CA MET J 155 20.55 -28.12 -4.12
C MET J 155 22.05 -28.35 -4.35
N LEU J 156 22.57 -27.95 -5.51
CA LEU J 156 24.01 -28.05 -5.73
C LEU J 156 24.79 -26.96 -5.02
N GLN J 157 24.14 -25.85 -4.67
CA GLN J 157 24.82 -24.78 -3.95
C GLN J 157 25.25 -25.25 -2.56
N LYS J 158 24.37 -25.98 -1.87
CA LYS J 158 24.68 -26.47 -0.53
C LYS J 158 25.45 -27.79 -0.61
N GLY K 1 1.96 0.33 -0.93
CA GLY K 1 3.28 0.77 -1.33
C GLY K 1 4.40 0.16 -0.51
N THR K 2 5.51 0.88 -0.39
CA THR K 2 6.65 0.42 0.37
C THR K 2 7.45 1.63 0.83
N PHE K 3 7.98 1.55 2.05
CA PHE K 3 8.80 2.62 2.58
C PHE K 3 10.01 2.86 1.67
N THR K 4 10.38 4.13 1.53
CA THR K 4 11.43 4.54 0.61
C THR K 4 12.58 5.28 1.27
N TRP K 5 12.44 5.70 2.52
CA TRP K 5 13.50 6.44 3.20
C TRP K 5 14.72 5.54 3.41
N THR K 6 15.90 6.09 3.17
CA THR K 6 17.14 5.34 3.27
C THR K 6 17.99 5.90 4.39
N LEU K 7 18.78 5.02 5.01
CA LEU K 7 19.60 5.39 6.15
C LEU K 7 21.08 5.42 5.77
N GLY K 18 26.39 2.44 9.85
CA GLY K 18 26.94 2.69 11.18
C GLY K 18 26.14 3.71 11.96
N TYR K 19 24.82 3.55 11.98
CA TYR K 19 23.95 4.46 12.70
C TYR K 19 24.27 4.41 14.18
N CYS K 20 24.40 5.59 14.80
CA CYS K 20 24.66 5.68 16.22
C CYS K 20 23.56 6.46 16.93
N LEU K 21 23.14 5.95 18.08
CA LEU K 21 22.06 6.52 18.86
C LEU K 21 22.64 7.34 20.00
N THR K 22 22.25 8.60 20.10
CA THR K 22 22.76 9.50 21.12
C THR K 22 22.04 9.27 22.44
N ARG K 23 22.56 9.91 23.49
CA ARG K 23 22.03 9.71 24.84
C ARG K 23 20.65 10.32 25.02
N TRP K 24 20.23 11.21 24.13
CA TRP K 24 18.90 11.79 24.21
C TRP K 24 17.82 10.90 23.60
N MET K 25 18.20 9.90 22.82
CA MET K 25 17.25 8.97 22.21
C MET K 25 17.01 7.72 23.05
N LEU K 26 17.71 7.57 24.18
CA LEU K 26 17.62 6.38 25.00
C LEU K 26 17.20 6.74 26.41
N ILE K 27 16.76 5.73 27.16
CA ILE K 27 16.37 5.89 28.55
C ILE K 27 17.37 5.13 29.41
N GLU K 28 18.06 5.85 30.29
CA GLU K 28 19.03 5.26 31.23
C GLU K 28 20.11 4.47 30.50
N ALA K 29 20.68 5.10 29.46
CA ALA K 29 21.74 4.46 28.70
C ALA K 29 22.49 5.52 27.91
N GLU K 30 23.81 5.39 27.88
CA GLU K 30 24.66 6.26 27.08
C GLU K 30 24.64 5.79 25.62
N LEU K 31 25.60 6.27 24.83
CA LEU K 31 25.62 5.94 23.41
C LEU K 31 25.71 4.43 23.20
N LYS K 32 24.90 3.94 22.27
CA LYS K 32 24.89 2.53 21.88
C LYS K 32 24.70 2.48 20.38
N CYS K 33 25.62 1.84 19.66
CA CYS K 33 25.42 1.74 18.22
C CYS K 33 26.14 0.55 17.61
N PHE K 34 25.79 0.29 16.36
CA PHE K 34 25.96 -0.97 15.68
C PHE K 34 26.89 -0.80 14.47
N GLY K 35 26.99 -1.85 13.67
CA GLY K 35 27.80 -1.83 12.47
C GLY K 35 27.00 -1.51 11.22
N ASN K 36 27.69 -1.56 10.09
CA ASN K 36 27.03 -1.33 8.80
C ASN K 36 26.22 -2.54 8.36
N THR K 37 26.73 -3.75 8.62
CA THR K 37 26.04 -4.95 8.16
C THR K 37 24.67 -5.09 8.81
N ALA K 38 24.58 -4.82 10.12
CA ALA K 38 23.31 -4.98 10.81
C ALA K 38 22.28 -3.97 10.32
N VAL K 39 22.68 -2.70 10.13
CA VAL K 39 21.75 -1.69 9.68
C VAL K 39 21.39 -1.85 8.21
N ALA K 40 22.25 -2.52 7.43
CA ALA K 40 21.95 -2.75 6.02
C ALA K 40 20.70 -3.60 5.82
N LYS K 41 20.32 -4.41 6.82
CA LYS K 41 19.13 -5.23 6.70
C LYS K 41 17.86 -4.41 6.67
N CYS K 42 17.89 -3.18 7.21
CA CYS K 42 16.69 -2.35 7.22
C CYS K 42 16.28 -1.92 5.82
N ASN K 43 17.21 -1.92 4.86
CA ASN K 43 16.87 -1.56 3.48
C ASN K 43 15.93 -2.60 2.86
N GLU K 44 16.22 -3.88 3.04
CA GLU K 44 15.42 -4.97 2.49
C GLU K 44 14.89 -5.82 3.63
N LYS K 45 13.79 -5.37 4.23
CA LYS K 45 13.08 -6.12 5.27
C LYS K 45 11.78 -5.38 5.56
N HIS K 46 10.69 -6.14 5.65
CA HIS K 46 9.36 -5.56 5.73
C HIS K 46 8.66 -5.75 7.05
N ASP K 47 9.18 -6.62 7.92
CA ASP K 47 8.61 -6.84 9.25
C ASP K 47 9.70 -6.55 10.27
N GLU K 48 9.82 -5.27 10.65
CA GLU K 48 10.84 -4.85 11.62
C GLU K 48 10.45 -3.49 12.16
N GLU K 49 10.16 -3.43 13.46
CA GLU K 49 9.76 -2.18 14.08
C GLU K 49 10.94 -1.26 14.33
N PHE K 50 12.11 -1.83 14.60
CA PHE K 50 13.30 -1.03 14.87
C PHE K 50 13.66 -0.14 13.69
N CYS K 51 13.57 -0.68 12.48
CA CYS K 51 13.89 0.12 11.30
C CYS K 51 12.89 1.25 11.12
N ASP K 52 11.60 1.00 11.42
CA ASP K 52 10.61 2.06 11.32
C ASP K 52 10.92 3.18 12.31
N MET K 53 11.30 2.82 13.53
CA MET K 53 11.66 3.85 14.51
C MET K 53 12.91 4.61 14.07
N LEU K 54 13.88 3.91 13.50
CA LEU K 54 15.08 4.58 13.00
C LEU K 54 14.73 5.57 11.90
N ARG K 55 13.82 5.19 11.00
CA ARG K 55 13.41 6.10 9.94
C ARG K 55 12.69 7.32 10.48
N LEU K 56 11.82 7.12 11.48
CA LEU K 56 11.15 8.26 12.10
C LEU K 56 12.16 9.21 12.74
N PHE K 57 13.16 8.66 13.44
CA PHE K 57 14.19 9.49 14.05
C PHE K 57 14.95 10.29 13.00
N ASP K 58 15.35 9.63 11.92
CA ASP K 58 16.10 10.32 10.87
C ASP K 58 15.27 11.43 10.23
N PHE K 59 14.01 11.14 9.92
CA PHE K 59 13.15 12.14 9.31
C PHE K 59 12.98 13.34 10.22
N ASN K 60 12.77 13.11 11.52
CA ASN K 60 12.67 14.21 12.45
C ASN K 60 13.96 15.02 12.48
N LYS K 61 15.10 14.33 12.40
CA LYS K 61 16.38 15.05 12.42
C LYS K 61 16.50 16.00 11.25
N GLN K 62 16.29 15.51 10.02
CA GLN K 62 16.38 16.43 8.88
C GLN K 62 15.29 17.49 8.92
N ALA K 63 14.08 17.14 9.36
CA ALA K 63 13.01 18.13 9.40
C ALA K 63 13.36 19.28 10.33
N ILE K 64 13.97 18.99 11.47
CA ILE K 64 14.28 20.08 12.40
C ILE K 64 15.55 20.81 11.98
N GLN K 65 16.51 20.16 11.33
CA GLN K 65 17.75 20.86 11.00
C GLN K 65 17.74 21.46 9.60
N ARG K 66 16.66 21.30 8.84
CA ARG K 66 16.64 21.76 7.46
C ARG K 66 15.41 22.57 7.11
N LEU K 67 14.62 22.99 8.10
CA LEU K 67 13.46 23.83 7.83
C LEU K 67 13.39 24.97 8.85
N ILE K 75 2.09 20.37 11.25
CA ILE K 75 2.29 18.93 11.31
C ILE K 75 1.87 18.27 10.01
N GLN K 76 1.59 19.09 8.99
CA GLN K 76 1.18 18.56 7.70
C GLN K 76 2.27 17.78 7.00
N LEU K 77 3.54 18.00 7.38
CA LEU K 77 4.62 17.28 6.73
C LEU K 77 4.52 15.77 7.01
N ILE K 78 4.22 15.39 8.23
CA ILE K 78 4.09 13.97 8.56
C ILE K 78 2.77 13.39 8.06
N ASN K 79 1.76 14.23 7.79
CA ASN K 79 0.53 13.74 7.21
C ASN K 79 0.78 13.15 5.82
N LYS K 80 1.63 13.81 5.03
CA LYS K 80 1.94 13.39 3.67
C LYS K 80 3.19 12.55 3.58
N ALA K 81 3.93 12.37 4.68
CA ALA K 81 5.15 11.58 4.66
C ALA K 81 5.07 10.37 5.58
N VAL K 82 3.87 10.03 6.06
CA VAL K 82 3.73 8.95 7.03
C VAL K 82 4.01 7.60 6.38
N ASN K 83 3.59 7.41 5.14
CA ASN K 83 3.69 6.11 4.49
C ASN K 83 5.01 5.87 3.79
N ALA K 84 5.84 6.90 3.65
CA ALA K 84 7.17 6.74 3.06
C ALA K 84 8.22 6.34 4.09
N LEU K 85 7.83 6.23 5.35
CA LEU K 85 8.75 5.90 6.44
C LEU K 85 8.41 4.60 7.14
N ILE K 86 7.12 4.33 7.36
CA ILE K 86 6.70 3.21 8.20
C ILE K 86 5.85 2.23 7.40
N ASN K 87 5.41 1.17 8.07
CA ASN K 87 4.55 0.15 7.48
C ASN K 87 3.31 0.02 8.37
N ASP K 88 2.17 0.49 7.86
CA ASP K 88 0.95 0.52 8.68
C ASP K 88 0.47 -0.88 9.01
N GLN K 89 0.69 -1.84 8.11
CA GLN K 89 0.21 -3.19 8.35
C GLN K 89 0.90 -3.83 9.56
N LEU K 90 2.12 -3.38 9.88
CA LEU K 90 2.75 -3.84 11.12
C LEU K 90 1.98 -3.38 12.33
N ILE K 91 1.55 -2.11 12.34
CA ILE K 91 0.72 -1.59 13.42
C ILE K 91 -0.58 -2.38 13.51
N MET K 92 -1.21 -2.63 12.36
CA MET K 92 -2.49 -3.34 12.39
C MET K 92 -2.32 -4.78 12.85
N LYS K 93 -1.22 -5.43 12.47
CA LYS K 93 -0.94 -6.77 12.94
C LYS K 93 -0.78 -6.80 14.46
N ASN K 94 -0.04 -5.82 15.01
CA ASN K 94 0.10 -5.77 16.46
C ASN K 94 -1.24 -5.53 17.13
N HIS K 95 -2.08 -4.68 16.54
CA HIS K 95 -3.42 -4.45 17.06
C HIS K 95 -4.25 -5.72 17.08
N LEU K 96 -4.20 -6.48 15.99
CA LEU K 96 -4.94 -7.74 15.91
C LEU K 96 -4.43 -8.74 16.95
N ARG K 97 -3.10 -8.82 17.11
CA ARG K 97 -2.54 -9.71 18.12
C ARG K 97 -2.98 -9.30 19.52
N ASP K 98 -3.15 -7.99 19.74
CA ASP K 98 -3.69 -7.53 21.01
C ASP K 98 -5.13 -7.95 21.20
N ILE K 99 -5.95 -7.84 20.16
CA ILE K 99 -7.37 -8.18 20.29
C ILE K 99 -7.55 -9.65 20.64
N MET K 100 -6.79 -10.53 19.98
CA MET K 100 -6.98 -11.96 20.11
C MET K 100 -6.14 -12.58 21.22
N CYS K 101 -5.53 -11.76 22.08
CA CYS K 101 -4.75 -12.23 23.23
C CYS K 101 -3.54 -13.05 22.81
N ILE K 102 -2.65 -12.39 22.06
CA ILE K 102 -1.33 -12.92 21.73
C ILE K 102 -0.31 -11.87 22.13
N PRO K 103 0.90 -12.24 22.55
CA PRO K 103 1.91 -11.23 22.85
C PRO K 103 2.16 -10.30 21.67
N TYR K 104 2.30 -9.01 21.98
CA TYR K 104 2.46 -7.98 20.98
C TYR K 104 3.51 -6.98 21.42
N CYS K 105 3.86 -6.08 20.50
CA CYS K 105 4.95 -5.13 20.70
C CYS K 105 4.38 -3.72 20.71
N ASN K 106 4.71 -2.93 21.73
CA ASN K 106 4.25 -1.54 21.79
C ASN K 106 5.36 -0.56 21.44
N TYR K 107 6.45 -1.01 20.83
CA TYR K 107 7.54 -0.15 20.37
C TYR K 107 8.25 0.54 21.53
N SER K 108 8.64 -0.22 22.53
CA SER K 108 9.33 0.42 23.65
C SER K 108 10.63 -0.28 24.05
N LYS K 109 10.67 -1.61 24.02
CA LYS K 109 11.84 -2.35 24.43
C LYS K 109 12.32 -3.26 23.31
N TYR K 110 13.62 -3.32 23.12
CA TYR K 110 14.23 -4.14 22.08
C TYR K 110 15.43 -4.87 22.65
N TRP K 111 15.58 -6.14 22.28
CA TRP K 111 16.69 -6.96 22.72
C TRP K 111 17.55 -7.36 21.54
N TYR K 112 18.85 -7.50 21.79
CA TYR K 112 19.81 -7.89 20.76
C TYR K 112 20.96 -8.65 21.41
N LEU K 113 21.70 -9.36 20.59
CA LEU K 113 22.87 -10.10 21.05
C LEU K 113 24.14 -9.28 20.84
N ASN K 114 25.16 -9.63 21.61
CA ASN K 114 26.44 -8.94 21.61
C ASN K 114 27.56 -9.98 21.61
N HIS K 115 28.64 -9.69 20.92
CA HIS K 115 29.82 -10.55 20.93
C HIS K 115 30.93 -9.76 21.62
N THR K 116 31.16 -10.07 22.90
CA THR K 116 32.06 -9.27 23.71
C THR K 116 33.48 -9.28 23.18
N THR K 117 33.97 -10.46 22.77
CA THR K 117 35.35 -10.55 22.30
C THR K 117 35.57 -9.77 21.00
N THR K 118 34.59 -9.82 20.09
CA THR K 118 34.71 -9.18 18.78
C THR K 118 34.04 -7.82 18.72
N GLY K 119 32.87 -7.66 19.34
CA GLY K 119 32.13 -6.43 19.28
C GLY K 119 30.93 -6.45 18.35
N ARG K 120 30.80 -7.47 17.52
CA ARG K 120 29.68 -7.54 16.59
C ARG K 120 28.38 -7.79 17.33
N THR K 121 27.30 -7.21 16.82
CA THR K 121 25.99 -7.30 17.43
C THR K 121 24.99 -7.84 16.40
N SER K 122 23.71 -7.80 16.77
CA SER K 122 22.63 -8.20 15.90
C SER K 122 21.66 -7.04 15.73
N LEU K 123 20.61 -7.26 14.98
CA LEU K 123 19.60 -6.24 14.82
C LEU K 123 18.54 -6.40 15.90
N PRO K 124 18.26 -5.35 16.68
CA PRO K 124 17.31 -5.48 17.79
C PRO K 124 15.93 -5.90 17.33
N LYS K 125 15.31 -6.77 18.12
CA LYS K 125 13.95 -7.23 17.93
C LYS K 125 13.12 -6.87 19.15
N CYS K 126 11.81 -6.77 18.98
CA CYS K 126 10.99 -6.22 20.04
C CYS K 126 10.85 -7.19 21.21
N TRP K 127 10.59 -6.61 22.38
CA TRP K 127 10.30 -7.36 23.61
C TRP K 127 8.81 -7.28 23.85
N LEU K 128 8.10 -8.38 23.61
CA LEU K 128 6.66 -8.37 23.58
C LEU K 128 6.08 -8.23 24.98
N VAL K 129 4.79 -7.90 25.04
CA VAL K 129 4.08 -7.70 26.29
C VAL K 129 2.83 -8.57 26.29
N SER K 130 2.34 -8.87 27.50
CA SER K 130 1.14 -9.68 27.66
C SER K 130 0.49 -9.30 28.99
N ASN K 131 -0.58 -8.50 28.90
CA ASN K 131 -1.35 -8.06 30.07
C ASN K 131 -0.46 -7.29 31.06
N GLY K 132 0.16 -6.23 30.56
CA GLY K 132 0.94 -5.33 31.39
C GLY K 132 2.16 -5.94 32.02
N SER K 133 2.94 -6.68 31.24
CA SER K 133 4.18 -7.27 31.73
C SER K 133 5.06 -7.59 30.53
N TYR K 134 6.15 -8.31 30.77
CA TYR K 134 7.03 -8.82 29.74
C TYR K 134 7.08 -10.35 29.84
N LEU K 135 7.86 -10.97 28.97
CA LEU K 135 7.82 -12.41 28.79
C LEU K 135 8.90 -13.15 29.57
N ASN K 136 9.64 -12.46 30.43
CA ASN K 136 10.54 -13.10 31.41
C ASN K 136 11.66 -13.89 30.76
N GLU K 137 11.97 -13.62 29.49
CA GLU K 137 13.17 -14.13 28.83
C GLU K 137 13.16 -15.64 28.62
N THR K 138 12.14 -16.33 29.14
CA THR K 138 11.99 -17.76 28.95
C THR K 138 10.80 -18.12 28.08
N HIS K 139 9.91 -17.16 27.81
CA HIS K 139 8.76 -17.39 26.95
C HIS K 139 9.11 -17.26 25.48
N PHE K 140 10.29 -16.75 25.14
CA PHE K 140 10.77 -16.69 23.77
C PHE K 140 12.22 -17.13 23.69
N SER K 141 12.60 -18.11 24.51
CA SER K 141 13.96 -18.63 24.48
C SER K 141 14.28 -19.38 23.19
N ASP K 142 13.28 -19.68 22.37
CA ASP K 142 13.55 -20.24 21.06
C ASP K 142 14.06 -19.18 20.09
N ASP K 143 13.51 -17.97 20.17
CA ASP K 143 13.90 -16.90 19.25
C ASP K 143 15.36 -16.50 19.45
N ILE K 144 15.82 -16.44 20.70
CA ILE K 144 17.20 -16.08 20.97
C ILE K 144 18.15 -17.12 20.39
N GLU K 145 17.83 -18.40 20.57
CA GLU K 145 18.66 -19.46 20.02
C GLU K 145 18.66 -19.42 18.50
N GLN K 146 17.50 -19.15 17.89
CA GLN K 146 17.43 -19.04 16.44
C GLN K 146 18.29 -17.89 15.93
N GLN K 147 18.23 -16.73 16.60
CA GLN K 147 19.03 -15.60 16.20
C GLN K 147 20.52 -15.88 16.36
N ALA K 148 20.88 -16.57 17.43
CA ALA K 148 22.28 -16.96 17.61
C ALA K 148 22.73 -17.89 16.49
N ASP K 149 21.87 -18.82 16.09
CA ASP K 149 22.21 -19.72 14.98
C ASP K 149 22.38 -18.94 13.68
N ASN K 150 21.48 -17.99 13.41
CA ASN K 150 21.62 -17.18 12.20
C ASN K 150 22.92 -16.40 12.22
N MET K 151 23.27 -15.81 13.36
CA MET K 151 24.50 -15.03 13.45
C MET K 151 25.72 -15.93 13.26
N ILE K 152 25.71 -17.12 13.86
CA ILE K 152 26.87 -18.00 13.72
C ILE K 152 27.01 -18.49 12.28
N THR K 153 25.89 -18.75 11.61
CA THR K 153 25.96 -19.14 10.20
C THR K 153 26.49 -17.98 9.35
N GLU K 154 26.03 -16.75 9.62
CA GLU K 154 26.49 -15.61 8.85
C GLU K 154 27.97 -15.35 9.05
N MET K 155 28.45 -15.48 10.28
CA MET K 155 29.86 -15.22 10.53
C MET K 155 30.75 -16.36 10.04
N LEU K 156 30.24 -17.59 10.04
CA LEU K 156 31.02 -18.69 9.47
C LEU K 156 31.03 -18.66 7.94
N GLN K 157 29.99 -18.10 7.32
CA GLN K 157 29.97 -17.99 5.87
C GLN K 157 31.08 -17.07 5.36
N LYS K 158 31.30 -15.95 6.05
CA LYS K 158 32.34 -15.02 5.66
C LYS K 158 33.71 -15.47 6.15
N GLY L 1 0.22 -2.07 -0.99
CA GLY L 1 0.64 -3.32 -1.59
C GLY L 1 2.01 -3.24 -2.23
N THR L 2 2.27 -4.14 -3.18
CA THR L 2 3.53 -4.19 -3.89
C THR L 2 3.26 -4.37 -5.37
N PHE L 3 4.13 -3.80 -6.19
CA PHE L 3 4.03 -3.96 -7.63
C PHE L 3 4.05 -5.43 -8.02
N THR L 4 3.26 -5.79 -9.04
CA THR L 4 3.13 -7.17 -9.45
C THR L 4 3.48 -7.44 -10.91
N TRP L 5 3.58 -6.40 -11.74
CA TRP L 5 3.87 -6.60 -13.15
C TRP L 5 5.26 -7.19 -13.33
N THR L 6 5.38 -8.14 -14.25
CA THR L 6 6.63 -8.84 -14.50
C THR L 6 7.11 -8.57 -15.92
N LEU L 7 8.42 -8.64 -16.10
CA LEU L 7 9.04 -8.34 -17.38
C LEU L 7 9.46 -9.60 -18.12
N GLY L 18 16.64 -9.96 -20.57
CA GLY L 18 17.33 -9.27 -21.64
C GLY L 18 16.49 -8.18 -22.28
N TYR L 19 15.84 -7.38 -21.45
CA TYR L 19 15.02 -6.28 -21.94
C TYR L 19 15.85 -5.35 -22.79
N CYS L 20 15.35 -5.01 -23.98
CA CYS L 20 16.12 -4.22 -24.93
C CYS L 20 15.34 -2.99 -25.36
N LEU L 21 16.01 -1.85 -25.34
CA LEU L 21 15.39 -0.54 -25.57
C LEU L 21 15.61 -0.10 -27.00
N THR L 22 14.52 0.31 -27.66
CA THR L 22 14.57 0.69 -29.06
C THR L 22 14.79 2.20 -29.20
N ARG L 23 15.03 2.64 -30.44
CA ARG L 23 15.39 4.02 -30.71
C ARG L 23 14.24 4.99 -30.49
N TRP L 24 13.02 4.51 -30.28
CA TRP L 24 11.88 5.38 -30.02
C TRP L 24 11.69 5.65 -28.54
N MET L 25 12.47 5.02 -27.67
CA MET L 25 12.36 5.20 -26.23
C MET L 25 13.50 6.03 -25.64
N LEU L 26 14.42 6.51 -26.46
CA LEU L 26 15.60 7.22 -25.99
C LEU L 26 15.75 8.52 -26.75
N ILE L 27 16.62 9.39 -26.23
CA ILE L 27 16.97 10.66 -26.88
C ILE L 27 18.44 10.59 -27.25
N GLU L 28 18.72 10.73 -28.54
CA GLU L 28 20.08 10.68 -29.09
C GLU L 28 20.74 9.34 -28.76
N ALA L 29 20.07 8.26 -29.13
CA ALA L 29 20.61 6.92 -28.96
C ALA L 29 19.85 5.98 -29.88
N GLU L 30 20.53 4.91 -30.29
CA GLU L 30 19.96 3.96 -31.25
C GLU L 30 19.52 2.66 -30.61
N LEU L 31 20.43 1.97 -29.93
CA LEU L 31 20.11 0.66 -29.35
C LEU L 31 20.99 0.47 -28.12
N LYS L 32 20.42 0.67 -26.95
CA LYS L 32 21.09 0.39 -25.68
C LYS L 32 20.27 -0.67 -24.96
N CYS L 33 20.90 -1.80 -24.65
CA CYS L 33 20.19 -2.78 -23.83
C CYS L 33 21.13 -3.71 -23.09
N PHE L 34 20.57 -4.37 -22.09
CA PHE L 34 21.26 -4.86 -20.92
C PHE L 34 21.17 -6.38 -20.84
N GLY L 35 21.83 -6.95 -19.84
CA GLY L 35 21.81 -8.38 -19.64
C GLY L 35 20.60 -8.84 -18.84
N ASN L 36 20.47 -10.17 -18.75
CA ASN L 36 19.39 -10.74 -17.94
C ASN L 36 19.69 -10.63 -16.46
N THR L 37 20.96 -10.76 -16.07
CA THR L 37 21.32 -10.65 -14.66
C THR L 37 21.00 -9.27 -14.11
N ALA L 38 21.26 -8.23 -14.90
CA ALA L 38 20.99 -6.87 -14.44
C ALA L 38 19.50 -6.61 -14.30
N VAL L 39 18.70 -7.07 -15.27
CA VAL L 39 17.27 -6.79 -15.23
C VAL L 39 16.54 -7.70 -14.25
N ALA L 40 17.15 -8.80 -13.83
CA ALA L 40 16.53 -9.66 -12.83
C ALA L 40 16.33 -8.95 -11.49
N LYS L 41 17.12 -7.90 -11.21
CA LYS L 41 16.97 -7.16 -9.97
C LYS L 41 15.67 -6.36 -9.93
N CYS L 42 15.00 -6.20 -11.05
CA CYS L 42 13.78 -5.41 -11.08
C CYS L 42 12.60 -6.11 -10.41
N ASN L 43 12.75 -7.39 -10.08
CA ASN L 43 11.67 -8.13 -9.42
C ASN L 43 11.79 -8.11 -7.90
N GLU L 44 12.93 -7.68 -7.35
CA GLU L 44 13.19 -7.77 -5.92
C GLU L 44 13.82 -6.48 -5.40
N LYS L 45 13.40 -5.35 -5.94
CA LYS L 45 13.86 -4.06 -5.44
C LYS L 45 12.70 -3.08 -5.43
N HIS L 46 12.59 -2.29 -4.36
CA HIS L 46 11.48 -1.39 -4.16
C HIS L 46 11.83 0.08 -4.29
N ASP L 47 13.12 0.43 -4.32
CA ASP L 47 13.58 1.80 -4.33
C ASP L 47 14.35 2.12 -5.60
N GLU L 48 13.83 1.68 -6.75
CA GLU L 48 14.46 1.93 -8.03
C GLU L 48 13.41 2.43 -9.01
N GLU L 49 13.71 3.55 -9.68
CA GLU L 49 12.79 4.08 -10.70
C GLU L 49 12.87 3.31 -12.01
N PHE L 50 14.07 2.93 -12.43
CA PHE L 50 14.26 2.39 -13.77
C PHE L 50 13.34 1.20 -14.02
N CYS L 51 13.11 0.40 -12.98
CA CYS L 51 12.18 -0.71 -13.10
C CYS L 51 10.74 -0.23 -13.28
N ASP L 52 10.38 0.87 -12.61
CA ASP L 52 9.04 1.42 -12.77
C ASP L 52 8.82 1.93 -14.19
N MET L 53 9.83 2.61 -14.75
CA MET L 53 9.73 3.08 -16.12
C MET L 53 9.66 1.92 -17.10
N LEU L 54 10.44 0.86 -16.86
CA LEU L 54 10.36 -0.32 -17.70
C LEU L 54 8.99 -0.96 -17.64
N ARG L 55 8.39 -1.00 -16.45
CA ARG L 55 7.05 -1.57 -16.31
C ARG L 55 6.01 -0.73 -17.04
N LEU L 56 6.11 0.60 -16.95
CA LEU L 56 5.21 1.46 -17.71
C LEU L 56 5.35 1.24 -19.22
N PHE L 57 6.61 1.13 -19.69
CA PHE L 57 6.83 0.87 -21.11
C PHE L 57 6.19 -0.43 -21.55
N ASP L 58 6.41 -1.50 -20.78
CA ASP L 58 5.85 -2.80 -21.13
C ASP L 58 4.34 -2.77 -21.12
N PHE L 59 3.74 -2.15 -20.10
CA PHE L 59 2.28 -2.07 -20.03
C PHE L 59 1.72 -1.34 -21.22
N ASN L 60 2.35 -0.22 -21.61
CA ASN L 60 1.89 0.51 -22.78
C ASN L 60 1.97 -0.36 -24.03
N LYS L 61 3.07 -1.12 -24.15
CA LYS L 61 3.23 -1.98 -25.33
C LYS L 61 2.11 -3.00 -25.42
N GLN L 62 1.86 -3.75 -24.34
CA GLN L 62 0.77 -4.74 -24.40
C GLN L 62 -0.59 -4.08 -24.58
N ALA L 63 -0.82 -2.93 -23.94
CA ALA L 63 -2.12 -2.27 -24.08
C ALA L 63 -2.37 -1.86 -25.52
N ILE L 64 -1.35 -1.38 -26.22
CA ILE L 64 -1.59 -0.94 -27.59
C ILE L 64 -1.63 -2.12 -28.56
N GLN L 65 -0.89 -3.21 -28.29
CA GLN L 65 -0.91 -4.32 -29.24
C GLN L 65 -1.95 -5.38 -28.91
N ARG L 66 -2.74 -5.20 -27.84
CA ARG L 66 -3.74 -6.18 -27.47
C ARG L 66 -5.16 -5.64 -27.45
N LEU L 67 -5.35 -4.33 -27.31
CA LEU L 67 -6.69 -3.76 -27.22
C LEU L 67 -7.02 -2.97 -28.48
N ILE L 75 -8.92 6.02 -20.63
CA ILE L 75 -7.71 6.05 -19.83
C ILE L 75 -7.96 5.37 -18.48
N GLN L 76 -9.12 4.74 -18.35
CA GLN L 76 -9.46 4.04 -17.11
C GLN L 76 -8.51 2.88 -16.83
N LEU L 77 -7.87 2.32 -17.85
CA LEU L 77 -6.96 1.21 -17.64
C LEU L 77 -5.80 1.62 -16.74
N ILE L 78 -5.23 2.79 -16.98
CA ILE L 78 -4.16 3.27 -16.12
C ILE L 78 -4.71 3.78 -14.79
N ASN L 79 -5.99 4.16 -14.74
CA ASN L 79 -6.58 4.54 -13.47
C ASN L 79 -6.66 3.36 -12.52
N LYS L 80 -7.05 2.19 -13.03
CA LYS L 80 -7.19 1.00 -12.20
C LYS L 80 -5.96 0.11 -12.20
N ALA L 81 -4.94 0.44 -13.00
CA ALA L 81 -3.74 -0.38 -13.09
C ALA L 81 -2.49 0.34 -12.62
N VAL L 82 -2.63 1.54 -12.06
CA VAL L 82 -1.45 2.35 -11.72
C VAL L 82 -0.67 1.72 -10.57
N ASN L 83 -1.36 1.13 -9.60
CA ASN L 83 -0.70 0.61 -8.41
C ASN L 83 -0.07 -0.75 -8.63
N ALA L 84 -0.40 -1.44 -9.72
CA ALA L 84 0.20 -2.72 -10.03
C ALA L 84 1.49 -2.59 -10.82
N LEU L 85 1.88 -1.37 -11.19
CA LEU L 85 3.07 -1.13 -11.98
C LEU L 85 4.16 -0.35 -11.25
N ILE L 86 3.78 0.66 -10.47
CA ILE L 86 4.75 1.60 -9.91
C ILE L 86 4.67 1.60 -8.38
N ASN L 87 5.52 2.41 -7.75
CA ASN L 87 5.54 2.59 -6.30
C ASN L 87 5.31 4.07 -6.01
N ASP L 88 4.13 4.39 -5.46
CA ASP L 88 3.78 5.79 -5.24
C ASP L 88 4.66 6.44 -4.18
N GLN L 89 5.11 5.66 -3.19
CA GLN L 89 5.91 6.24 -2.11
C GLN L 89 7.26 6.72 -2.60
N LEU L 90 7.77 6.16 -3.71
CA LEU L 90 8.98 6.71 -4.31
C LEU L 90 8.73 8.12 -4.83
N ILE L 91 7.59 8.32 -5.51
CA ILE L 91 7.21 9.67 -5.94
C ILE L 91 7.08 10.60 -4.75
N MET L 92 6.46 10.12 -3.67
CA MET L 92 6.28 10.97 -2.50
C MET L 92 7.61 11.33 -1.86
N LYS L 93 8.54 10.37 -1.79
CA LYS L 93 9.87 10.64 -1.26
C LYS L 93 10.57 11.70 -2.09
N ASN L 94 10.52 11.57 -3.42
CA ASN L 94 11.18 12.55 -4.27
C ASN L 94 10.55 13.93 -4.12
N HIS L 95 9.22 13.98 -3.96
CA HIS L 95 8.57 15.25 -3.71
C HIS L 95 9.02 15.87 -2.38
N LEU L 96 9.16 15.05 -1.34
CA LEU L 96 9.61 15.56 -0.05
C LEU L 96 11.03 16.08 -0.11
N ARG L 97 11.93 15.34 -0.78
CA ARG L 97 13.29 15.82 -0.95
C ARG L 97 13.32 17.10 -1.78
N ASP L 98 12.38 17.26 -2.71
CA ASP L 98 12.26 18.53 -3.41
C ASP L 98 11.85 19.66 -2.48
N ILE L 99 10.89 19.40 -1.59
CA ILE L 99 10.42 20.45 -0.68
C ILE L 99 11.53 20.91 0.25
N MET L 100 12.28 19.97 0.80
CA MET L 100 13.29 20.27 1.81
C MET L 100 14.66 20.57 1.21
N CYS L 101 14.74 20.78 -0.11
CA CYS L 101 15.98 21.18 -0.79
C CYS L 101 17.07 20.12 -0.64
N ILE L 102 16.78 18.94 -1.17
CA ILE L 102 17.77 17.87 -1.33
C ILE L 102 17.74 17.48 -2.80
N PRO L 103 18.86 17.04 -3.39
CA PRO L 103 18.81 16.53 -4.77
C PRO L 103 17.78 15.43 -4.93
N TYR L 104 17.02 15.50 -6.03
CA TYR L 104 15.96 14.54 -6.30
C TYR L 104 16.04 14.07 -7.75
N CYS L 105 15.00 13.39 -8.22
CA CYS L 105 14.99 12.81 -9.56
C CYS L 105 13.93 13.52 -10.39
N ASN L 106 14.35 14.11 -11.52
CA ASN L 106 13.41 14.63 -12.51
C ASN L 106 12.74 13.50 -13.28
N TYR L 107 13.23 12.27 -13.13
CA TYR L 107 12.66 11.06 -13.72
C TYR L 107 12.98 10.92 -15.21
N SER L 108 14.09 11.48 -15.67
CA SER L 108 14.48 11.41 -17.08
C SER L 108 15.85 10.78 -17.30
N LYS L 109 16.88 11.23 -16.58
CA LYS L 109 18.26 10.86 -16.88
C LYS L 109 18.76 9.77 -15.94
N TYR L 110 19.53 8.83 -16.50
CA TYR L 110 20.09 7.72 -15.72
C TYR L 110 21.53 7.48 -16.15
N TRP L 111 22.28 6.86 -15.25
CA TRP L 111 23.69 6.55 -15.48
C TRP L 111 23.98 5.10 -15.09
N TYR L 112 24.98 4.51 -15.73
CA TYR L 112 25.35 3.13 -15.49
C TYR L 112 26.80 2.90 -15.91
N LEU L 113 27.34 1.77 -15.46
CA LEU L 113 28.70 1.36 -15.80
C LEU L 113 28.68 0.39 -16.97
N ASN L 114 29.78 0.35 -17.71
CA ASN L 114 29.79 -0.30 -19.01
C ASN L 114 30.70 -1.52 -19.10
N HIS L 115 31.94 -1.43 -18.62
CA HIS L 115 32.90 -2.55 -18.64
C HIS L 115 33.09 -3.06 -20.08
N THR L 116 33.70 -2.18 -20.89
CA THR L 116 33.80 -2.44 -22.33
C THR L 116 34.53 -3.74 -22.65
N THR L 117 35.45 -4.17 -21.78
CA THR L 117 36.25 -5.35 -22.08
C THR L 117 35.39 -6.60 -22.22
N THR L 118 34.42 -6.77 -21.33
CA THR L 118 33.53 -7.93 -21.37
C THR L 118 32.12 -7.58 -21.86
N GLY L 119 31.65 -6.36 -21.58
CA GLY L 119 30.33 -5.94 -22.00
C GLY L 119 29.28 -5.94 -20.92
N ARG L 120 29.57 -6.52 -19.75
CA ARG L 120 28.61 -6.55 -18.67
C ARG L 120 28.42 -5.15 -18.09
N THR L 121 27.18 -4.79 -17.82
CA THR L 121 26.82 -3.47 -17.35
C THR L 121 26.22 -3.54 -15.95
N SER L 122 25.72 -2.41 -15.48
CA SER L 122 25.04 -2.31 -14.21
C SER L 122 23.66 -1.69 -14.43
N LEU L 123 22.76 -1.98 -13.50
CA LEU L 123 21.41 -1.43 -13.59
C LEU L 123 21.48 0.09 -13.46
N PRO L 124 20.87 0.83 -14.39
CA PRO L 124 20.94 2.30 -14.33
C PRO L 124 20.33 2.87 -13.05
N LYS L 125 20.95 3.94 -12.58
CA LYS L 125 20.49 4.68 -11.41
C LYS L 125 20.20 6.13 -11.82
N CYS L 126 19.30 6.77 -11.07
CA CYS L 126 18.85 8.10 -11.44
C CYS L 126 19.96 9.13 -11.31
N TRP L 127 19.95 10.10 -12.22
CA TRP L 127 20.83 11.25 -12.17
C TRP L 127 20.12 12.37 -11.43
N LEU L 128 20.72 12.83 -10.32
CA LEU L 128 20.05 13.74 -9.43
C LEU L 128 19.96 15.14 -10.04
N VAL L 129 19.03 15.93 -9.53
CA VAL L 129 18.81 17.29 -10.02
C VAL L 129 18.64 18.21 -8.81
N SER L 130 19.29 19.38 -8.88
CA SER L 130 19.17 20.39 -7.83
C SER L 130 19.41 21.76 -8.44
N ASN L 131 18.61 22.73 -8.00
CA ASN L 131 18.73 24.12 -8.46
C ASN L 131 18.57 24.25 -9.97
N GLY L 132 17.73 23.39 -10.56
CA GLY L 132 17.44 23.48 -11.98
C GLY L 132 18.52 22.95 -12.89
N SER L 133 19.51 22.23 -12.37
CA SER L 133 20.57 21.68 -13.19
C SER L 133 21.00 20.33 -12.64
N TYR L 134 21.57 19.52 -13.52
CA TYR L 134 22.09 18.22 -13.13
C TYR L 134 23.31 18.38 -12.24
N LEU L 135 23.45 17.46 -11.28
CA LEU L 135 24.62 17.46 -10.43
C LEU L 135 25.85 17.05 -11.22
N ASN L 136 26.99 17.62 -10.84
CA ASN L 136 28.25 17.23 -11.44
C ASN L 136 28.64 15.82 -11.02
N GLU L 137 29.48 15.18 -11.82
CA GLU L 137 29.87 13.80 -11.52
C GLU L 137 30.66 13.71 -10.23
N THR L 138 31.35 14.79 -9.84
CA THR L 138 32.12 14.79 -8.60
C THR L 138 31.24 14.97 -7.36
N HIS L 139 30.00 15.40 -7.54
CA HIS L 139 29.13 15.65 -6.40
C HIS L 139 28.51 14.38 -5.84
N PHE L 140 28.55 13.28 -6.59
CA PHE L 140 28.06 12.00 -6.09
C PHE L 140 28.99 10.86 -6.49
N SER L 141 30.23 11.19 -6.84
CA SER L 141 31.16 10.18 -7.35
C SER L 141 31.31 9.02 -6.39
N ASP L 142 31.17 9.26 -5.08
CA ASP L 142 31.26 8.19 -4.10
C ASP L 142 30.33 7.03 -4.47
N ASP L 143 29.06 7.33 -4.76
CA ASP L 143 28.11 6.29 -5.13
C ASP L 143 28.66 5.43 -6.25
N ILE L 144 29.29 6.06 -7.24
CA ILE L 144 29.82 5.33 -8.37
C ILE L 144 30.78 4.25 -7.91
N GLU L 145 31.76 4.61 -7.06
CA GLU L 145 32.68 3.57 -6.60
C GLU L 145 31.93 2.48 -5.86
N GLN L 146 30.94 2.85 -5.03
CA GLN L 146 30.13 1.84 -4.37
C GLN L 146 29.58 0.85 -5.39
N GLN L 147 28.97 1.37 -6.47
CA GLN L 147 28.43 0.49 -7.49
C GLN L 147 29.54 -0.37 -8.09
N ALA L 148 30.67 0.26 -8.42
CA ALA L 148 31.81 -0.51 -8.93
C ALA L 148 32.15 -1.62 -7.95
N ASP L 149 32.24 -1.29 -6.66
CA ASP L 149 32.53 -2.31 -5.66
C ASP L 149 31.55 -3.46 -5.77
N ASN L 150 30.24 -3.16 -5.77
CA ASN L 150 29.26 -4.21 -5.90
C ASN L 150 29.56 -5.08 -7.10
N MET L 151 29.79 -4.45 -8.26
CA MET L 151 30.03 -5.22 -9.47
C MET L 151 31.24 -6.14 -9.29
N ILE L 152 32.33 -5.62 -8.72
CA ILE L 152 33.51 -6.46 -8.59
C ILE L 152 33.20 -7.67 -7.71
N THR L 153 32.44 -7.44 -6.63
CA THR L 153 32.05 -8.56 -5.77
C THR L 153 31.26 -9.57 -6.56
N GLU L 154 30.33 -9.10 -7.40
CA GLU L 154 29.57 -10.01 -8.25
C GLU L 154 30.49 -10.81 -9.15
N MET L 155 31.47 -10.14 -9.77
CA MET L 155 32.34 -10.89 -10.66
C MET L 155 33.41 -11.62 -9.87
N LEU L 156 33.47 -11.39 -8.56
CA LEU L 156 34.24 -12.27 -7.68
C LEU L 156 33.39 -13.35 -7.05
N GLN L 157 32.06 -13.24 -7.15
CA GLN L 157 31.19 -14.27 -6.58
C GLN L 157 31.15 -15.51 -7.46
N LYS L 158 31.18 -15.32 -8.78
CA LYS L 158 31.13 -16.43 -9.72
C LYS L 158 32.52 -16.81 -10.20
C1 NAG M . -17.31 -24.47 7.98
C2 NAG M . -17.46 -25.93 7.59
C3 NAG M . -17.26 -26.83 8.82
C4 NAG M . -15.97 -26.49 9.55
C5 NAG M . -15.85 -24.98 9.78
C6 NAG M . -14.49 -24.56 10.30
C7 NAG M . -18.93 -26.85 5.85
C8 NAG M . -20.34 -27.00 5.37
N2 NAG M . -18.77 -26.18 7.00
O3 NAG M . -17.24 -28.18 8.41
O4 NAG M . -15.98 -27.14 10.81
O5 NAG M . -16.04 -24.26 8.56
O6 NAG M . -13.73 -23.90 9.30
O7 NAG M . -17.98 -27.29 5.22
C1 NAG M . -14.81 -27.92 11.12
C2 NAG M . -14.73 -28.04 12.64
C3 NAG M . -13.52 -28.88 13.03
C4 NAG M . -13.53 -30.22 12.30
C5 NAG M . -13.70 -30.01 10.80
C6 NAG M . -13.87 -31.31 10.03
C7 NAG M . -15.66 -26.21 13.97
C8 NAG M . -15.42 -24.85 14.55
N2 NAG M . -14.66 -26.73 13.26
O3 NAG M . -13.53 -29.10 14.43
O4 NAG M . -12.29 -30.89 12.53
O5 NAG M . -14.87 -29.22 10.53
O6 NAG M . -15.18 -31.83 10.21
O7 NAG M . -16.71 -26.81 14.14
C1 BMA M . -12.47 -32.10 13.29
C2 BMA M . -11.12 -32.86 13.21
C3 BMA M . -11.10 -34.07 14.14
C4 BMA M . -11.72 -33.76 15.51
C5 BMA M . -13.05 -33.02 15.38
C6 BMA M . -13.65 -32.65 16.72
O2 BMA M . -10.06 -32.03 13.62
O3 BMA M . -9.76 -34.50 14.33
O4 BMA M . -11.91 -34.97 16.23
O5 BMA M . -12.82 -31.84 14.64
O6 BMA M . -12.82 -31.67 17.33
C1 MAN M . -9.57 -35.88 13.98
C2 MAN M . -8.82 -35.91 12.61
C3 MAN M . -9.08 -37.23 11.91
C4 MAN M . -9.36 -38.35 12.93
C5 MAN M . -10.67 -38.03 13.68
C6 MAN M . -10.78 -38.73 15.03
O2 MAN M . -7.41 -35.83 12.79
O3 MAN M . -7.99 -37.60 11.06
O4 MAN M . -9.47 -39.60 12.27
O5 MAN M . -10.79 -36.60 13.91
O6 MAN M . -10.26 -40.05 14.90
C1 MAN M . -13.60 -30.48 17.58
C2 MAN M . -12.72 -29.47 18.36
C3 MAN M . -13.61 -28.51 19.17
C4 MAN M . -14.98 -28.36 18.51
C5 MAN M . -15.72 -29.70 18.58
C6 MAN M . -16.88 -29.80 17.60
O2 MAN M . -11.96 -28.64 17.47
O3 MAN M . -12.99 -27.24 19.34
O4 MAN M . -15.73 -27.37 19.20
O5 MAN M . -14.80 -30.81 18.29
O6 MAN M . -17.60 -28.59 17.67
C1 NAG N . -24.23 -23.71 10.94
C2 NAG N . -25.57 -24.41 11.19
C3 NAG N . -25.88 -24.46 12.69
C4 NAG N . -24.71 -25.09 13.44
C5 NAG N . -23.41 -24.37 13.10
C6 NAG N . -22.19 -25.01 13.72
C7 NAG N . -27.48 -24.36 9.64
C8 NAG N . -28.53 -23.52 9.00
N2 NAG N . -26.65 -23.74 10.48
O3 NAG N . -27.06 -25.21 12.90
O4 NAG N . -24.94 -24.99 14.84
O5 NAG N . -23.21 -24.37 11.68
O6 NAG N . -21.42 -24.07 14.45
O7 NAG N . -27.37 -25.57 9.41
C1 NAG N . -25.11 -26.31 15.41
C2 NAG N . -25.35 -26.14 16.91
C3 NAG N . -25.56 -27.51 17.56
C4 NAG N . -26.69 -28.26 16.84
C5 NAG N . -26.42 -28.33 15.34
C6 NAG N . -27.55 -28.94 14.57
C7 NAG N . -24.30 -24.18 17.96
C8 NAG N . -25.61 -23.48 17.74
N2 NAG N . -24.24 -25.45 17.54
O3 NAG N . -25.89 -27.34 18.92
O4 NAG N . -26.80 -29.58 17.36
O5 NAG N . -26.23 -27.00 14.82
O6 NAG N . -27.72 -30.32 14.88
O7 NAG N . -23.34 -23.62 18.48
C1 NAG O . -35.15 -12.00 3.56
C2 NAG O . -35.73 -13.41 3.63
C3 NAG O . -37.15 -13.37 4.15
C4 NAG O . -37.20 -12.64 5.49
C5 NAG O . -36.57 -11.26 5.36
C6 NAG O . -36.46 -10.54 6.68
C7 NAG O . -35.62 -15.39 2.18
C8 NAG O . -35.60 -15.90 0.78
N2 NAG O . -35.69 -14.06 2.33
O3 NAG O . -37.65 -14.70 4.31
O4 NAG O . -38.55 -12.50 5.93
O5 NAG O . -35.24 -11.38 4.85
O6 NAG O . -35.90 -11.38 7.69
O7 NAG O . -35.60 -16.15 3.15
C1 NAG O . -38.72 -13.19 7.19
C2 NAG O . -40.21 -13.33 7.48
C3 NAG O . -40.43 -14.08 8.79
C4 NAG O . -39.67 -15.40 8.78
C5 NAG O . -38.20 -15.18 8.43
C6 NAG O . -37.43 -16.47 8.29
C7 NAG O . -41.47 -11.48 6.47
C8 NAG O . -42.08 -10.13 6.71
N2 NAG O . -40.86 -12.03 7.53
O3 NAG O . -41.82 -14.31 8.99
O4 NAG O . -39.76 -16.03 10.06
O5 NAG O . -38.10 -14.49 7.18
O6 NAG O . -37.37 -17.18 9.51
O7 NAG O . -41.53 -12.04 5.39
C1 NAG P . -10.82 -21.75 -11.95
C2 NAG P . -11.96 -22.20 -11.02
C3 NAG P . -12.24 -23.68 -11.23
C4 NAG P . -12.55 -23.96 -12.70
C5 NAG P . -11.40 -23.44 -13.57
C6 NAG P . -11.69 -23.56 -15.05
C7 NAG P . -12.42 -21.14 -8.87
C8 NAG P . -11.96 -20.96 -7.45
N2 NAG P . -11.65 -21.92 -9.64
O3 NAG P . -13.35 -24.06 -10.41
O4 NAG P . -12.69 -25.36 -12.90
O5 NAG P . -11.16 -22.04 -13.30
O6 NAG P . -13.04 -23.25 -15.36
O7 NAG P . -13.44 -20.59 -9.29
C1 NAG P . -14.09 -25.77 -12.92
C2 NAG P . -14.17 -27.23 -13.37
C3 NAG P . -15.61 -27.71 -13.38
C4 NAG P . -16.27 -27.47 -12.04
C5 NAG P . -16.11 -26.01 -11.62
C6 NAG P . -16.63 -25.72 -10.24
C7 NAG P . -12.45 -28.14 -14.89
C8 NAG P . -11.96 -28.22 -16.30
N2 NAG P . -13.56 -27.41 -14.68
O3 NAG P . -15.64 -29.10 -13.70
O4 NAG P . -17.66 -27.77 -12.11
O5 NAG P . -14.71 -25.64 -11.63
O6 NAG P . -18.01 -26.02 -10.13
O7 NAG P . -11.87 -28.71 -13.96
C1 BMA P . -17.97 -29.03 -11.48
C2 BMA P . -19.47 -29.01 -11.02
C3 BMA P . -19.97 -30.41 -10.63
C4 BMA P . -19.51 -31.47 -11.63
C5 BMA P . -18.00 -31.39 -11.81
C6 BMA P . -17.45 -32.44 -12.76
O2 BMA P . -20.31 -28.57 -12.08
O3 BMA P . -21.39 -30.42 -10.52
O4 BMA P . -19.85 -32.77 -11.16
O5 BMA P . -17.69 -30.11 -12.36
O6 BMA P . -17.89 -32.13 -14.07
C1 MAN P . -21.82 -31.17 -9.37
C2 MAN P . -23.38 -31.40 -9.51
C3 MAN P . -24.26 -30.31 -8.82
C4 MAN P . -23.65 -29.75 -7.55
C5 MAN P . -22.21 -29.34 -7.82
C6 MAN P . -21.57 -28.74 -6.60
O2 MAN P . -23.90 -32.77 -9.17
O3 MAN P . -25.59 -30.76 -8.57
O4 MAN P . -24.39 -28.62 -7.13
O5 MAN P . -21.46 -30.51 -8.15
O6 MAN P . -22.52 -27.87 -6.01
C1 MAN P . -23.66 -33.39 -7.88
C2 MAN P . -25.07 -33.60 -7.22
C3 MAN P . -24.98 -33.31 -5.73
C4 MAN P . -23.76 -33.99 -5.13
C5 MAN P . -22.48 -33.34 -5.72
C6 MAN P . -21.39 -34.35 -5.98
O2 MAN P . -25.51 -34.94 -7.34
O3 MAN P . -26.16 -33.73 -5.05
O4 MAN P . -23.75 -33.81 -3.72
O5 MAN P . -22.79 -32.68 -6.98
O6 MAN P . -20.18 -33.63 -6.22
C1 NAG Q . 11.80 18.52 22.03
C2 NAG Q . 12.66 18.29 23.26
C3 NAG Q . 13.93 19.14 23.16
C4 NAG Q . 14.65 18.91 21.84
C5 NAG Q . 13.68 19.00 20.66
C6 NAG Q . 14.29 18.55 19.35
C7 NAG Q . 11.81 17.78 25.50
C8 NAG Q . 11.01 18.28 26.67
N2 NAG Q . 11.92 18.62 24.47
O3 NAG Q . 14.80 18.81 24.25
O4 NAG Q . 15.63 19.93 21.67
O5 NAG Q . 12.53 18.17 20.88
O6 NAG Q . 13.99 17.18 19.09
O7 NAG Q . 12.33 16.68 25.50
C1 NAG Q . 16.95 19.39 21.46
C2 NAG Q . 17.78 20.45 20.73
C3 NAG Q . 19.20 19.95 20.50
C4 NAG Q . 19.81 19.49 21.81
C5 NAG Q . 18.91 18.50 22.53
C6 NAG Q . 19.39 18.14 23.92
C7 NAG Q . 16.37 21.89 19.33
C8 NAG Q . 15.83 22.12 17.95
N2 NAG Q . 17.16 20.82 19.46
O3 NAG Q . 19.97 20.98 19.92
O4 NAG Q . 21.06 18.86 21.54
O5 NAG Q . 17.59 19.06 22.69
O6 NAG Q . 18.55 18.69 24.92
O7 NAG Q . 16.12 22.64 20.26
C1 BMA Q . 22.16 19.61 22.08
C2 BMA Q . 23.42 18.79 21.77
C3 BMA Q . 24.69 19.58 22.12
C4 BMA Q . 24.62 21.07 21.76
C5 BMA Q . 23.25 21.68 22.10
C6 BMA Q . 23.11 23.10 21.58
O2 BMA Q . 23.50 18.51 20.39
O3 BMA Q . 25.78 19.01 21.42
O4 BMA Q . 25.63 21.78 22.48
O5 BMA Q . 22.25 20.88 21.49
O6 BMA Q . 23.07 23.06 20.15
C1 MAN Q . 26.81 18.51 22.31
C2 MAN Q . 26.43 17.07 22.77
C3 MAN Q . 27.30 16.66 23.95
C4 MAN Q . 28.54 17.57 24.05
C5 MAN Q . 28.07 19.02 24.34
C6 MAN Q . 29.17 20.05 24.19
O2 MAN Q . 26.69 16.12 21.74
O3 MAN Q . 27.69 15.29 23.87
O4 MAN Q . 29.40 17.13 25.08
O5 MAN Q . 26.98 19.37 23.45
O6 MAN Q . 30.20 19.75 25.13
C1 MAN Q . 21.85 23.70 19.72
C2 MAN Q . 22.00 23.99 18.19
C3 MAN Q . 21.13 25.19 17.80
C4 MAN Q . 19.90 25.29 18.71
C5 MAN Q . 20.37 25.61 20.14
C6 MAN Q . 19.33 25.28 21.19
O2 MAN Q . 21.54 22.90 17.40
O3 MAN Q . 20.74 25.12 16.43
O4 MAN Q . 19.04 26.31 18.25
O5 MAN Q . 21.59 24.87 20.46
O6 MAN Q . 18.11 25.93 20.83
C1 NAG R . 8.57 25.32 23.82
C2 NAG R . 8.60 26.39 24.92
C3 NAG R . 9.09 27.72 24.35
C4 NAG R . 10.41 27.55 23.62
C5 NAG R . 10.28 26.44 22.58
C6 NAG R . 11.60 26.12 21.89
C7 NAG R . 7.07 26.36 26.83
C8 NAG R . 5.66 26.58 27.30
N2 NAG R . 7.29 26.55 25.53
O3 NAG R . 9.24 28.66 25.41
O4 NAG R . 10.72 28.76 22.95
O5 NAG R . 9.85 25.23 23.21
O6 NAG R . 12.69 26.16 22.80
O7 NAG R . 7.96 26.02 27.61
C1 NAG R . 11.98 29.30 23.41
C2 NAG R . 12.11 30.72 22.85
C3 NAG R . 13.41 31.37 23.33
C4 NAG R . 13.51 31.31 24.84
C5 NAG R . 13.33 29.87 25.32
C6 NAG R . 13.31 29.74 26.83
C7 NAG R . 12.87 30.12 20.58
C8 NAG R . 12.59 30.26 19.12
N2 NAG R . 12.01 30.74 21.40
O3 NAG R . 13.45 32.72 22.89
O4 NAG R . 14.78 31.79 25.27
O5 NAG R . 12.08 29.34 24.84
O6 NAG R . 14.62 29.69 27.36
O7 NAG R . 13.83 29.47 20.99
C1 NAG S . -8.85 26.20 25.20
C2 NAG S . -8.06 26.65 26.44
C3 NAG S . -8.56 28.00 26.93
C4 NAG S . -8.54 29.02 25.80
C5 NAG S . -9.33 28.48 24.61
C6 NAG S . -9.26 29.40 23.41
C7 NAG S . -7.22 25.54 28.46
C8 NAG S . -7.46 24.46 29.47
N2 NAG S . -8.14 25.65 27.49
O3 NAG S . -7.74 28.44 28.01
O4 NAG S . -9.09 30.26 26.24
O5 NAG S . -8.79 27.22 24.20
O6 NAG S . -7.92 29.75 23.09
O7 NAG S . -6.24 26.27 28.50
C1 NAG S . -8.09 31.28 26.13
C2 NAG S . -8.61 32.57 26.77
C3 NAG S . -7.53 33.65 26.71
C4 NAG S . -6.22 33.16 27.30
C5 NAG S . -5.81 31.84 26.63
C6 NAG S . -4.58 31.24 27.27
C7 NAG S . -11.03 32.59 26.48
C8 NAG S . -12.20 33.15 25.71
N2 NAG S . -9.82 33.03 26.13
O3 NAG S . -7.98 34.80 27.42
O4 NAG S . -5.20 34.12 27.11
O5 NAG S . -6.86 30.88 26.77
O6 NAG S . -3.67 32.23 27.72
O7 NAG S . -11.20 31.76 27.38
C1 NAG T . 4.92 -0.91 26.74
C2 NAG T . 4.93 0.55 27.17
C3 NAG T . 5.77 0.72 28.43
C4 NAG T . 5.27 -0.21 29.53
C5 NAG T . 5.20 -1.66 29.02
C6 NAG T . 4.57 -2.59 30.01
C7 NAG T . 4.67 2.25 25.42
C8 NAG T . 3.23 2.30 25.80
N2 NAG T . 5.44 1.40 26.10
O3 NAG T . 5.69 2.07 28.86
O4 NAG T . 6.16 -0.15 30.65
O5 NAG T . 4.42 -1.73 27.81
O6 NAG T . 4.85 -3.95 29.68
O7 NAG T . 5.12 2.96 24.53
C1 NAG T . 5.65 0.70 31.70
C2 NAG T . 6.47 0.46 32.97
C3 NAG T . 6.00 1.37 34.10
C4 NAG T . 5.99 2.83 33.64
C5 NAG T . 5.18 2.96 32.35
C6 NAG T . 5.22 4.36 31.78
C7 NAG T . 7.47 -1.72 33.51
C8 NAG T . 8.79 -1.08 33.20
N2 NAG T . 6.40 -0.94 33.38
O3 NAG T . 6.86 1.22 35.22
O4 NAG T . 5.39 3.65 34.64
O5 NAG T . 5.71 2.09 31.34
O6 NAG T . 4.48 5.28 32.58
O7 NAG T . 7.38 -2.90 33.85
C1 BMA T . 6.37 4.48 35.30
C2 BMA T . 5.72 5.87 35.58
C3 BMA T . 6.55 6.72 36.54
C4 BMA T . 7.03 5.89 37.74
C5 BMA T . 7.75 4.65 37.24
C6 BMA T . 8.30 3.80 38.37
O2 BMA T . 4.44 5.73 36.17
O3 BMA T . 5.83 7.87 36.98
O4 BMA T . 7.93 6.65 38.54
O5 BMA T . 6.82 3.87 36.51
O6 BMA T . 9.13 2.78 37.80
C1 MAN T . 6.67 9.04 37.01
C2 MAN T . 5.90 10.16 37.78
C3 MAN T . 4.79 10.72 36.92
C4 MAN T . 5.33 11.16 35.57
C5 MAN T . 5.99 9.98 34.86
C6 MAN T . 6.61 10.37 33.55
O2 MAN T . 6.74 11.28 38.04
O3 MAN T . 4.13 11.80 37.56
O4 MAN T . 4.26 11.63 34.77
O5 MAN T . 7.04 9.46 35.69
O6 MAN T . 7.18 9.20 32.96
C1 MAN T . 7.62 11.00 39.15
C2 MAN T . 7.70 12.27 39.98
C3 MAN T . 8.23 13.36 39.08
C4 MAN T . 9.62 12.98 38.56
C5 MAN T . 9.54 11.63 37.84
C6 MAN T . 10.91 11.08 37.47
O2 MAN T . 8.68 12.12 41.01
O3 MAN T . 8.27 14.63 39.73
O4 MAN T . 10.08 13.96 37.65
O5 MAN T . 8.90 10.64 38.69
O6 MAN T . 11.52 10.62 38.67
C1 MAN T . 8.18 12.65 42.25
C2 MAN T . 9.26 13.61 42.81
C3 MAN T . 10.47 12.81 43.31
C4 MAN T . 10.04 11.69 44.26
C5 MAN T . 9.01 10.79 43.55
C6 MAN T . 8.49 9.67 44.43
O2 MAN T . 8.80 14.34 43.94
O3 MAN T . 11.43 13.65 43.95
O4 MAN T . 11.16 10.91 44.64
O5 MAN T . 7.88 11.60 43.16
O6 MAN T . 7.75 8.77 43.62
C1 NAG U . 2.28 8.18 -29.79
C2 NAG U . 3.35 8.58 -30.79
C3 NAG U . 3.34 7.64 -32.00
C4 NAG U . 3.38 6.18 -31.55
C5 NAG U . 2.33 5.90 -30.48
C6 NAG U . 2.45 4.53 -29.87
C7 NAG U . 4.18 10.85 -31.26
C8 NAG U . 3.82 12.22 -31.72
N2 NAG U . 3.19 9.96 -31.22
O3 NAG U . 4.45 7.93 -32.83
O4 NAG U . 3.11 5.36 -32.68
O5 NAG U . 2.46 6.84 -29.41
O6 NAG U . 3.39 4.53 -28.80
O7 NAG U . 5.32 10.55 -30.94
C1 NAG U . 4.09 4.33 -32.89
C2 NAG U . 3.42 3.20 -33.66
C3 NAG U . 4.42 2.09 -33.96
C4 NAG U . 5.66 2.66 -34.64
C5 NAG U . 6.23 3.81 -33.81
C6 NAG U . 7.39 4.50 -34.49
C7 NAG U . 1.01 2.90 -33.30
C8 NAG U . -0.05 2.29 -32.44
N2 NAG U . 2.28 2.67 -32.94
O3 NAG U . 3.81 1.12 -34.79
O4 NAG U . 6.63 1.63 -34.75
O5 NAG U . 5.22 4.80 -33.61
O6 NAG U . 7.03 5.82 -34.90
O7 NAG U . 0.73 3.60 -34.27
C1 BMA U . 6.93 1.34 -36.13
C2 BMA U . 8.16 0.44 -36.12
C3 BMA U . 8.45 -0.16 -37.51
C4 BMA U . 7.17 -0.59 -38.24
C5 BMA U . 6.07 0.46 -38.13
C6 BMA U . 4.77 0.01 -38.77
O2 BMA U . 7.96 -0.66 -35.24
O3 BMA U . 9.28 -1.28 -37.35
O4 BMA U . 7.47 -0.82 -39.61
O5 BMA U . 5.84 0.70 -36.75
O6 BMA U . 4.26 -1.09 -38.04
C1 MAN U . 10.49 -1.18 -38.14
C2 MAN U . 11.53 -0.33 -37.35
C3 MAN U . 12.72 0.00 -38.25
C4 MAN U . 12.68 -0.84 -39.54
C5 MAN U . 11.40 -0.49 -40.31
C6 MAN U . 11.14 -1.38 -41.52
O2 MAN U . 12.07 -1.04 -36.25
O3 MAN U . 13.96 -0.18 -37.57
O4 MAN U . 13.82 -0.60 -40.35
O5 MAN U . 10.23 -0.60 -39.43
O6 MAN U . 12.32 -1.35 -42.33
C1 MAN U . 2.97 -0.73 -37.51
C2 MAN U . 2.43 -1.95 -36.69
C3 MAN U . 0.90 -1.97 -36.74
C4 MAN U . 0.33 -0.56 -36.81
C5 MAN U . 0.74 0.07 -38.16
C6 MAN U . 0.71 1.59 -38.15
O2 MAN U . 2.78 -1.85 -35.32
O3 MAN U . 0.35 -2.67 -35.62
O4 MAN U . -1.08 -0.59 -36.71
O5 MAN U . 2.08 -0.36 -38.56
O6 MAN U . 0.87 2.04 -39.49
C1 NAG V . -3.56 11.19 -33.78
C2 NAG V . -3.77 12.11 -34.98
C3 NAG V . -4.75 11.47 -35.96
C4 NAG V . -4.31 10.06 -36.33
C5 NAG V . -4.02 9.24 -35.07
C6 NAG V . -3.42 7.88 -35.36
C7 NAG V . -3.77 14.56 -35.03
C8 NAG V . -4.39 15.81 -34.49
N2 NAG V . -4.26 13.41 -34.56
O3 NAG V . -4.84 12.27 -37.13
O4 NAG V . -5.37 9.43 -37.04
O5 NAG V . -3.09 9.93 -34.22
O6 NAG V . -3.08 7.20 -34.16
O7 NAG V . -2.85 14.59 -35.85
C1 NAG V . -4.91 8.86 -38.29
C2 NAG V . -6.15 8.35 -39.04
C3 NAG V . -5.74 7.73 -40.37
C4 NAG V . -4.91 8.71 -41.18
C5 NAG V . -3.73 9.21 -40.35
C6 NAG V . -2.92 10.28 -41.05
C7 NAG V . -6.45 6.24 -37.77
C8 NAG V . -7.41 5.43 -36.97
N2 NAG V . -6.92 7.40 -38.23
O3 NAG V . -6.91 7.37 -41.10
O4 NAG V . -4.42 8.07 -42.35
O5 NAG V . -4.20 9.79 -39.12
O6 NAG V . -2.05 9.72 -42.02
O7 NAG V . -5.30 5.86 -38.00
C1 NAG W . -13.10 23.70 -25.83
C2 NAG W . -12.51 24.08 -27.19
C3 NAG W . -13.54 24.84 -28.01
C4 NAG W . -14.84 24.04 -28.12
C5 NAG W . -15.32 23.62 -26.73
C6 NAG W . -16.50 22.68 -26.77
C7 NAG W . -10.34 24.95 -27.94
C8 NAG W . -9.17 25.82 -27.60
N2 NAG W . -11.31 24.89 -27.02
O3 NAG W . -13.02 25.08 -29.31
O4 NAG W . -15.83 24.84 -28.74
O5 NAG W . -14.28 22.93 -26.03
O6 NAG W . -16.29 21.63 -27.70
O7 NAG W . -10.40 24.32 -28.98
C1 NAG W . -16.43 24.16 -29.87
C2 NAG W . -17.56 25.04 -30.41
C3 NAG W . -18.23 24.34 -31.59
C4 NAG W . -17.20 23.96 -32.65
C5 NAG W . -16.06 23.16 -32.02
C6 NAG W . -14.94 22.85 -32.97
C7 NAG W . -18.57 26.50 -28.72
C8 NAG W . -19.64 26.64 -27.68
N2 NAG W . -18.54 25.33 -29.37
O3 NAG W . -19.20 25.23 -32.15
O4 NAG W . -17.82 23.15 -33.64
O5 NAG W . -15.49 23.89 -30.92
O6 NAG W . -14.69 21.46 -33.05
O7 NAG W . -17.77 27.40 -28.96
C1 BMA W . -18.14 23.94 -34.80
C2 BMA W . -18.25 22.98 -36.02
C3 BMA W . -18.81 23.71 -37.24
C4 BMA W . -20.08 24.51 -36.87
C5 BMA W . -19.79 25.44 -35.70
C6 BMA W . -21.00 26.25 -35.27
O2 BMA W . -19.15 21.91 -35.73
O3 BMA W . -19.09 22.81 -38.29
O4 BMA W . -20.50 25.26 -37.99
O5 BMA W . -19.36 24.64 -34.59
O6 BMA W . -21.63 26.75 -36.43
C1 NAG X . 15.50 16.62 -16.10
C2 NAG X . 14.14 17.01 -16.65
C3 NAG X . 14.34 17.89 -17.88
C4 NAG X . 15.39 18.98 -17.67
C5 NAG X . 16.56 18.56 -16.77
C6 NAG X . 17.31 19.75 -16.20
C7 NAG X . 12.04 15.73 -16.71
C8 NAG X . 11.42 16.90 -16.02
N2 NAG X . 13.35 15.83 -16.98
O3 NAG X . 13.10 18.47 -18.24
O4 NAG X . 15.98 19.25 -18.94
O5 NAG X . 16.16 17.75 -15.66
O6 NAG X . 16.40 20.74 -15.74
O7 NAG X . 11.40 14.73 -17.00
C1 NAG X . 15.45 20.38 -19.66
C2 NAG X . 16.60 20.91 -20.49
C3 NAG X . 16.14 22.08 -21.36
C4 NAG X . 14.93 21.66 -22.20
C5 NAG X . 13.84 21.12 -21.29
C6 NAG X . 12.65 20.58 -22.05
C7 NAG X . 18.87 20.65 -19.57
C8 NAG X . 18.97 19.41 -20.43
N2 NAG X . 17.72 21.32 -19.65
O3 NAG X . 17.21 22.48 -22.21
O4 NAG X . 14.44 22.78 -22.92
O5 NAG X . 14.36 20.03 -20.50
O6 NAG X . 13.05 19.91 -23.23
O7 NAG X . 19.79 21.01 -18.86
C1 BMA X . 14.75 22.63 -24.32
C2 BMA X . 13.66 23.37 -25.14
C3 BMA X . 14.02 23.39 -26.63
C4 BMA X . 15.48 23.85 -26.84
C5 BMA X . 16.42 22.99 -25.99
C6 BMA X . 17.87 23.40 -26.13
O2 BMA X . 13.55 24.72 -24.72
O3 BMA X . 13.11 24.23 -27.36
O4 BMA X . 15.83 23.72 -28.21
O5 BMA X . 16.04 23.14 -24.62
O6 BMA X . 18.04 24.67 -25.50
C1 MAN X . 12.67 23.55 -28.56
C2 MAN X . 11.63 24.46 -29.27
C3 MAN X . 10.35 24.49 -28.48
C4 MAN X . 9.82 23.08 -28.32
C5 MAN X . 10.84 22.24 -27.56
C6 MAN X . 10.43 20.80 -27.46
O2 MAN X . 11.24 23.89 -30.53
O3 MAN X . 9.38 25.30 -29.11
O4 MAN X . 8.60 23.11 -27.59
O5 MAN X . 12.10 22.26 -28.25
O6 MAN X . 9.03 20.75 -27.21
C1 MAN X . 12.14 24.29 -31.59
C2 MAN X . 11.32 24.35 -32.86
C3 MAN X . 10.75 22.97 -33.13
C4 MAN X . 11.89 21.93 -33.22
C5 MAN X . 12.74 21.98 -31.95
C6 MAN X . 13.98 21.12 -32.03
O2 MAN X . 12.14 24.64 -34.00
O3 MAN X . 9.96 22.95 -34.32
O4 MAN X . 11.35 20.64 -33.37
O5 MAN X . 13.18 23.34 -31.72
O6 MAN X . 14.95 21.82 -32.79
C1 MAN X . 12.54 26.03 -33.95
C2 MAN X . 12.25 26.64 -35.35
C3 MAN X . 13.22 26.08 -36.39
C4 MAN X . 14.67 26.22 -35.90
C5 MAN X . 14.83 25.52 -34.55
C6 MAN X . 16.22 25.65 -33.97
O2 MAN X . 12.45 28.05 -35.34
O3 MAN X . 13.06 26.72 -37.65
O4 MAN X . 15.56 25.64 -36.84
O5 MAN X . 13.91 26.12 -33.61
O6 MAN X . 16.41 26.99 -33.57
C1 NAG Y . -29.82 -19.79 -14.73
C2 NAG Y . -30.67 -19.49 -15.96
C3 NAG Y . -32.07 -19.04 -15.54
C4 NAG Y . -32.69 -20.06 -14.61
C5 NAG Y . -31.77 -20.33 -13.43
C6 NAG Y . -32.27 -21.42 -12.51
C7 NAG Y . -29.99 -18.56 -18.13
C8 NAG Y . -29.31 -17.44 -18.83
N2 NAG Y . -30.04 -18.48 -16.80
O3 NAG Y . -32.89 -18.87 -16.70
O4 NAG Y . -33.95 -19.59 -14.12
O5 NAG Y . -30.48 -20.76 -13.91
O6 NAG Y . -33.63 -21.20 -12.17
O7 NAG Y . -30.49 -19.51 -18.74
C1 NAG Z . -33.83 -9.25 -22.33
C2 NAG Z . -33.82 -10.60 -23.06
C3 NAG Z . -32.78 -10.58 -24.18
C4 NAG Z . -33.03 -9.39 -25.11
C5 NAG Z . -33.07 -8.10 -24.30
C6 NAG Z . -33.43 -6.90 -25.14
C7 NAG Z . -33.90 -12.96 -22.37
C8 NAG Z . -33.55 -13.95 -21.32
N2 NAG Z . -33.54 -11.69 -22.14
O3 NAG Z . -32.84 -11.80 -24.92
O4 NAG Z . -31.99 -9.31 -26.09
O5 NAG Z . -34.06 -8.21 -23.27
O6 NAG Z . -34.82 -6.63 -25.09
O7 NAG Z . -34.50 -13.29 -23.40
C1 NAG AA . -36.65 1.70 -14.58
C2 NAG AA . -37.71 2.34 -13.70
C3 NAG AA . -39.07 2.27 -14.38
C4 NAG AA . -38.99 2.89 -15.77
C5 NAG AA . -37.86 2.25 -16.58
C6 NAG AA . -37.66 2.90 -17.92
C7 NAG AA . -37.11 2.15 -11.33
C8 NAG AA . -37.28 1.37 -10.06
N2 NAG AA . -37.76 1.69 -12.40
O3 NAG AA . -40.03 2.97 -13.59
O4 NAG AA . -40.23 2.70 -16.45
O5 NAG AA . -36.63 2.35 -15.86
O6 NAG AA . -36.38 3.53 -17.99
O7 NAG AA . -36.42 3.17 -11.38
C1 NAG BA . -8.14 8.98 36.69
C2 NAG BA . -9.28 8.60 37.63
C3 NAG BA . -10.20 9.79 37.87
C4 NAG BA . -9.40 11.00 38.33
C5 NAG BA . -8.26 11.28 37.35
C6 NAG BA . -7.36 12.41 37.80
C7 NAG BA . -9.90 6.23 37.64
C8 NAG BA . -10.75 5.17 37.00
N2 NAG BA . -10.02 7.46 37.13
O3 NAG BA . -11.18 9.45 38.83
O4 NAG BA . -10.23 12.14 38.43
O5 NAG BA . -7.45 10.11 37.20
O6 NAG BA . -8.11 13.51 38.28
O7 NAG BA . -9.14 5.98 38.56
C1 NAG CA . -21.30 5.64 35.36
C2 NAG CA . -20.60 4.98 36.54
C3 NAG CA . -20.70 3.46 36.43
C4 NAG CA . -22.16 3.03 36.28
C5 NAG CA . -22.79 3.77 35.11
C6 NAG CA . -24.27 3.48 34.97
C7 NAG CA . -18.54 5.48 37.77
C8 NAG CA . -17.11 5.92 37.67
N2 NAG CA . -19.21 5.39 36.62
O3 NAG CA . -20.13 2.85 37.59
O4 NAG CA . -22.23 1.63 36.04
O5 NAG CA . -22.67 5.18 35.30
O6 NAG CA . -24.97 3.74 36.18
O7 NAG CA . -19.06 5.23 38.85
C1 NAG DA . -27.18 12.49 25.43
C2 NAG DA . -27.75 13.89 25.25
C3 NAG DA . -28.68 14.23 26.40
C4 NAG DA . -29.76 13.16 26.54
C5 NAG DA . -29.12 11.77 26.64
C6 NAG DA . -30.14 10.65 26.62
C7 NAG DA . -26.26 15.38 23.98
C8 NAG DA . -25.16 16.39 24.07
N2 NAG DA . -26.68 14.87 25.15
O3 NAG DA . -29.27 15.50 26.18
O4 NAG DA . -30.55 13.40 27.69
O5 NAG DA . -28.25 11.54 25.52
O6 NAG DA . -29.54 9.39 26.90
O7 NAG DA . -26.75 15.04 22.91
C1 NAG EA . 4.54 32.58 -20.28
C2 NAG EA . 4.52 34.01 -19.73
C3 NAG EA . 3.25 34.72 -20.18
C4 NAG EA . 3.10 34.65 -21.69
C5 NAG EA . 3.16 33.20 -22.16
C6 NAG EA . 3.12 33.05 -23.65
C7 NAG EA . 5.37 34.89 -17.62
C8 NAG EA . 5.37 34.76 -16.12
N2 NAG EA . 4.63 34.01 -18.29
O3 NAG EA . 3.30 36.09 -19.76
O4 NAG EA . 1.86 35.21 -22.10
O5 NAG EA . 4.40 32.61 -21.71
O6 NAG EA . 2.04 33.78 -24.22
O7 NAG EA . 6.03 35.76 -18.19
C1 NAG FA . -0.78 40.14 -10.00
C2 NAG FA . 0.51 40.87 -10.37
C3 NAG FA . 1.48 40.86 -9.19
C4 NAG FA . 0.81 41.41 -7.95
C5 NAG FA . -0.48 40.65 -7.66
C6 NAG FA . -1.27 41.22 -6.50
C7 NAG FA . 2.00 40.94 -12.32
C8 NAG FA . 2.54 40.17 -13.49
N2 NAG FA . 1.13 40.28 -11.55
O3 NAG FA . 2.63 41.62 -9.50
O4 NAG FA . 1.68 41.29 -6.82
O5 NAG FA . -1.34 40.72 -8.81
O6 NAG FA . -0.89 40.61 -5.27
O7 NAG FA . 2.34 42.09 -12.08
C1 NAG GA . -13.19 36.39 -7.08
C2 NAG GA . -14.67 36.61 -7.38
C3 NAG GA . -14.92 38.06 -7.76
C4 NAG GA . -14.38 38.98 -6.68
C5 NAG GA . -12.93 38.66 -6.38
C6 NAG GA . -12.38 39.46 -5.21
C7 NAG GA . -15.96 34.69 -8.23
C8 NAG GA . -16.41 34.49 -6.81
N2 NAG GA . -15.13 35.71 -8.44
O3 NAG GA . -16.32 38.26 -7.96
O4 NAG GA . -14.49 40.34 -7.10
O5 NAG GA . -12.78 37.28 -6.04
O6 NAG GA . -12.44 40.85 -5.45
O7 NAG GA . -16.32 33.95 -9.14
C1 NAG HA . 6.61 -36.45 -2.77
C2 NAG HA . 5.43 -36.21 -1.82
C3 NAG HA . 5.54 -37.11 -0.60
C4 NAG HA . 5.68 -38.56 -1.04
C5 NAG HA . 6.86 -38.71 -2.00
C6 NAG HA . 6.97 -40.11 -2.57
C7 NAG HA . 4.30 -34.04 -1.65
C8 NAG HA . 4.41 -32.63 -1.16
N2 NAG HA . 5.36 -34.81 -1.42
O3 NAG HA . 4.38 -36.95 0.20
O4 NAG HA . 5.92 -39.38 0.11
O5 NAG HA . 6.68 -37.83 -3.11
O6 NAG HA . 8.29 -40.38 -3.01
O7 NAG HA . 3.32 -34.45 -2.25
C1 NAG IA . -4.68 -29.68 -24.97
C2 NAG IA . -5.28 -31.07 -24.75
C3 NAG IA . -6.49 -31.28 -25.65
C4 NAG IA . -7.48 -30.15 -25.47
C5 NAG IA . -6.80 -28.80 -25.66
C6 NAG IA . -7.71 -27.62 -25.38
C7 NAG IA . -3.64 -32.35 -26.12
C8 NAG IA . -2.66 -33.47 -26.12
N2 NAG IA . -4.28 -32.12 -24.96
O3 NAG IA . -7.10 -32.53 -25.34
O4 NAG IA . -8.54 -30.27 -26.41
O5 NAG IA . -5.69 -28.68 -24.76
O6 NAG IA . -7.31 -26.48 -26.12
O7 NAG IA . -3.85 -31.66 -27.12
C1 NAG JA . 28.78 -4.96 22.62
C2 NAG JA . 28.28 -3.52 22.76
C3 NAG JA . 29.46 -2.54 22.77
C4 NAG JA . 30.46 -2.94 23.84
C5 NAG JA . 30.88 -4.40 23.65
C6 NAG JA . 31.79 -4.89 24.76
C7 NAG JA . 26.22 -2.50 21.91
C8 NAG JA . 25.38 -2.24 20.70
N2 NAG JA . 27.35 -3.18 21.70
O3 NAG JA . 28.99 -1.23 23.01
O4 NAG JA . 31.62 -2.11 23.76
O5 NAG JA . 29.72 -5.23 23.67
O6 NAG JA . 31.42 -4.37 26.01
O7 NAG JA . 25.88 -2.13 23.02
C1 NAG KA . 29.02 -1.48 -22.99
C2 NAG KA . 27.74 -0.99 -23.71
C3 NAG KA . 27.59 -1.69 -25.05
C4 NAG KA . 28.84 -1.54 -25.89
C5 NAG KA . 30.05 -2.05 -25.11
C6 NAG KA . 31.36 -1.85 -25.84
C7 NAG KA . 25.43 -0.54 -23.04
C8 NAG KA . 24.31 -0.90 -22.11
N2 NAG KA . 26.57 -1.22 -22.88
O3 NAG KA . 26.48 -1.14 -25.75
O4 NAG KA . 28.72 -2.30 -27.09
O5 NAG KA . 30.15 -1.34 -23.87
O6 NAG KA . 31.36 -0.62 -26.56
O7 NAG KA . 25.30 0.33 -23.90
#